data_8YY6
#
_entry.id   8YY6
#
_cell.length_a   1.00
_cell.length_b   1.00
_cell.length_c   1.00
_cell.angle_alpha   90.00
_cell.angle_beta   90.00
_cell.angle_gamma   90.00
#
_symmetry.space_group_name_H-M   'P 1'
#
loop_
_entity.id
_entity.type
_entity.pdbx_description
1 polymer 'Fab5 H chain'
2 polymer 'Fab5 L chain'
3 polymer BALF4
4 non-polymer 2-acetamido-2-deoxy-beta-D-glucopyranose
#
loop_
_entity_poly.entity_id
_entity_poly.type
_entity_poly.pdbx_seq_one_letter_code
_entity_poly.pdbx_strand_id
1 'polypeptide(L)'
;QVQLQQPGAELVRPGASVKLSCKASGFTFTSYWINWVKQRPGQGLEWIGNIFPSDSYTNYNQKFKDKATLTVDKSSSTAY
MLLSSPTSEDSAVYYCTRGGYRYDSDYWGQGTTLTVSSASTKGPSVFPLAPSSKSTSGGTAALGCLVKDYFPEPVTVSWN
SGALTSGVHTFPAVLQSSGLYSLSSVVTVPSSSLGTQTYICNVNHKPSNTKVDKRVGSHHHHHH
;
D,E,G
2 'polypeptide(L)'
;QIVLTQSPAIMSASPGEKVTMTCSASSSVTYMYWYQQKPGSSPRLLIYDTSNLASGVPVRFSGSGSGTSYSLTISRMEAE
DAATYYCQQWSSYPYTFGGGTKLEIKRTVAAPSVFIFPPSDEQLKSGTASVVCLLNNFYPREAKVQWKVDNALQSGNSQE
SVTEQDSKDSTYSLSSTLTLSKADYEKHKVYACEVTHQGLSSPVTKSFNRGEC
;
F,H,I
3 'polypeptide(L)'
;QTPEQPAPPATTVQPTATRQQTSFPFRVCELSSHGDLFRFSSDIQCPSFGTRENHTEGLLMVFKDNIIPYSFKVRSYTKI
VTNILIYNGHRADSVTNRHEEKFSVESYETDQMDTIYQCYNAVKMTKDGLTRVYVDRDGVNITVNLKPTGGLANGVRRYA
SQTELYDAPGRVEATYRTRTTVNCLITDMMAKSNSPFDFFVTTTGQTVEMSPFYDGKNTETFHERADSFHVRTNYKIVDY
DNRGTNPQGERRAFLDKGTYTLSWKLENRTAYCPLQHWQTFDSTIATETGKSIHFVTDEGTSSFVTNTTVGIELPDAFKC
IEEQVNKTMHEKYEAVQDRYTKGQEAITYFITSGGLLLAWLPLTPRSLATVKNLTELTTPTSSPPSSPSPPAPPAARGST
SAAVLRRRRRNAGNATTPVPPAAPGKSLGTLNNPATVQIQFAYDSLRRQINRMLGDLARAWCLEQKRQNMVLRELTKINP
TTVMSSIYGKAVAAKRLGDVISVSQCVPVNQATVTLRKSMRVPGSETMCYSRPLVSFSFINDTKTYEGQLGTDNEIFLTK
KMTEVCQATSQYYFQSGNEIHVYNDYHHFKTIELDGIATLQTFISLNTSLIENIDFASLELYSRDEQRASNVFDLEGIFR
EYNFQAQNIAGLRKDLDNAVSHHHHHH
;
A,B,C
#
# COMPACT_ATOMS: atom_id res chain seq x y z
N GLN A 3 -39.49 -58.15 -4.88
CA GLN A 3 -39.50 -59.10 -5.99
C GLN A 3 -39.01 -58.43 -7.26
N LEU A 4 -38.38 -59.23 -8.12
CA LEU A 4 -37.97 -58.78 -9.46
C LEU A 4 -38.04 -60.01 -10.37
N GLN A 5 -39.17 -60.17 -11.06
CA GLN A 5 -39.44 -61.32 -11.89
C GLN A 5 -39.34 -60.93 -13.37
N GLN A 6 -38.83 -61.84 -14.18
CA GLN A 6 -38.63 -61.62 -15.61
C GLN A 6 -39.18 -62.81 -16.38
N PRO A 7 -40.01 -62.59 -17.39
CA PRO A 7 -40.51 -63.70 -18.21
C PRO A 7 -39.56 -64.05 -19.35
N GLY A 8 -39.49 -65.34 -19.65
CA GLY A 8 -38.63 -65.82 -20.72
C GLY A 8 -39.36 -66.61 -21.78
N ALA A 9 -38.65 -67.57 -22.39
CA ALA A 9 -39.23 -68.46 -23.40
C ALA A 9 -39.79 -67.66 -24.58
N GLU A 10 -38.91 -66.97 -25.29
CA GLU A 10 -39.28 -66.14 -26.42
C GLU A 10 -38.45 -66.51 -27.64
N LEU A 11 -39.06 -66.34 -28.81
CA LEU A 11 -38.43 -66.64 -30.09
C LEU A 11 -38.22 -65.34 -30.84
N VAL A 12 -37.02 -65.15 -31.38
CA VAL A 12 -36.63 -63.91 -32.03
C VAL A 12 -36.51 -64.14 -33.53
N ARG A 13 -37.19 -63.30 -34.31
CA ARG A 13 -37.09 -63.31 -35.76
C ARG A 13 -36.09 -62.24 -36.17
N PRO A 14 -34.98 -62.57 -36.81
CA PRO A 14 -34.05 -61.53 -37.26
C PRO A 14 -34.73 -60.52 -38.15
N GLY A 15 -34.43 -59.24 -37.91
CA GLY A 15 -35.09 -58.15 -38.60
C GLY A 15 -36.35 -57.65 -37.92
N ALA A 16 -36.81 -58.32 -36.86
CA ALA A 16 -38.00 -57.93 -36.13
C ALA A 16 -37.60 -57.56 -34.70
N SER A 17 -37.97 -56.36 -34.27
CA SER A 17 -37.61 -55.90 -32.95
C SER A 17 -38.34 -56.69 -31.86
N VAL A 18 -37.66 -56.89 -30.74
CA VAL A 18 -38.20 -57.62 -29.59
C VAL A 18 -38.08 -56.73 -28.36
N LYS A 19 -39.03 -56.90 -27.44
CA LYS A 19 -39.07 -56.13 -26.20
C LYS A 19 -39.12 -57.08 -25.01
N LEU A 20 -38.37 -56.75 -23.97
CA LEU A 20 -38.33 -57.52 -22.74
C LEU A 20 -38.86 -56.69 -21.58
N SER A 21 -39.51 -57.36 -20.63
CA SER A 21 -40.15 -56.71 -19.50
C SER A 21 -39.56 -57.21 -18.20
N CYS A 22 -39.48 -56.32 -17.20
CA CYS A 22 -38.96 -56.65 -15.88
C CYS A 22 -39.88 -56.02 -14.85
N LYS A 23 -40.80 -56.82 -14.31
CA LYS A 23 -41.78 -56.30 -13.35
C LYS A 23 -41.10 -56.08 -12.01
N ALA A 24 -41.26 -54.88 -11.45
CA ALA A 24 -40.71 -54.53 -10.15
C ALA A 24 -41.84 -54.19 -9.20
N SER A 25 -41.77 -54.76 -7.99
CA SER A 25 -42.81 -54.55 -7.00
C SER A 25 -42.23 -54.76 -5.60
N GLY A 26 -42.94 -54.28 -4.60
CA GLY A 26 -42.54 -54.42 -3.22
C GLY A 26 -41.60 -53.34 -2.71
N PHE A 27 -41.30 -52.32 -3.50
CA PHE A 27 -40.41 -51.26 -3.08
C PHE A 27 -40.72 -50.00 -3.88
N THR A 28 -40.21 -48.87 -3.40
CA THR A 28 -40.43 -47.60 -4.07
C THR A 28 -39.65 -47.56 -5.38
N PHE A 29 -40.38 -47.48 -6.50
CA PHE A 29 -39.76 -47.56 -7.82
C PHE A 29 -38.98 -46.31 -8.20
N THR A 30 -39.18 -45.19 -7.51
CA THR A 30 -38.53 -43.93 -7.85
C THR A 30 -37.37 -43.60 -6.92
N SER A 31 -36.63 -44.62 -6.48
CA SER A 31 -35.48 -44.38 -5.61
C SER A 31 -34.27 -45.26 -5.96
N TYR A 32 -34.32 -45.98 -7.08
CA TYR A 32 -33.23 -46.86 -7.49
C TYR A 32 -33.08 -46.77 -9.00
N TRP A 33 -32.32 -47.69 -9.57
CA TRP A 33 -32.14 -47.76 -11.02
C TRP A 33 -32.31 -49.20 -11.47
N ILE A 34 -32.61 -49.37 -12.75
CA ILE A 34 -32.67 -50.68 -13.40
C ILE A 34 -31.48 -50.79 -14.33
N ASN A 35 -30.68 -51.84 -14.15
CA ASN A 35 -29.53 -52.13 -15.00
C ASN A 35 -29.77 -53.42 -15.75
N TRP A 36 -29.49 -53.42 -17.05
CA TRP A 36 -29.66 -54.60 -17.89
C TRP A 36 -28.29 -55.14 -18.26
N VAL A 37 -28.11 -56.45 -18.07
CA VAL A 37 -26.83 -57.11 -18.33
C VAL A 37 -27.08 -58.31 -19.25
N LYS A 38 -26.19 -58.48 -20.22
CA LYS A 38 -26.27 -59.59 -21.17
C LYS A 38 -25.21 -60.62 -20.81
N GLN A 39 -25.64 -61.87 -20.63
CA GLN A 39 -24.76 -62.97 -20.24
C GLN A 39 -24.71 -63.98 -21.39
N ARG A 40 -23.65 -63.89 -22.19
CA ARG A 40 -23.43 -64.89 -23.23
C ARG A 40 -23.05 -66.21 -22.58
N PRO A 41 -23.69 -67.32 -22.96
CA PRO A 41 -23.34 -68.61 -22.36
C PRO A 41 -21.87 -68.95 -22.59
N GLY A 42 -21.23 -69.47 -21.53
CA GLY A 42 -19.82 -69.79 -21.60
C GLY A 42 -18.88 -68.62 -21.57
N GLN A 43 -19.39 -67.40 -21.33
CA GLN A 43 -18.58 -66.20 -21.32
C GLN A 43 -18.96 -65.34 -20.12
N GLY A 44 -18.18 -64.30 -19.88
CA GLY A 44 -18.42 -63.41 -18.77
C GLY A 44 -19.59 -62.49 -19.01
N LEU A 45 -20.04 -61.87 -17.92
CA LEU A 45 -21.17 -60.96 -17.98
C LEU A 45 -20.78 -59.65 -18.66
N GLU A 46 -21.78 -58.96 -19.21
CA GLU A 46 -21.56 -57.70 -19.90
C GLU A 46 -22.65 -56.71 -19.53
N TRP A 47 -22.26 -55.45 -19.36
CA TRP A 47 -23.19 -54.39 -18.99
C TRP A 47 -23.71 -53.69 -20.22
N ILE A 48 -24.98 -53.28 -20.18
CA ILE A 48 -25.65 -52.61 -21.29
C ILE A 48 -25.94 -51.15 -20.95
N GLY A 49 -26.78 -50.90 -19.95
CA GLY A 49 -27.15 -49.51 -19.61
C GLY A 49 -27.88 -49.42 -18.28
N ASN A 50 -28.40 -48.24 -17.94
CA ASN A 50 -29.06 -48.06 -16.61
C ASN A 50 -30.08 -46.92 -16.67
N ILE A 51 -31.34 -47.23 -16.97
CA ILE A 51 -32.41 -46.19 -16.99
C ILE A 51 -32.72 -45.76 -15.55
N PHE A 52 -32.84 -44.46 -15.32
CA PHE A 52 -33.19 -43.96 -13.97
C PHE A 52 -34.69 -43.65 -13.92
N PRO A 53 -35.52 -44.41 -13.17
CA PRO A 53 -36.93 -44.08 -13.04
C PRO A 53 -37.03 -42.71 -12.38
N SER A 54 -38.24 -42.16 -12.26
CA SER A 54 -38.42 -40.79 -11.72
C SER A 54 -37.61 -39.81 -12.60
N ASP A 55 -36.90 -40.34 -13.59
CA ASP A 55 -36.07 -39.49 -14.49
C ASP A 55 -35.95 -40.20 -15.84
N SER A 56 -35.01 -39.75 -16.69
CA SER A 56 -34.78 -40.41 -18.01
C SER A 56 -33.28 -40.49 -18.29
N TYR A 57 -32.47 -40.73 -17.24
CA TYR A 57 -31.00 -40.79 -17.42
C TYR A 57 -30.60 -42.17 -17.93
N THR A 58 -30.99 -42.50 -19.16
CA THR A 58 -30.64 -43.82 -19.75
C THR A 58 -29.19 -43.78 -20.26
N ASN A 59 -28.23 -44.04 -19.37
CA ASN A 59 -26.80 -44.07 -19.78
C ASN A 59 -26.53 -45.39 -20.49
N TYR A 60 -26.08 -45.35 -21.75
CA TYR A 60 -25.89 -46.60 -22.53
C TYR A 60 -24.40 -46.95 -22.61
N ASN A 61 -24.09 -48.15 -23.07
CA ASN A 61 -22.68 -48.61 -23.19
C ASN A 61 -21.96 -47.78 -24.25
N GLN A 62 -20.66 -48.01 -24.44
CA GLN A 62 -19.87 -47.27 -25.42
C GLN A 62 -20.09 -47.76 -26.84
N LYS A 63 -20.71 -48.92 -27.03
CA LYS A 63 -20.92 -49.47 -28.37
C LYS A 63 -22.31 -50.03 -28.60
N PHE A 64 -23.20 -50.00 -27.61
CA PHE A 64 -24.53 -50.58 -27.73
C PHE A 64 -25.59 -49.53 -28.07
N LYS A 65 -25.18 -48.37 -28.59
CA LYS A 65 -26.16 -47.33 -28.93
C LYS A 65 -27.11 -47.80 -30.02
N ASP A 66 -26.59 -48.49 -31.02
CA ASP A 66 -27.39 -48.92 -32.17
C ASP A 66 -28.14 -50.22 -31.94
N LYS A 67 -28.11 -50.76 -30.72
CA LYS A 67 -28.72 -52.06 -30.46
C LYS A 67 -29.64 -52.08 -29.24
N ALA A 68 -29.76 -50.97 -28.53
CA ALA A 68 -30.54 -51.03 -27.28
C ALA A 68 -31.52 -49.85 -27.14
N THR A 69 -32.58 -50.05 -26.36
CA THR A 69 -33.57 -48.95 -26.12
C THR A 69 -34.25 -49.22 -24.79
N LEU A 70 -34.06 -48.33 -23.81
CA LEU A 70 -34.64 -48.53 -22.47
C LEU A 70 -35.89 -47.66 -22.32
N THR A 71 -36.81 -48.04 -21.45
CA THR A 71 -38.05 -47.25 -21.22
C THR A 71 -38.71 -47.72 -19.92
N VAL A 72 -39.63 -46.92 -19.38
CA VAL A 72 -40.25 -47.28 -18.07
C VAL A 72 -41.69 -46.78 -18.02
N ASP A 73 -42.55 -47.48 -17.27
CA ASP A 73 -43.95 -47.02 -17.10
C ASP A 73 -44.16 -46.73 -15.61
N LYS A 74 -43.84 -45.51 -15.17
CA LYS A 74 -43.93 -45.19 -13.72
C LYS A 74 -45.25 -45.74 -13.18
N SER A 75 -46.33 -45.63 -13.95
CA SER A 75 -47.66 -46.08 -13.47
C SER A 75 -47.66 -47.60 -13.29
N SER A 76 -47.11 -48.34 -14.26
CA SER A 76 -47.15 -49.82 -14.19
C SER A 76 -45.88 -50.36 -13.51
N SER A 77 -45.02 -49.47 -12.99
CA SER A 77 -43.82 -49.93 -12.26
C SER A 77 -43.13 -51.05 -13.04
N THR A 78 -42.87 -50.83 -14.34
CA THR A 78 -42.24 -51.86 -15.18
C THR A 78 -41.17 -51.22 -16.06
N ALA A 79 -40.12 -51.99 -16.42
CA ALA A 79 -39.07 -51.47 -17.32
C ALA A 79 -39.01 -52.35 -18.57
N TYR A 80 -38.50 -51.81 -19.68
CA TYR A 80 -38.52 -52.60 -20.94
C TYR A 80 -37.21 -52.45 -21.70
N MET A 81 -36.80 -53.50 -22.40
CA MET A 81 -35.57 -53.44 -23.21
C MET A 81 -35.94 -53.70 -24.67
N LEU A 82 -35.72 -52.71 -25.54
CA LEU A 82 -36.04 -52.86 -26.95
C LEU A 82 -34.76 -53.12 -27.74
N LEU A 83 -34.76 -54.20 -28.52
CA LEU A 83 -33.64 -54.57 -29.35
C LEU A 83 -33.97 -54.28 -30.81
N SER A 84 -33.08 -53.56 -31.49
CA SER A 84 -33.30 -53.13 -32.86
C SER A 84 -32.50 -54.02 -33.82
N SER A 85 -33.19 -54.62 -34.78
CA SER A 85 -32.59 -55.48 -35.80
C SER A 85 -31.75 -56.59 -35.17
N PRO A 86 -32.37 -57.54 -34.47
CA PRO A 86 -31.58 -58.61 -33.85
C PRO A 86 -30.97 -59.53 -34.88
N THR A 87 -29.86 -60.17 -34.50
CA THR A 87 -29.15 -61.13 -35.33
C THR A 87 -29.15 -62.49 -34.64
N SER A 88 -28.45 -63.45 -35.24
CA SER A 88 -28.39 -64.81 -34.72
C SER A 88 -27.23 -65.05 -33.77
N GLU A 89 -26.33 -64.07 -33.62
CA GLU A 89 -25.15 -64.23 -32.77
C GLU A 89 -25.37 -63.74 -31.34
N ASP A 90 -26.55 -63.19 -31.03
CA ASP A 90 -26.83 -62.60 -29.74
C ASP A 90 -27.72 -63.47 -28.85
N SER A 91 -27.72 -64.78 -29.08
CA SER A 91 -28.46 -65.71 -28.22
C SER A 91 -27.82 -65.74 -26.84
N ALA A 92 -28.49 -65.19 -25.84
CA ALA A 92 -27.96 -65.10 -24.49
C ALA A 92 -29.11 -64.94 -23.52
N VAL A 93 -28.78 -64.69 -22.25
CA VAL A 93 -29.76 -64.48 -21.19
C VAL A 93 -29.55 -63.08 -20.62
N TYR A 94 -30.66 -62.38 -20.39
CA TYR A 94 -30.63 -60.99 -19.96
C TYR A 94 -31.22 -60.87 -18.57
N TYR A 95 -30.48 -60.22 -17.66
CA TYR A 95 -30.93 -59.97 -16.31
C TYR A 95 -31.18 -58.48 -16.09
N CYS A 96 -32.17 -58.17 -15.27
CA CYS A 96 -32.43 -56.80 -14.83
C CYS A 96 -32.10 -56.69 -13.36
N THR A 97 -31.22 -55.76 -13.01
CA THR A 97 -30.73 -55.60 -11.65
C THR A 97 -31.09 -54.22 -11.12
N ARG A 98 -31.20 -54.13 -9.80
CA ARG A 98 -31.53 -52.88 -9.13
C ARG A 98 -30.28 -52.30 -8.47
N GLY A 99 -30.02 -51.03 -8.73
CA GLY A 99 -28.90 -50.34 -8.14
C GLY A 99 -29.31 -49.47 -6.96
N GLY A 100 -28.32 -48.79 -6.39
CA GLY A 100 -28.56 -47.91 -5.27
C GLY A 100 -27.33 -47.66 -4.42
N TYR A 101 -27.19 -46.42 -3.93
CA TYR A 101 -26.06 -46.04 -3.11
C TYR A 101 -26.15 -46.54 -1.68
N ARG A 102 -27.13 -47.39 -1.37
CA ARG A 102 -27.33 -47.91 -0.03
C ARG A 102 -26.88 -49.36 0.03
N TYR A 103 -26.25 -49.72 1.16
CA TYR A 103 -25.74 -51.07 1.35
C TYR A 103 -26.83 -52.12 1.48
N ASP A 104 -28.10 -51.68 1.61
CA ASP A 104 -29.19 -52.59 1.95
C ASP A 104 -29.23 -53.80 1.01
N SER A 105 -29.43 -53.57 -0.28
CA SER A 105 -29.52 -54.68 -1.22
C SER A 105 -29.41 -54.18 -2.64
N ASP A 106 -29.09 -55.11 -3.54
CA ASP A 106 -29.16 -54.90 -4.99
C ASP A 106 -29.67 -56.22 -5.57
N TYR A 107 -30.98 -56.32 -5.73
CA TYR A 107 -31.63 -57.59 -6.03
C TYR A 107 -31.46 -57.90 -7.52
N TRP A 108 -30.73 -58.97 -7.82
CA TRP A 108 -30.57 -59.40 -9.20
C TRP A 108 -31.84 -60.08 -9.71
N GLY A 109 -32.14 -59.88 -10.98
CA GLY A 109 -33.30 -60.49 -11.58
C GLY A 109 -33.09 -61.97 -11.84
N GLN A 110 -34.10 -62.57 -12.46
CA GLN A 110 -34.07 -64.00 -12.76
C GLN A 110 -33.33 -64.30 -14.06
N GLY A 111 -33.69 -63.60 -15.14
CA GLY A 111 -33.01 -63.84 -16.41
C GLY A 111 -33.96 -64.40 -17.45
N THR A 112 -33.98 -63.74 -18.60
CA THR A 112 -34.83 -64.14 -19.72
C THR A 112 -33.94 -64.72 -20.82
N THR A 113 -34.22 -65.96 -21.21
CA THR A 113 -33.48 -66.60 -22.28
C THR A 113 -33.99 -66.12 -23.64
N LEU A 114 -33.06 -65.88 -24.56
CA LEU A 114 -33.38 -65.39 -25.89
C LEU A 114 -33.00 -66.45 -26.91
N THR A 115 -33.96 -66.84 -27.74
CA THR A 115 -33.77 -67.85 -28.76
C THR A 115 -33.99 -67.23 -30.13
N VAL A 116 -32.93 -67.12 -30.92
CA VAL A 116 -32.99 -66.63 -32.29
C VAL A 116 -32.42 -67.70 -33.21
N SER A 117 -33.14 -68.02 -34.28
CA SER A 117 -32.74 -69.08 -35.20
C SER A 117 -33.43 -68.82 -36.54
N SER A 118 -33.42 -69.83 -37.40
CA SER A 118 -34.08 -69.74 -38.70
C SER A 118 -35.59 -69.68 -38.55
N GLN B 1 -13.30 -46.23 -19.02
CA GLN B 1 -13.01 -47.50 -19.67
C GLN B 1 -11.82 -48.18 -19.01
N ILE B 2 -12.11 -49.03 -18.02
CA ILE B 2 -11.09 -49.77 -17.29
C ILE B 2 -11.34 -51.26 -17.49
N VAL B 3 -10.29 -51.99 -17.90
CA VAL B 3 -10.38 -53.42 -18.17
C VAL B 3 -9.80 -54.16 -16.97
N LEU B 4 -10.53 -55.17 -16.49
CA LEU B 4 -10.13 -55.95 -15.34
C LEU B 4 -9.49 -57.26 -15.81
N THR B 5 -8.36 -57.61 -15.22
CA THR B 5 -7.63 -58.83 -15.55
C THR B 5 -7.63 -59.77 -14.36
N GLN B 6 -8.07 -61.01 -14.59
CA GLN B 6 -8.09 -62.04 -13.55
C GLN B 6 -7.08 -63.12 -13.94
N SER B 7 -5.88 -63.04 -13.35
CA SER B 7 -4.82 -63.97 -13.69
C SER B 7 -5.18 -65.43 -13.41
N PRO B 8 -5.74 -65.79 -12.25
CA PRO B 8 -6.07 -67.21 -12.03
C PRO B 8 -7.20 -67.66 -12.94
N ALA B 9 -7.03 -68.83 -13.54
CA ALA B 9 -8.05 -69.39 -14.43
C ALA B 9 -8.60 -70.71 -13.93
N ILE B 10 -7.74 -71.68 -13.63
CA ILE B 10 -8.16 -73.01 -13.19
C ILE B 10 -7.56 -73.27 -11.82
N MET B 11 -8.39 -73.62 -10.86
CA MET B 11 -7.93 -73.94 -9.51
C MET B 11 -7.57 -75.42 -9.37
N SER B 12 -8.55 -76.30 -9.59
CA SER B 12 -8.37 -77.75 -9.44
C SER B 12 -7.80 -78.09 -8.07
N ALA B 13 -8.26 -77.37 -7.06
CA ALA B 13 -7.74 -77.53 -5.70
C ALA B 13 -8.56 -78.54 -4.92
N SER B 14 -7.92 -79.13 -3.92
CA SER B 14 -8.54 -80.07 -3.01
C SER B 14 -8.80 -79.40 -1.67
N PRO B 15 -9.77 -79.91 -0.90
CA PRO B 15 -9.97 -79.35 0.45
C PRO B 15 -8.72 -79.49 1.30
N GLY B 16 -8.44 -78.47 2.10
CA GLY B 16 -7.28 -78.50 2.96
C GLY B 16 -6.35 -77.32 2.80
N GLU B 17 -6.33 -76.71 1.61
CA GLU B 17 -5.41 -75.62 1.30
C GLU B 17 -6.18 -74.35 1.00
N LYS B 18 -5.58 -73.22 1.39
CA LYS B 18 -6.13 -71.91 1.07
C LYS B 18 -6.01 -71.64 -0.43
N VAL B 19 -6.98 -70.92 -0.96
CA VAL B 19 -6.98 -70.50 -2.36
C VAL B 19 -7.21 -69.00 -2.42
N THR B 20 -6.41 -68.32 -3.24
CA THR B 20 -6.51 -66.87 -3.40
C THR B 20 -6.54 -66.52 -4.88
N MET B 21 -7.48 -65.64 -5.24
CA MET B 21 -7.60 -65.14 -6.60
C MET B 21 -7.53 -63.63 -6.58
N THR B 22 -6.71 -63.06 -7.45
CA THR B 22 -6.49 -61.62 -7.49
C THR B 22 -7.03 -61.03 -8.79
N CYS B 23 -7.60 -59.84 -8.68
CA CYS B 23 -8.12 -59.09 -9.82
C CYS B 23 -7.28 -57.84 -10.02
N SER B 24 -6.77 -57.66 -11.23
CA SER B 24 -5.92 -56.53 -11.57
C SER B 24 -6.62 -55.61 -12.54
N ALA B 25 -6.53 -54.30 -12.28
CA ALA B 25 -7.19 -53.29 -13.08
C ALA B 25 -6.14 -52.46 -13.82
N SER B 26 -6.49 -52.06 -15.06
CA SER B 26 -5.58 -51.25 -15.86
C SER B 26 -5.39 -49.86 -15.28
N SER B 27 -6.31 -49.38 -14.46
CA SER B 27 -6.22 -48.05 -13.86
C SER B 27 -6.73 -48.12 -12.42
N SER B 28 -6.56 -47.01 -11.71
CA SER B 28 -6.98 -46.95 -10.31
C SER B 28 -8.51 -46.99 -10.21
N VAL B 29 -8.99 -47.73 -9.20
CA VAL B 29 -10.41 -47.86 -8.96
C VAL B 29 -10.67 -47.62 -7.47
N THR B 30 -11.85 -47.05 -7.17
CA THR B 30 -12.17 -46.69 -5.80
C THR B 30 -12.48 -47.91 -4.95
N TYR B 31 -13.23 -48.87 -5.49
CA TYR B 31 -13.61 -50.06 -4.75
C TYR B 31 -13.64 -51.24 -5.70
N MET B 32 -14.20 -52.37 -5.23
CA MET B 32 -14.31 -53.57 -6.03
C MET B 32 -15.35 -54.48 -5.39
N TYR B 33 -16.09 -55.18 -6.24
CA TYR B 33 -17.15 -56.08 -5.80
C TYR B 33 -16.86 -57.49 -6.31
N TRP B 34 -17.29 -58.48 -5.54
CA TRP B 34 -17.06 -59.89 -5.88
C TRP B 34 -18.40 -60.60 -6.01
N TYR B 35 -18.61 -61.28 -7.12
CA TYR B 35 -19.82 -62.02 -7.40
C TYR B 35 -19.50 -63.49 -7.58
N GLN B 36 -20.32 -64.35 -6.99
CA GLN B 36 -20.20 -65.80 -7.15
C GLN B 36 -21.42 -66.30 -7.92
N GLN B 37 -21.18 -67.00 -9.01
CA GLN B 37 -22.24 -67.47 -9.90
C GLN B 37 -22.12 -68.97 -10.08
N LYS B 38 -23.03 -69.71 -9.45
CA LYS B 38 -23.11 -71.14 -9.73
C LYS B 38 -23.77 -71.36 -11.08
N PRO B 39 -23.49 -72.49 -11.73
CA PRO B 39 -24.09 -72.76 -13.04
C PRO B 39 -25.61 -72.82 -12.95
N GLY B 40 -26.28 -72.27 -13.96
CA GLY B 40 -27.73 -72.27 -14.00
C GLY B 40 -28.40 -71.49 -12.89
N SER B 41 -27.83 -70.35 -12.52
CA SER B 41 -28.42 -69.52 -11.48
C SER B 41 -27.87 -68.09 -11.61
N SER B 42 -28.58 -67.15 -11.01
CA SER B 42 -28.17 -65.76 -11.01
C SER B 42 -27.01 -65.54 -10.04
N PRO B 43 -26.11 -64.62 -10.35
CA PRO B 43 -24.99 -64.34 -9.45
C PRO B 43 -25.46 -63.71 -8.14
N ARG B 44 -24.63 -63.85 -7.13
CA ARG B 44 -24.90 -63.30 -5.80
C ARG B 44 -23.72 -62.45 -5.35
N LEU B 45 -24.01 -61.45 -4.53
CA LEU B 45 -22.98 -60.54 -4.03
C LEU B 45 -22.37 -61.11 -2.75
N LEU B 46 -21.04 -61.09 -2.67
CA LEU B 46 -20.32 -61.60 -1.52
C LEU B 46 -19.59 -60.48 -0.77
N ILE B 47 -18.73 -59.73 -1.45
CA ILE B 47 -17.91 -58.70 -0.84
C ILE B 47 -18.16 -57.38 -1.56
N TYR B 48 -18.40 -56.33 -0.78
CA TYR B 48 -18.54 -54.98 -1.31
C TYR B 48 -17.58 -54.06 -0.58
N ASP B 49 -17.06 -53.07 -1.31
CA ASP B 49 -16.08 -52.11 -0.81
C ASP B 49 -14.77 -52.78 -0.40
N THR B 50 -14.51 -53.99 -0.92
CA THR B 50 -13.24 -54.70 -0.81
C THR B 50 -12.93 -55.15 0.61
N SER B 51 -13.77 -54.79 1.59
CA SER B 51 -13.48 -55.14 2.97
C SER B 51 -14.69 -55.56 3.78
N ASN B 52 -15.90 -55.50 3.22
CA ASN B 52 -17.11 -55.77 3.98
C ASN B 52 -17.69 -57.13 3.58
N LEU B 53 -18.74 -57.53 4.30
CA LEU B 53 -19.40 -58.81 4.09
C LEU B 53 -20.86 -58.56 3.76
N ALA B 54 -21.38 -59.31 2.78
CA ALA B 54 -22.78 -59.20 2.41
C ALA B 54 -23.66 -59.94 3.42
N SER B 55 -24.96 -59.97 3.15
CA SER B 55 -25.92 -60.61 4.04
C SER B 55 -26.01 -62.10 3.73
N GLY B 56 -25.82 -62.93 4.74
CA GLY B 56 -25.87 -64.37 4.60
C GLY B 56 -24.56 -65.03 4.24
N VAL B 57 -23.54 -64.24 3.88
CA VAL B 57 -22.23 -64.80 3.55
C VAL B 57 -21.51 -65.16 4.85
N PRO B 58 -20.99 -66.38 4.98
CA PRO B 58 -20.34 -66.78 6.23
C PRO B 58 -19.02 -66.06 6.43
N VAL B 59 -18.46 -66.25 7.63
CA VAL B 59 -17.27 -65.52 8.05
C VAL B 59 -16.06 -65.88 7.21
N ARG B 60 -16.08 -67.07 6.59
CA ARG B 60 -14.92 -67.55 5.84
C ARG B 60 -14.51 -66.57 4.74
N PHE B 61 -15.47 -66.10 3.96
CA PHE B 61 -15.15 -65.27 2.81
C PHE B 61 -14.66 -63.90 3.27
N SER B 62 -13.53 -63.47 2.72
CA SER B 62 -12.94 -62.18 3.06
C SER B 62 -11.98 -61.77 1.96
N GLY B 63 -11.64 -60.48 1.95
CA GLY B 63 -10.72 -59.97 0.96
C GLY B 63 -10.26 -58.58 1.35
N SER B 64 -9.25 -58.10 0.62
CA SER B 64 -8.69 -56.78 0.87
C SER B 64 -7.86 -56.39 -0.34
N GLY B 65 -7.34 -55.17 -0.31
CA GLY B 65 -6.53 -54.65 -1.38
C GLY B 65 -6.62 -53.13 -1.42
N SER B 66 -5.84 -52.55 -2.33
CA SER B 66 -5.82 -51.10 -2.51
C SER B 66 -5.28 -50.78 -3.89
N GLY B 67 -5.54 -49.55 -4.32
CA GLY B 67 -5.09 -49.10 -5.63
C GLY B 67 -5.69 -49.89 -6.77
N THR B 68 -4.86 -50.66 -7.47
CA THR B 68 -5.30 -51.51 -8.57
C THR B 68 -5.03 -52.98 -8.31
N SER B 69 -4.81 -53.36 -7.05
CA SER B 69 -4.54 -54.74 -6.68
C SER B 69 -5.50 -55.15 -5.58
N TYR B 70 -6.31 -56.17 -5.84
CA TYR B 70 -7.25 -56.70 -4.86
C TYR B 70 -7.32 -58.21 -5.01
N SER B 71 -7.73 -58.88 -3.94
CA SER B 71 -7.83 -60.33 -3.94
C SER B 71 -8.79 -60.77 -2.85
N LEU B 72 -9.27 -62.00 -2.98
CA LEU B 72 -10.18 -62.60 -2.02
C LEU B 72 -9.59 -63.93 -1.56
N THR B 73 -9.73 -64.20 -0.27
CA THR B 73 -9.20 -65.42 0.33
C THR B 73 -10.27 -66.10 1.18
N ILE B 74 -10.20 -67.43 1.25
CA ILE B 74 -11.13 -68.23 2.04
C ILE B 74 -10.32 -69.18 2.91
N SER B 75 -10.98 -69.70 3.95
CA SER B 75 -10.31 -70.52 4.95
C SER B 75 -10.64 -72.00 4.80
N ARG B 76 -11.91 -72.39 4.91
CA ARG B 76 -12.33 -73.79 4.92
C ARG B 76 -13.19 -74.05 3.69
N MET B 77 -12.58 -74.58 2.63
CA MET B 77 -13.27 -74.80 1.37
C MET B 77 -13.97 -76.15 1.39
N GLU B 78 -15.24 -76.16 0.99
CA GLU B 78 -16.03 -77.38 0.87
C GLU B 78 -16.35 -77.64 -0.60
N ALA B 79 -17.16 -78.67 -0.85
CA ALA B 79 -17.53 -79.01 -2.22
C ALA B 79 -18.38 -77.93 -2.86
N GLU B 80 -19.28 -77.30 -2.08
CA GLU B 80 -20.19 -76.32 -2.63
C GLU B 80 -19.53 -74.98 -2.94
N ASP B 81 -18.27 -74.78 -2.56
CA ASP B 81 -17.53 -73.56 -2.88
C ASP B 81 -16.80 -73.65 -4.22
N ALA B 82 -17.28 -74.47 -5.14
CA ALA B 82 -16.70 -74.61 -6.47
C ALA B 82 -17.65 -73.94 -7.46
N ALA B 83 -17.34 -72.70 -7.82
CA ALA B 83 -18.15 -71.93 -8.75
C ALA B 83 -17.27 -70.87 -9.41
N THR B 84 -17.90 -69.95 -10.12
CA THR B 84 -17.20 -68.89 -10.82
C THR B 84 -17.25 -67.60 -10.00
N TYR B 85 -16.14 -66.85 -10.03
CA TYR B 85 -16.03 -65.62 -9.26
C TYR B 85 -15.61 -64.49 -10.18
N TYR B 86 -16.33 -63.37 -10.10
CA TYR B 86 -16.09 -62.21 -10.96
C TYR B 86 -15.81 -60.99 -10.11
N CYS B 87 -14.94 -60.12 -10.62
CA CYS B 87 -14.66 -58.82 -10.02
C CYS B 87 -15.24 -57.74 -10.91
N GLN B 88 -16.03 -56.84 -10.31
CA GLN B 88 -16.69 -55.78 -11.05
C GLN B 88 -16.34 -54.42 -10.45
N GLN B 89 -16.07 -53.46 -11.32
CA GLN B 89 -15.78 -52.10 -10.90
C GLN B 89 -17.04 -51.24 -10.98
N TRP B 90 -16.95 -50.07 -10.36
CA TRP B 90 -18.10 -49.17 -10.25
C TRP B 90 -17.79 -47.71 -10.56
N SER B 91 -16.54 -47.25 -10.38
CA SER B 91 -16.24 -45.83 -10.49
C SER B 91 -16.45 -45.32 -11.92
N SER B 92 -15.86 -46.00 -12.90
CA SER B 92 -16.06 -45.60 -14.29
C SER B 92 -17.46 -46.02 -14.74
N TYR B 93 -18.08 -45.18 -15.56
CA TYR B 93 -19.47 -45.42 -15.95
C TYR B 93 -19.67 -46.75 -16.67
N PRO B 94 -18.84 -47.17 -17.63
CA PRO B 94 -18.99 -48.54 -18.15
C PRO B 94 -18.66 -49.57 -17.08
N TYR B 95 -19.68 -50.29 -16.60
CA TYR B 95 -19.51 -51.25 -15.51
C TYR B 95 -18.81 -52.49 -16.06
N THR B 96 -17.51 -52.38 -16.26
CA THR B 96 -16.74 -53.47 -16.83
C THR B 96 -16.56 -54.59 -15.81
N PHE B 97 -16.81 -55.82 -16.23
CA PHE B 97 -16.64 -56.99 -15.38
C PHE B 97 -15.23 -57.56 -15.56
N GLY B 98 -14.99 -58.75 -15.02
CA GLY B 98 -13.72 -59.41 -15.14
C GLY B 98 -13.81 -60.72 -15.89
N GLY B 99 -12.64 -61.33 -16.09
CA GLY B 99 -12.59 -62.58 -16.84
C GLY B 99 -13.30 -63.72 -16.13
N GLY B 100 -13.17 -63.80 -14.82
CA GLY B 100 -13.77 -64.88 -14.07
C GLY B 100 -12.78 -65.97 -13.74
N THR B 101 -13.05 -66.70 -12.66
CA THR B 101 -12.17 -67.76 -12.18
C THR B 101 -12.97 -69.03 -11.99
N LYS B 102 -12.47 -70.14 -12.53
CA LYS B 102 -13.10 -71.44 -12.39
C LYS B 102 -12.41 -72.21 -11.27
N LEU B 103 -13.20 -72.78 -10.36
CA LEU B 103 -12.69 -73.56 -9.25
C LEU B 103 -13.16 -75.01 -9.40
N GLU B 104 -12.22 -75.94 -9.25
CA GLU B 104 -12.50 -77.36 -9.40
C GLU B 104 -11.98 -78.12 -8.19
N ILE B 105 -12.59 -79.27 -7.93
CA ILE B 105 -12.21 -80.13 -6.81
C ILE B 105 -11.57 -81.39 -7.36
N LYS B 106 -10.38 -81.71 -6.87
CA LYS B 106 -9.67 -82.91 -7.31
C LYS B 106 -8.67 -83.36 -6.24
N SER C 23 62.92 30.84 8.33
CA SER C 23 63.02 29.61 7.55
C SER C 23 64.43 29.04 7.58
N PHE C 24 65.34 29.67 6.82
CA PHE C 24 66.73 29.24 6.75
C PHE C 24 67.63 30.32 7.33
N PRO C 25 68.09 30.20 8.57
CA PRO C 25 68.95 31.21 9.17
C PRO C 25 70.42 30.96 8.84
N PHE C 26 71.19 32.06 8.92
CA PHE C 26 72.63 31.96 8.70
C PHE C 26 73.28 31.12 9.80
N ARG C 27 74.20 30.24 9.39
CA ARG C 27 74.86 29.35 10.33
C ARG C 27 76.29 29.11 9.88
N VAL C 28 77.20 29.03 10.85
CA VAL C 28 78.61 28.86 10.57
C VAL C 28 79.12 27.60 11.27
N CYS C 29 78.26 26.59 11.36
CA CYS C 29 78.60 25.35 12.06
C CYS C 29 79.85 24.71 11.46
N GLU C 30 79.75 24.24 10.22
CA GLU C 30 80.88 23.62 9.51
C GLU C 30 81.56 22.56 10.36
N LEU C 31 80.76 21.75 11.04
CA LEU C 31 81.26 20.76 12.00
C LEU C 31 81.25 19.38 11.37
N SER C 32 82.37 18.66 11.51
CA SER C 32 82.49 17.30 11.01
C SER C 32 83.10 16.38 12.07
N SER C 33 82.82 16.66 13.34
CA SER C 33 83.36 15.87 14.43
C SER C 33 82.44 14.69 14.74
N HIS C 34 82.70 14.01 15.85
CA HIS C 34 81.87 12.87 16.24
C HIS C 34 80.47 13.34 16.63
N GLY C 35 79.47 12.57 16.21
CA GLY C 35 78.10 12.88 16.52
C GLY C 35 77.22 11.67 16.33
N ASP C 36 75.93 11.93 16.13
CA ASP C 36 74.98 10.85 15.89
C ASP C 36 75.24 10.21 14.53
N LEU C 37 75.12 8.89 14.47
CA LEU C 37 75.34 8.14 13.25
C LEU C 37 74.02 7.57 12.74
N PHE C 38 73.94 7.39 11.42
CA PHE C 38 72.75 6.87 10.77
C PHE C 38 73.15 6.09 9.54
N ARG C 39 72.47 4.97 9.31
CA ARG C 39 72.79 4.07 8.21
C ARG C 39 71.58 3.91 7.31
N PHE C 40 71.82 3.92 6.00
CA PHE C 40 70.74 3.74 5.03
C PHE C 40 70.24 2.30 5.05
N SER C 41 68.94 2.13 4.91
CA SER C 41 68.35 0.81 4.88
C SER C 41 68.71 0.08 3.59
N SER C 42 68.62 -1.24 3.63
CA SER C 42 68.95 -2.08 2.48
C SER C 42 67.74 -2.77 1.85
N ASP C 43 66.65 -2.95 2.60
CA ASP C 43 65.47 -3.61 2.08
C ASP C 43 64.26 -3.07 2.82
N ILE C 44 63.43 -2.29 2.13
CA ILE C 44 62.26 -1.68 2.74
C ILE C 44 61.15 -2.71 2.80
N GLN C 45 60.55 -2.86 3.99
CA GLN C 45 59.45 -3.80 4.19
C GLN C 45 58.13 -3.12 3.84
N CYS C 46 57.35 -3.76 2.99
CA CYS C 46 56.12 -3.17 2.49
C CYS C 46 55.00 -3.40 3.51
N PRO C 47 54.36 -2.34 4.02
CA PRO C 47 53.23 -2.53 4.93
C PRO C 47 52.04 -3.13 4.21
N SER C 48 51.23 -3.87 4.98
CA SER C 48 50.06 -4.56 4.45
C SER C 48 48.85 -4.23 5.32
N PHE C 49 47.66 -4.30 4.70
CA PHE C 49 46.43 -4.02 5.43
C PHE C 49 45.29 -4.97 5.05
N GLY C 50 45.59 -6.09 4.40
CA GLY C 50 44.55 -7.03 4.04
C GLY C 50 43.99 -7.75 5.25
N THR C 51 42.71 -8.10 5.16
CA THR C 51 42.02 -8.77 6.27
C THR C 51 40.77 -9.46 5.73
N ARG C 52 40.18 -10.29 6.59
CA ARG C 52 38.92 -10.99 6.31
C ARG C 52 39.04 -11.95 5.15
N GLU C 53 38.49 -11.58 3.99
CA GLU C 53 38.43 -12.45 2.81
C GLU C 53 37.91 -13.83 3.15
N ASN C 54 36.84 -13.85 3.94
CA ASN C 54 36.17 -15.09 4.33
C ASN C 54 34.87 -15.19 3.55
N HIS C 55 34.87 -16.00 2.50
CA HIS C 55 33.72 -16.16 1.63
C HIS C 55 33.37 -17.63 1.49
N THR C 56 32.07 -17.92 1.40
CA THR C 56 31.58 -19.27 1.21
C THR C 56 30.35 -19.22 0.32
N GLU C 57 30.26 -20.17 -0.61
CA GLU C 57 29.12 -20.24 -1.51
C GLU C 57 28.04 -21.14 -0.92
N GLY C 58 26.93 -21.25 -1.64
CA GLY C 58 25.84 -22.09 -1.19
C GLY C 58 24.56 -21.80 -1.96
N LEU C 59 23.46 -22.30 -1.42
CA LEU C 59 22.13 -22.09 -2.00
C LEU C 59 21.22 -21.50 -0.94
N LEU C 60 20.39 -20.54 -1.35
CA LEU C 60 19.55 -19.79 -0.42
C LEU C 60 18.11 -19.75 -0.91
N MET C 61 17.18 -19.91 0.03
CA MET C 61 15.76 -19.76 -0.22
C MET C 61 15.18 -18.81 0.81
N VAL C 62 14.29 -17.93 0.37
CA VAL C 62 13.72 -16.87 1.21
C VAL C 62 12.22 -17.10 1.33
N PHE C 63 11.72 -17.11 2.56
CA PHE C 63 10.30 -17.29 2.84
C PHE C 63 9.76 -16.05 3.54
N LYS C 64 8.51 -15.71 3.24
CA LYS C 64 7.88 -14.50 3.77
C LYS C 64 6.56 -14.87 4.42
N ASP C 65 5.93 -13.86 5.03
CA ASP C 65 4.65 -14.05 5.70
C ASP C 65 3.55 -14.38 4.69
N ASN C 66 2.53 -15.08 5.16
CA ASN C 66 1.35 -15.41 4.37
C ASN C 66 0.19 -14.54 4.83
N ILE C 67 -0.43 -13.83 3.88
CA ILE C 67 -1.56 -12.96 4.19
C ILE C 67 -2.84 -13.40 3.51
N ILE C 68 -2.80 -14.39 2.63
CA ILE C 68 -4.01 -14.87 1.96
C ILE C 68 -4.77 -15.77 2.93
N PRO C 69 -6.05 -15.49 3.19
CA PRO C 69 -6.79 -16.31 4.15
C PRO C 69 -7.05 -17.72 3.63
N TYR C 70 -7.22 -18.63 4.58
CA TYR C 70 -7.53 -20.02 4.25
C TYR C 70 -8.90 -20.12 3.61
N SER C 71 -9.00 -20.95 2.57
CA SER C 71 -10.21 -21.06 1.77
C SER C 71 -10.60 -22.52 1.56
N PHE C 72 -11.90 -22.78 1.55
CA PHE C 72 -12.43 -24.13 1.35
C PHE C 72 -13.84 -24.02 0.80
N LYS C 73 -14.37 -25.16 0.37
CA LYS C 73 -15.67 -25.23 -0.30
C LYS C 73 -16.74 -25.76 0.65
N VAL C 74 -17.93 -25.18 0.56
CA VAL C 74 -19.07 -25.57 1.38
C VAL C 74 -20.27 -25.83 0.47
N ARG C 75 -21.34 -26.37 1.07
CA ARG C 75 -22.59 -26.61 0.38
C ARG C 75 -23.73 -26.41 1.37
N SER C 76 -24.82 -25.81 0.91
CA SER C 76 -25.93 -25.44 1.77
C SER C 76 -27.23 -26.05 1.29
N TYR C 77 -28.06 -26.50 2.23
CA TYR C 77 -29.39 -27.02 1.96
C TYR C 77 -30.42 -26.19 2.73
N THR C 78 -31.57 -25.96 2.12
CA THR C 78 -32.63 -25.22 2.78
C THR C 78 -33.97 -25.57 2.15
N LYS C 79 -35.04 -25.30 2.89
CA LYS C 79 -36.41 -25.52 2.44
C LYS C 79 -37.18 -24.22 2.58
N ILE C 80 -37.78 -23.75 1.49
CA ILE C 80 -38.48 -22.47 1.44
C ILE C 80 -39.97 -22.73 1.34
N VAL C 81 -40.73 -22.12 2.25
CA VAL C 81 -42.19 -22.22 2.26
C VAL C 81 -42.76 -20.80 2.16
N THR C 82 -43.71 -20.61 1.24
CA THR C 82 -44.32 -19.31 0.99
C THR C 82 -45.83 -19.42 1.17
N ASN C 83 -46.41 -18.42 1.80
CA ASN C 83 -47.85 -18.35 2.02
C ASN C 83 -48.41 -17.10 1.34
N ILE C 84 -49.44 -17.29 0.53
CA ILE C 84 -50.10 -16.20 -0.17
C ILE C 84 -51.50 -16.03 0.41
N LEU C 85 -51.64 -16.35 1.70
CA LEU C 85 -52.96 -16.41 2.33
C LEU C 85 -53.66 -15.05 2.32
N ILE C 86 -52.91 -13.95 2.26
CA ILE C 86 -53.50 -12.62 2.25
C ILE C 86 -53.77 -12.26 0.79
N TYR C 87 -54.93 -12.69 0.29
CA TYR C 87 -55.37 -12.35 -1.05
C TYR C 87 -56.19 -11.07 -1.10
N ASN C 88 -56.55 -10.51 0.06
CA ASN C 88 -57.29 -9.24 0.16
C ASN C 88 -58.60 -9.31 -0.63
N GLY C 89 -59.47 -10.23 -0.22
CA GLY C 89 -60.78 -10.32 -0.85
C GLY C 89 -61.61 -9.07 -0.66
N HIS C 90 -61.66 -8.57 0.58
CA HIS C 90 -62.38 -7.34 0.93
C HIS C 90 -63.82 -7.32 0.39
N SER C 94 -57.97 -5.73 -4.16
CA SER C 94 -57.62 -6.88 -4.99
C SER C 94 -56.10 -6.95 -5.20
N VAL C 95 -55.36 -7.10 -4.11
CA VAL C 95 -53.90 -7.20 -4.15
C VAL C 95 -53.47 -8.40 -3.31
N THR C 96 -52.24 -8.84 -3.56
CA THR C 96 -51.68 -10.01 -2.88
C THR C 96 -50.55 -9.56 -1.97
N ASN C 97 -50.58 -10.05 -0.73
CA ASN C 97 -49.56 -9.76 0.28
C ASN C 97 -49.07 -11.10 0.83
N ARG C 98 -47.99 -11.61 0.25
CA ARG C 98 -47.47 -12.93 0.59
C ARG C 98 -46.21 -12.80 1.45
N HIS C 99 -46.09 -13.68 2.44
CA HIS C 99 -44.90 -13.77 3.28
C HIS C 99 -44.35 -15.19 3.21
N GLU C 100 -43.03 -15.31 3.22
CA GLU C 100 -42.35 -16.58 3.07
C GLU C 100 -41.55 -16.91 4.33
N GLU C 101 -41.07 -18.14 4.39
CA GLU C 101 -40.25 -18.61 5.49
C GLU C 101 -39.31 -19.69 4.98
N LYS C 102 -38.20 -19.87 5.71
CA LYS C 102 -37.19 -20.85 5.36
C LYS C 102 -36.91 -21.75 6.56
N PHE C 103 -36.53 -23.00 6.27
CA PHE C 103 -36.32 -23.99 7.30
C PHE C 103 -35.11 -24.84 6.96
N SER C 104 -34.59 -25.54 7.97
CA SER C 104 -33.43 -26.39 7.81
C SER C 104 -33.84 -27.75 7.23
N VAL C 105 -32.87 -28.64 7.10
CA VAL C 105 -33.08 -29.99 6.59
C VAL C 105 -32.50 -30.98 7.58
N GLU C 106 -33.20 -32.10 7.72
CA GLU C 106 -32.78 -33.14 8.69
C GLU C 106 -31.76 -34.07 8.04
N SER C 107 -31.25 -35.01 8.82
CA SER C 107 -30.19 -35.91 8.36
C SER C 107 -30.64 -36.86 7.26
N TYR C 108 -31.80 -37.49 7.43
CA TYR C 108 -32.26 -38.50 6.47
C TYR C 108 -32.47 -37.88 5.09
N GLU C 109 -32.90 -36.62 5.04
CA GLU C 109 -33.13 -35.98 3.76
C GLU C 109 -31.82 -35.58 3.08
N THR C 110 -30.82 -35.16 3.86
CA THR C 110 -29.56 -34.72 3.27
C THR C 110 -28.85 -35.87 2.58
N ASP C 111 -29.03 -37.10 3.07
CA ASP C 111 -28.45 -38.25 2.41
C ASP C 111 -29.06 -38.46 1.03
N GLN C 112 -30.34 -38.13 0.87
CA GLN C 112 -31.00 -38.30 -0.42
C GLN C 112 -30.53 -37.26 -1.42
N MET C 113 -30.43 -36.00 -0.99
CA MET C 113 -30.06 -34.92 -1.91
C MET C 113 -28.63 -35.10 -2.43
N ASP C 114 -27.70 -35.47 -1.54
CA ASP C 114 -26.29 -35.49 -1.92
C ASP C 114 -25.99 -36.57 -2.94
N THR C 115 -26.70 -37.69 -2.91
CA THR C 115 -26.39 -38.84 -3.76
C THR C 115 -27.34 -38.99 -4.93
N ILE C 116 -28.65 -38.94 -4.70
CA ILE C 116 -29.63 -39.21 -5.75
C ILE C 116 -30.36 -37.94 -6.20
N TYR C 117 -30.18 -36.82 -5.51
CA TYR C 117 -30.81 -35.55 -5.87
C TYR C 117 -32.33 -35.66 -5.90
N GLN C 118 -32.90 -35.95 -4.72
CA GLN C 118 -34.33 -36.05 -4.54
C GLN C 118 -34.68 -35.56 -3.14
N CYS C 119 -35.82 -34.87 -3.02
CA CYS C 119 -36.24 -34.31 -1.75
C CYS C 119 -37.74 -34.48 -1.58
N TYR C 120 -38.18 -34.40 -0.32
CA TYR C 120 -39.59 -34.52 0.03
C TYR C 120 -40.20 -33.13 0.14
N ASN C 121 -41.35 -32.93 -0.52
CA ASN C 121 -42.03 -31.64 -0.51
C ASN C 121 -43.10 -31.63 0.58
N ALA C 122 -42.62 -31.65 1.83
CA ALA C 122 -43.52 -31.65 2.98
C ALA C 122 -42.73 -31.22 4.20
N VAL C 123 -43.19 -30.16 4.88
CA VAL C 123 -42.52 -29.61 6.04
C VAL C 123 -43.41 -29.79 7.26
N LYS C 124 -42.79 -30.15 8.38
CA LYS C 124 -43.50 -30.33 9.64
C LYS C 124 -42.83 -29.48 10.71
N MET C 125 -43.65 -28.71 11.43
CA MET C 125 -43.16 -27.84 12.50
C MET C 125 -43.85 -28.23 13.81
N THR C 126 -43.55 -27.46 14.86
CA THR C 126 -44.12 -27.70 16.18
C THR C 126 -44.07 -26.38 16.97
N LYS C 127 -45.13 -26.09 17.70
CA LYS C 127 -45.17 -24.90 18.54
C LYS C 127 -46.19 -25.12 19.65
N ASP C 128 -45.71 -25.25 20.89
CA ASP C 128 -46.57 -25.43 22.05
C ASP C 128 -47.48 -26.64 21.88
N GLY C 129 -46.95 -27.71 21.32
CA GLY C 129 -47.71 -28.92 21.07
C GLY C 129 -48.56 -28.90 19.82
N LEU C 130 -48.51 -27.81 19.05
CA LEU C 130 -49.28 -27.69 17.81
C LEU C 130 -48.34 -27.90 16.63
N THR C 131 -48.68 -28.86 15.78
CA THR C 131 -47.86 -29.20 14.61
C THR C 131 -48.62 -28.86 13.34
N ARG C 132 -47.91 -28.23 12.41
CA ARG C 132 -48.48 -27.82 11.12
C ARG C 132 -47.73 -28.53 10.00
N VAL C 133 -48.48 -29.10 9.06
CA VAL C 133 -47.91 -29.84 7.94
C VAL C 133 -48.42 -29.22 6.65
N TYR C 134 -47.51 -28.92 5.73
CA TYR C 134 -47.87 -28.36 4.43
C TYR C 134 -47.25 -29.20 3.33
N VAL C 135 -47.94 -29.26 2.19
CA VAL C 135 -47.48 -29.96 1.01
C VAL C 135 -47.59 -29.03 -0.17
N ASP C 136 -46.78 -29.26 -1.20
CA ASP C 136 -46.84 -28.46 -2.41
C ASP C 136 -48.16 -28.70 -3.13
N ARG C 137 -48.85 -27.61 -3.45
CA ARG C 137 -50.17 -27.66 -4.07
C ARG C 137 -51.16 -28.48 -3.24
N ASP C 138 -50.93 -28.53 -1.93
CA ASP C 138 -51.78 -29.28 -1.00
C ASP C 138 -51.90 -30.75 -1.43
N GLY C 139 -50.77 -31.33 -1.80
CA GLY C 139 -50.74 -32.73 -2.19
C GLY C 139 -50.48 -33.67 -1.04
N VAL C 140 -49.53 -34.59 -1.22
CA VAL C 140 -49.17 -35.57 -0.20
C VAL C 140 -47.65 -35.76 -0.21
N ASN C 141 -47.17 -36.52 0.78
CA ASN C 141 -45.75 -36.84 0.90
C ASN C 141 -45.28 -37.58 -0.35
N ILE C 142 -44.42 -36.92 -1.15
CA ILE C 142 -43.95 -37.46 -2.41
C ILE C 142 -42.51 -37.01 -2.64
N THR C 143 -41.85 -37.67 -3.58
CA THR C 143 -40.45 -37.38 -3.90
C THR C 143 -40.37 -36.57 -5.19
N VAL C 144 -39.66 -35.46 -5.16
CA VAL C 144 -39.46 -34.61 -6.32
C VAL C 144 -37.97 -34.54 -6.61
N ASN C 145 -37.64 -34.27 -7.87
CA ASN C 145 -36.26 -34.21 -8.31
C ASN C 145 -35.72 -32.77 -8.22
N LEU C 146 -34.41 -32.66 -8.33
CA LEU C 146 -33.72 -31.38 -8.31
C LEU C 146 -33.03 -31.17 -9.66
N LYS C 147 -33.14 -29.96 -10.19
CA LYS C 147 -32.61 -29.65 -11.51
C LYS C 147 -31.70 -28.43 -11.44
N PRO C 148 -30.73 -28.33 -12.33
CA PRO C 148 -29.86 -27.15 -12.34
C PRO C 148 -30.65 -25.90 -12.66
N THR C 149 -30.18 -24.78 -12.10
CA THR C 149 -30.81 -23.48 -12.29
C THR C 149 -29.77 -22.48 -12.75
N GLY C 150 -30.11 -21.71 -13.78
CA GLY C 150 -29.18 -20.73 -14.31
C GLY C 150 -28.92 -19.60 -13.34
N GLY C 151 -27.79 -18.93 -13.54
CA GLY C 151 -27.42 -17.85 -12.65
C GLY C 151 -26.26 -17.05 -13.22
N LEU C 152 -25.67 -16.22 -12.35
CA LEU C 152 -24.58 -15.36 -12.77
C LEU C 152 -23.36 -16.19 -13.16
N ALA C 153 -22.64 -15.71 -14.18
CA ALA C 153 -21.43 -16.39 -14.63
C ALA C 153 -20.34 -16.29 -13.58
N ASN C 154 -19.63 -17.39 -13.37
CA ASN C 154 -18.53 -17.48 -12.39
C ASN C 154 -19.00 -17.06 -11.00
N GLY C 155 -19.96 -17.83 -10.48
CA GLY C 155 -20.49 -17.58 -9.15
C GLY C 155 -20.88 -18.86 -8.44
N VAL C 156 -22.05 -18.86 -7.82
CA VAL C 156 -22.56 -20.04 -7.15
C VAL C 156 -23.41 -20.84 -8.12
N ARG C 157 -23.52 -22.14 -7.85
CA ARG C 157 -24.35 -23.04 -8.65
C ARG C 157 -25.52 -23.51 -7.80
N ARG C 158 -26.72 -23.43 -8.35
CA ARG C 158 -27.94 -23.75 -7.62
C ARG C 158 -28.69 -24.89 -8.28
N TYR C 159 -29.21 -25.80 -7.46
CA TYR C 159 -30.11 -26.86 -7.91
C TYR C 159 -31.42 -26.70 -7.15
N ALA C 160 -32.53 -26.59 -7.89
CA ALA C 160 -33.82 -26.33 -7.30
C ALA C 160 -34.88 -27.23 -7.91
N SER C 161 -35.93 -27.48 -7.15
CA SER C 161 -37.07 -28.26 -7.62
C SER C 161 -38.16 -27.33 -8.13
N GLN C 162 -39.01 -27.90 -8.98
CA GLN C 162 -40.11 -27.13 -9.56
C GLN C 162 -41.10 -26.69 -8.48
N THR C 163 -41.74 -25.55 -8.72
CA THR C 163 -42.72 -25.02 -7.78
C THR C 163 -44.05 -25.73 -7.96
N GLU C 164 -45.10 -25.21 -7.33
CA GLU C 164 -46.43 -25.81 -7.44
C GLU C 164 -46.96 -25.68 -8.86
N LEU C 165 -47.82 -26.63 -9.23
CA LEU C 165 -48.40 -26.61 -10.58
C LEU C 165 -49.28 -25.39 -10.79
N TYR C 166 -50.10 -25.04 -9.80
CA TYR C 166 -51.00 -23.90 -9.92
C TYR C 166 -51.40 -23.44 -8.53
N ASP C 167 -51.94 -22.22 -8.46
CA ASP C 167 -52.45 -21.63 -7.23
C ASP C 167 -53.86 -21.14 -7.51
N ALA C 168 -54.84 -22.02 -7.34
CA ALA C 168 -56.22 -21.68 -7.62
C ALA C 168 -56.75 -20.70 -6.58
N PRO C 169 -57.58 -19.73 -6.97
CA PRO C 169 -58.17 -18.82 -5.98
C PRO C 169 -59.11 -19.55 -5.04
N GLY C 170 -59.20 -19.03 -3.81
CA GLY C 170 -60.07 -19.62 -2.81
C GLY C 170 -61.17 -18.67 -2.38
N ARG C 171 -61.35 -18.52 -1.06
CA ARG C 171 -62.39 -17.65 -0.53
C ARG C 171 -61.87 -16.21 -0.46
N VAL C 172 -62.73 -15.30 0.03
CA VAL C 172 -62.35 -13.86 0.06
C VAL C 172 -62.64 -13.28 1.44
N GLU C 173 -62.64 -11.95 1.56
CA GLU C 173 -62.94 -11.27 2.85
C GLU C 173 -61.96 -11.78 3.93
N ALA C 174 -62.46 -11.96 5.16
CA ALA C 174 -61.59 -12.41 6.27
C ALA C 174 -60.73 -13.60 5.82
N THR C 175 -61.36 -14.67 5.33
CA THR C 175 -60.62 -15.86 4.95
C THR C 175 -60.30 -15.76 3.45
N TYR C 176 -59.23 -15.04 3.14
CA TYR C 176 -58.82 -14.86 1.76
C TYR C 176 -58.23 -16.16 1.21
N ARG C 177 -57.90 -16.13 -0.08
CA ARG C 177 -57.32 -17.31 -0.72
C ARG C 177 -55.97 -17.64 -0.11
N THR C 178 -55.79 -18.90 0.27
CA THR C 178 -54.57 -19.38 0.91
C THR C 178 -53.87 -20.37 0.01
N ARG C 179 -52.59 -20.13 -0.26
CA ARG C 179 -51.78 -21.00 -1.09
C ARG C 179 -50.52 -21.39 -0.33
N THR C 180 -50.09 -22.64 -0.50
CA THR C 180 -48.90 -23.17 0.16
C THR C 180 -47.96 -23.75 -0.89
N THR C 181 -46.69 -23.37 -0.82
CA THR C 181 -45.67 -23.86 -1.72
C THR C 181 -44.41 -24.20 -0.94
N VAL C 182 -43.69 -25.22 -1.39
CA VAL C 182 -42.45 -25.64 -0.77
C VAL C 182 -41.43 -25.92 -1.87
N ASN C 183 -40.18 -25.49 -1.64
CA ASN C 183 -39.11 -25.68 -2.60
C ASN C 183 -37.87 -26.20 -1.90
N CYS C 184 -37.05 -26.92 -2.66
CA CYS C 184 -35.77 -27.45 -2.19
C CYS C 184 -34.65 -26.74 -2.91
N LEU C 185 -33.63 -26.33 -2.17
CA LEU C 185 -32.52 -25.54 -2.72
C LEU C 185 -31.18 -26.13 -2.30
N ILE C 186 -30.23 -26.09 -3.22
CA ILE C 186 -28.86 -26.53 -2.96
C ILE C 186 -27.92 -25.50 -3.57
N THR C 187 -26.94 -25.04 -2.80
CA THR C 187 -26.01 -24.01 -3.24
C THR C 187 -24.59 -24.42 -2.90
N ASP C 188 -23.66 -24.14 -3.83
CA ASP C 188 -22.24 -24.41 -3.64
C ASP C 188 -21.46 -23.11 -3.75
N MET C 189 -20.64 -22.82 -2.75
CA MET C 189 -19.85 -21.60 -2.73
C MET C 189 -18.54 -21.89 -2.00
N MET C 190 -17.84 -20.84 -1.60
CA MET C 190 -16.56 -20.95 -0.91
C MET C 190 -16.61 -20.13 0.37
N ALA C 191 -15.71 -20.45 1.29
CA ALA C 191 -15.62 -19.76 2.57
C ALA C 191 -14.17 -19.42 2.86
N LYS C 192 -13.96 -18.40 3.68
CA LYS C 192 -12.62 -17.93 4.01
C LYS C 192 -12.51 -17.64 5.50
N SER C 193 -11.31 -17.84 6.04
CA SER C 193 -11.05 -17.62 7.46
C SER C 193 -9.62 -17.12 7.63
N ASN C 194 -9.39 -16.44 8.75
CA ASN C 194 -8.12 -15.74 8.97
C ASN C 194 -7.20 -16.55 9.88
N SER C 195 -6.09 -15.93 10.29
CA SER C 195 -5.05 -16.65 11.01
C SER C 195 -5.48 -17.21 12.35
N PRO C 196 -6.13 -16.45 13.25
CA PRO C 196 -6.49 -17.03 14.55
C PRO C 196 -7.62 -18.06 14.48
N PHE C 197 -8.37 -18.10 13.37
CA PHE C 197 -9.46 -19.06 13.17
C PHE C 197 -10.53 -18.92 14.26
N ASP C 198 -11.18 -17.76 14.27
CA ASP C 198 -12.30 -17.52 15.17
C ASP C 198 -13.66 -17.65 14.49
N PHE C 199 -13.72 -17.42 13.18
CA PHE C 199 -14.97 -17.53 12.42
C PHE C 199 -14.61 -17.59 10.95
N PHE C 200 -15.59 -17.94 10.12
CA PHE C 200 -15.42 -17.94 8.68
C PHE C 200 -16.68 -17.41 8.02
N VAL C 201 -16.51 -16.86 6.81
CA VAL C 201 -17.57 -16.19 6.07
C VAL C 201 -17.72 -16.84 4.71
N THR C 202 -18.95 -17.14 4.33
CA THR C 202 -19.23 -17.72 3.02
C THR C 202 -19.27 -16.63 1.96
N THR C 203 -19.54 -17.04 0.72
CA THR C 203 -19.55 -16.09 -0.39
C THR C 203 -20.72 -15.12 -0.29
N THR C 204 -21.92 -15.62 0.00
CA THR C 204 -23.11 -14.79 0.03
C THR C 204 -23.14 -13.85 1.24
N GLY C 205 -22.24 -14.01 2.19
CA GLY C 205 -22.15 -13.09 3.31
C GLY C 205 -22.79 -13.59 4.58
N GLN C 206 -22.62 -14.87 4.90
CA GLN C 206 -23.12 -15.46 6.12
C GLN C 206 -21.95 -15.89 6.99
N THR C 207 -21.97 -15.47 8.25
CA THR C 207 -20.86 -15.72 9.17
C THR C 207 -21.23 -16.83 10.15
N VAL C 208 -20.26 -17.69 10.44
CA VAL C 208 -20.41 -18.78 11.40
C VAL C 208 -19.32 -18.64 12.44
N GLU C 209 -19.70 -18.64 13.72
CA GLU C 209 -18.76 -18.42 14.82
C GLU C 209 -18.20 -19.77 15.28
N MET C 210 -17.27 -20.29 14.48
CA MET C 210 -16.65 -21.58 14.78
C MET C 210 -15.42 -21.72 13.90
N SER C 211 -14.35 -22.27 14.48
CA SER C 211 -13.15 -22.56 13.70
C SER C 211 -13.44 -23.69 12.72
N PRO C 212 -12.97 -23.58 11.47
CA PRO C 212 -13.26 -24.63 10.48
C PRO C 212 -12.62 -25.97 10.78
N PHE C 213 -11.64 -26.02 11.70
CA PHE C 213 -10.95 -27.26 12.02
C PHE C 213 -11.52 -27.98 13.23
N TYR C 214 -12.59 -27.45 13.82
CA TYR C 214 -13.18 -28.08 14.99
C TYR C 214 -13.79 -29.43 14.62
N ASP C 215 -13.63 -30.41 15.51
CA ASP C 215 -14.15 -31.75 15.26
C ASP C 215 -14.88 -32.35 16.45
N GLY C 216 -15.14 -31.58 17.51
CA GLY C 216 -15.88 -32.04 18.66
C GLY C 216 -15.02 -32.46 19.84
N LYS C 217 -13.74 -32.74 19.63
CA LYS C 217 -12.84 -33.13 20.71
C LYS C 217 -11.54 -32.34 20.70
N ASN C 218 -11.48 -31.24 19.96
CA ASN C 218 -10.28 -30.43 19.85
C ASN C 218 -10.35 -29.26 20.84
N THR C 219 -9.38 -28.35 20.74
CA THR C 219 -9.35 -27.14 21.55
C THR C 219 -9.70 -25.90 20.73
N GLU C 220 -10.14 -26.06 19.49
CA GLU C 220 -10.47 -24.93 18.65
C GLU C 220 -11.74 -24.24 19.14
N THR C 221 -11.89 -22.98 18.74
CA THR C 221 -13.03 -22.19 19.21
C THR C 221 -14.34 -22.72 18.62
N PHE C 222 -15.36 -22.79 19.47
CA PHE C 222 -16.69 -23.24 19.05
C PHE C 222 -17.71 -22.53 19.93
N HIS C 223 -18.26 -21.43 19.43
CA HIS C 223 -19.20 -20.61 20.19
C HIS C 223 -20.65 -20.81 19.73
N GLU C 224 -20.92 -21.81 18.89
CA GLU C 224 -22.27 -22.06 18.42
C GLU C 224 -23.02 -22.95 19.41
N ARG C 225 -24.25 -23.30 19.07
CA ARG C 225 -25.06 -24.14 19.95
C ARG C 225 -24.50 -25.54 20.01
N ALA C 226 -24.53 -26.13 21.21
CA ALA C 226 -23.88 -27.41 21.44
C ALA C 226 -24.54 -28.53 20.63
N ASP C 227 -25.87 -28.56 20.60
CA ASP C 227 -26.60 -29.63 19.94
C ASP C 227 -26.92 -29.28 18.49
N SER C 228 -25.90 -28.84 17.75
CA SER C 228 -26.04 -28.53 16.34
C SER C 228 -24.94 -29.11 15.46
N PHE C 229 -23.79 -29.45 16.02
CA PHE C 229 -22.65 -29.91 15.25
C PHE C 229 -22.48 -31.41 15.43
N HIS C 230 -22.41 -32.14 14.31
CA HIS C 230 -22.13 -33.57 14.34
C HIS C 230 -21.39 -33.93 13.06
N VAL C 231 -20.45 -34.86 13.17
CA VAL C 231 -19.55 -35.21 12.08
C VAL C 231 -19.79 -36.65 11.68
N ARG C 232 -19.97 -36.88 10.38
CA ARG C 232 -20.18 -38.21 9.83
C ARG C 232 -18.91 -38.72 9.17
N THR C 233 -18.69 -40.03 9.27
CA THR C 233 -17.53 -40.67 8.69
C THR C 233 -17.98 -41.63 7.59
N ASN C 234 -17.13 -41.79 6.58
CA ASN C 234 -17.42 -42.61 5.40
C ASN C 234 -18.71 -42.14 4.72
N TYR C 235 -18.67 -40.89 4.26
CA TYR C 235 -19.81 -40.23 3.66
C TYR C 235 -19.60 -40.14 2.15
N LYS C 236 -20.60 -40.56 1.38
CA LYS C 236 -20.52 -40.57 -0.07
C LYS C 236 -21.33 -39.40 -0.62
N ILE C 237 -20.67 -38.52 -1.38
CA ILE C 237 -21.31 -37.40 -2.04
C ILE C 237 -20.83 -37.36 -3.48
N VAL C 238 -21.78 -37.25 -4.41
CA VAL C 238 -21.47 -37.31 -5.83
C VAL C 238 -22.05 -36.08 -6.52
N ASP C 239 -21.47 -35.75 -7.68
CA ASP C 239 -21.90 -34.59 -8.45
C ASP C 239 -23.09 -34.97 -9.33
N TYR C 240 -23.69 -33.94 -9.94
CA TYR C 240 -24.88 -34.15 -10.76
C TYR C 240 -24.57 -34.98 -11.99
N ASP C 241 -23.43 -34.72 -12.65
CA ASP C 241 -23.15 -35.36 -13.93
C ASP C 241 -22.82 -36.85 -13.80
N ASN C 242 -22.49 -37.32 -12.61
CA ASN C 242 -22.07 -38.71 -12.45
C ASN C 242 -22.99 -39.48 -11.49
N ARG C 243 -24.29 -39.33 -11.65
CA ARG C 243 -25.24 -40.10 -10.85
C ARG C 243 -25.19 -41.56 -11.28
N GLY C 244 -24.61 -42.41 -10.45
CA GLY C 244 -24.51 -43.82 -10.76
C GLY C 244 -23.12 -44.37 -10.55
N THR C 245 -22.22 -43.56 -9.99
CA THR C 245 -20.86 -43.97 -9.68
C THR C 245 -20.58 -43.68 -8.21
N ASN C 246 -19.93 -44.63 -7.54
CA ASN C 246 -19.69 -44.42 -6.11
C ASN C 246 -18.35 -43.73 -5.90
N PRO C 247 -18.31 -42.60 -5.20
CA PRO C 247 -17.04 -41.92 -4.94
C PRO C 247 -16.35 -42.45 -3.70
N GLN C 248 -15.19 -41.90 -3.37
CA GLN C 248 -14.46 -42.31 -2.18
C GLN C 248 -15.09 -41.71 -0.94
N GLY C 249 -15.23 -42.51 0.11
CA GLY C 249 -15.75 -42.01 1.36
C GLY C 249 -14.82 -41.00 2.00
N GLU C 250 -15.42 -40.05 2.72
CA GLU C 250 -14.66 -38.97 3.34
C GLU C 250 -15.25 -38.71 4.73
N ARG C 251 -14.83 -37.61 5.34
CA ARG C 251 -15.30 -37.19 6.65
C ARG C 251 -15.89 -35.79 6.51
N ARG C 252 -17.20 -35.67 6.70
CA ARG C 252 -17.90 -34.41 6.53
C ARG C 252 -18.47 -33.94 7.85
N ALA C 253 -18.53 -32.63 8.02
CA ALA C 253 -19.05 -32.00 9.24
C ALA C 253 -20.32 -31.23 8.90
N PHE C 254 -21.35 -31.42 9.70
CA PHE C 254 -22.65 -30.79 9.47
C PHE C 254 -22.96 -29.80 10.59
N LEU C 255 -23.69 -28.75 10.24
CA LEU C 255 -24.08 -27.72 11.20
C LEU C 255 -25.44 -27.18 10.82
N ASP C 256 -26.31 -27.03 11.82
CA ASP C 256 -27.67 -26.54 11.62
C ASP C 256 -27.76 -25.12 12.14
N LYS C 257 -28.06 -24.18 11.24
CA LYS C 257 -28.14 -22.77 11.59
C LYS C 257 -29.58 -22.28 11.75
N GLY C 258 -30.53 -23.19 11.81
CA GLY C 258 -31.94 -22.81 11.96
C GLY C 258 -32.63 -22.48 10.66
N THR C 259 -32.05 -21.58 9.87
CA THR C 259 -32.62 -21.21 8.58
C THR C 259 -32.10 -22.07 7.45
N TYR C 260 -30.93 -22.68 7.61
CA TYR C 260 -30.33 -23.49 6.56
C TYR C 260 -29.42 -24.53 7.22
N THR C 261 -28.72 -25.30 6.38
CA THR C 261 -27.76 -26.29 6.85
C THR C 261 -26.47 -26.15 6.06
N LEU C 262 -25.34 -26.35 6.73
CA LEU C 262 -24.03 -26.21 6.10
C LEU C 262 -23.23 -27.49 6.30
N SER C 263 -22.40 -27.81 5.31
CA SER C 263 -21.55 -28.98 5.39
C SER C 263 -20.25 -28.72 4.64
N TRP C 264 -19.14 -29.23 5.17
CA TRP C 264 -17.85 -29.09 4.53
C TRP C 264 -16.97 -30.25 4.94
N LYS C 265 -15.94 -30.51 4.14
CA LYS C 265 -15.04 -31.63 4.39
C LYS C 265 -14.08 -31.29 5.52
N LEU C 266 -14.07 -32.12 6.56
CA LEU C 266 -13.23 -31.88 7.72
C LEU C 266 -11.77 -32.15 7.40
N GLU C 267 -10.88 -31.35 7.98
CA GLU C 267 -9.46 -31.47 7.75
C GLU C 267 -8.69 -31.05 8.99
N ASN C 268 -7.44 -31.48 9.06
CA ASN C 268 -6.57 -31.12 10.18
C ASN C 268 -6.03 -29.71 10.00
N ARG C 269 -5.48 -29.16 11.08
CA ARG C 269 -4.94 -27.81 11.03
C ARG C 269 -3.66 -27.73 10.22
N THR C 270 -3.02 -28.86 9.93
CA THR C 270 -1.81 -28.84 9.11
C THR C 270 -2.08 -28.51 7.66
N ALA C 271 -3.32 -28.23 7.27
CA ALA C 271 -3.66 -27.85 5.91
C ALA C 271 -3.46 -26.35 5.65
N TYR C 272 -3.24 -25.55 6.68
CA TYR C 272 -2.95 -24.14 6.55
C TYR C 272 -1.57 -23.87 7.10
N CYS C 273 -0.81 -23.00 6.45
CA CYS C 273 0.55 -22.76 6.90
C CYS C 273 0.89 -21.29 6.76
N PRO C 274 1.53 -20.69 7.76
CA PRO C 274 1.71 -19.23 7.77
C PRO C 274 2.94 -18.71 7.03
N LEU C 275 3.59 -19.51 6.20
CA LEU C 275 4.77 -19.07 5.47
C LEU C 275 4.58 -19.33 3.98
N GLN C 276 5.17 -18.47 3.16
CA GLN C 276 5.04 -18.57 1.71
C GLN C 276 6.39 -18.34 1.06
N HIS C 277 6.71 -19.16 0.06
CA HIS C 277 7.95 -19.02 -0.68
C HIS C 277 7.93 -17.74 -1.50
N TRP C 278 9.07 -17.03 -1.53
CA TRP C 278 9.21 -15.80 -2.29
C TRP C 278 10.19 -15.93 -3.44
N GLN C 279 11.44 -16.31 -3.16
CA GLN C 279 12.47 -16.40 -4.18
C GLN C 279 13.45 -17.50 -3.81
N THR C 280 14.17 -17.99 -4.82
CA THR C 280 15.25 -18.94 -4.62
C THR C 280 16.46 -18.46 -5.41
N PHE C 281 17.64 -18.51 -4.78
CA PHE C 281 18.88 -18.05 -5.39
C PHE C 281 19.90 -19.16 -5.38
N ASP C 282 20.68 -19.25 -6.45
CA ASP C 282 21.53 -20.40 -6.71
C ASP C 282 23.01 -20.15 -6.43
N SER C 283 23.48 -18.91 -6.51
CA SER C 283 24.91 -18.61 -6.41
C SER C 283 25.16 -17.46 -5.45
N THR C 284 24.59 -17.55 -4.26
CA THR C 284 24.86 -16.55 -3.24
C THR C 284 26.24 -16.75 -2.64
N ILE C 285 26.72 -15.73 -1.94
CA ILE C 285 28.02 -15.76 -1.27
C ILE C 285 27.82 -15.24 0.14
N ALA C 286 28.31 -15.99 1.13
CA ALA C 286 28.18 -15.62 2.53
C ALA C 286 29.49 -15.01 3.02
N THR C 287 29.41 -13.81 3.57
CA THR C 287 30.57 -13.08 4.06
C THR C 287 30.36 -12.73 5.53
N GLU C 288 31.36 -13.02 6.35
CA GLU C 288 31.30 -12.79 7.79
C GLU C 288 31.96 -11.47 8.13
N THR C 289 31.23 -10.62 8.88
CA THR C 289 31.73 -9.31 9.28
C THR C 289 32.01 -9.23 10.78
N GLY C 290 32.17 -10.36 11.44
CA GLY C 290 32.43 -10.39 12.87
C GLY C 290 31.21 -10.50 13.75
N LYS C 291 30.24 -9.61 13.57
CA LYS C 291 29.00 -9.63 14.34
C LYS C 291 27.76 -9.79 13.47
N SER C 292 27.93 -10.13 12.20
CA SER C 292 26.80 -10.32 11.30
C SER C 292 27.26 -11.13 10.11
N ILE C 293 26.30 -11.61 9.33
CA ILE C 293 26.55 -12.37 8.11
C ILE C 293 25.79 -11.71 6.97
N HIS C 294 26.47 -11.51 5.85
CA HIS C 294 25.88 -10.87 4.67
C HIS C 294 25.73 -11.92 3.58
N PHE C 295 24.51 -12.10 3.09
CA PHE C 295 24.21 -13.02 2.00
C PHE C 295 23.93 -12.19 0.76
N VAL C 296 24.94 -12.02 -0.09
CA VAL C 296 24.87 -11.13 -1.25
C VAL C 296 24.78 -11.97 -2.51
N THR C 297 23.75 -11.71 -3.31
CA THR C 297 23.54 -12.37 -4.59
C THR C 297 23.43 -11.32 -5.69
N ASP C 298 24.11 -11.55 -6.80
CA ASP C 298 24.14 -10.60 -7.91
C ASP C 298 23.11 -10.91 -8.99
N GLU C 299 22.29 -11.95 -8.81
CA GLU C 299 21.20 -12.20 -9.75
C GLU C 299 20.02 -11.28 -9.47
N GLY C 300 19.54 -11.28 -8.24
CA GLY C 300 18.50 -10.37 -7.81
C GLY C 300 19.00 -9.05 -7.27
N THR C 301 20.31 -8.88 -7.17
CA THR C 301 20.93 -7.67 -6.64
C THR C 301 20.35 -7.30 -5.27
N SER C 302 20.55 -8.21 -4.32
CA SER C 302 20.06 -8.03 -2.96
C SER C 302 21.11 -8.56 -1.98
N SER C 303 21.01 -8.07 -0.74
CA SER C 303 21.92 -8.47 0.31
C SER C 303 21.15 -8.56 1.62
N PHE C 304 21.09 -9.75 2.20
CA PHE C 304 20.36 -10.00 3.43
C PHE C 304 21.35 -10.12 4.59
N VAL C 305 21.11 -9.35 5.65
CA VAL C 305 22.00 -9.29 6.80
C VAL C 305 21.26 -9.80 8.02
N THR C 306 21.89 -10.71 8.76
CA THR C 306 21.30 -11.33 9.93
C THR C 306 21.94 -10.77 11.20
N ASN C 307 21.14 -10.71 12.27
CA ASN C 307 21.61 -10.15 13.53
C ASN C 307 22.61 -11.07 14.22
N THR C 308 22.34 -12.38 14.19
CA THR C 308 23.16 -13.35 14.91
C THR C 308 24.17 -14.01 13.98
N THR C 309 25.28 -14.44 14.56
CA THR C 309 26.33 -15.10 13.79
C THR C 309 26.15 -16.61 13.75
N VAL C 310 25.90 -17.23 14.90
CA VAL C 310 25.74 -18.68 14.94
C VAL C 310 24.44 -19.10 14.25
N GLY C 311 23.36 -18.40 14.53
CA GLY C 311 22.08 -18.75 13.93
C GLY C 311 21.66 -20.15 14.33
N ILE C 312 21.44 -20.99 13.33
CA ILE C 312 21.08 -22.40 13.52
C ILE C 312 19.80 -22.53 14.34
N GLU C 313 18.90 -21.56 14.20
CA GLU C 313 17.62 -21.61 14.87
C GLU C 313 16.70 -22.54 14.09
N LEU C 314 16.52 -23.75 14.61
CA LEU C 314 15.66 -24.71 13.94
C LEU C 314 14.21 -24.22 13.94
N PRO C 315 13.46 -24.51 12.88
CA PRO C 315 12.08 -24.02 12.82
C PRO C 315 11.23 -24.56 13.97
N ASP C 316 10.35 -23.71 14.49
CA ASP C 316 9.54 -24.06 15.65
C ASP C 316 8.18 -24.62 15.24
N ALA C 317 7.38 -23.80 14.56
CA ALA C 317 6.07 -24.23 14.05
C ALA C 317 5.99 -24.21 12.53
N PHE C 318 6.99 -23.66 11.84
CA PHE C 318 7.01 -23.65 10.37
C PHE C 318 7.61 -24.95 9.84
N LYS C 319 6.98 -26.06 10.20
CA LYS C 319 7.41 -27.37 9.75
C LYS C 319 6.83 -27.75 8.39
N CYS C 320 6.04 -26.86 7.78
CA CYS C 320 5.47 -27.14 6.48
C CYS C 320 6.56 -27.28 5.43
N ILE C 321 7.51 -26.35 5.43
CA ILE C 321 8.48 -26.20 4.34
C ILE C 321 9.53 -27.29 4.32
N GLU C 322 9.50 -28.23 5.26
CA GLU C 322 10.52 -29.27 5.31
C GLU C 322 10.51 -30.10 4.03
N GLU C 323 9.32 -30.42 3.52
CA GLU C 323 9.25 -31.18 2.27
C GLU C 323 9.61 -30.31 1.08
N GLN C 324 9.25 -29.03 1.11
CA GLN C 324 9.53 -28.16 -0.03
C GLN C 324 11.02 -27.88 -0.16
N VAL C 325 11.68 -27.55 0.95
CA VAL C 325 13.10 -27.24 0.88
C VAL C 325 13.92 -28.49 0.61
N ASN C 326 13.46 -29.65 1.09
CA ASN C 326 14.19 -30.89 0.89
C ASN C 326 14.27 -31.24 -0.60
N LYS C 327 13.15 -31.05 -1.31
CA LYS C 327 13.13 -31.37 -2.74
C LYS C 327 13.95 -30.38 -3.55
N THR C 328 13.83 -29.08 -3.23
CA THR C 328 14.49 -28.06 -4.04
C THR C 328 15.99 -28.09 -3.87
N MET C 329 16.48 -28.16 -2.62
CA MET C 329 17.93 -28.22 -2.39
C MET C 329 18.53 -29.48 -2.99
N HIS C 330 17.85 -30.61 -2.85
CA HIS C 330 18.36 -31.85 -3.45
C HIS C 330 18.39 -31.76 -4.96
N GLU C 331 17.35 -31.18 -5.56
CA GLU C 331 17.31 -31.05 -7.01
C GLU C 331 18.40 -30.12 -7.52
N LYS C 332 18.59 -28.97 -6.84
CA LYS C 332 19.61 -28.02 -7.30
C LYS C 332 21.01 -28.58 -7.12
N TYR C 333 21.26 -29.30 -6.03
CA TYR C 333 22.59 -29.84 -5.78
C TYR C 333 22.97 -30.87 -6.83
N GLU C 334 22.00 -31.66 -7.31
CA GLU C 334 22.31 -32.69 -8.29
C GLU C 334 22.86 -32.08 -9.58
N ALA C 335 22.27 -30.98 -10.04
CA ALA C 335 22.75 -30.34 -11.26
C ALA C 335 24.08 -29.62 -11.05
N VAL C 336 24.53 -29.50 -9.80
CA VAL C 336 25.76 -28.79 -9.50
C VAL C 336 26.83 -29.70 -8.90
N GLN C 337 26.45 -30.89 -8.41
CA GLN C 337 27.37 -31.78 -7.71
C GLN C 337 28.54 -32.24 -8.57
N ASP C 338 28.56 -31.83 -9.84
CA ASP C 338 29.67 -32.20 -10.72
C ASP C 338 30.99 -31.62 -10.21
N ARG C 339 30.97 -30.36 -9.75
CA ARG C 339 32.18 -29.68 -9.32
C ARG C 339 32.13 -29.22 -7.87
N TYR C 340 31.09 -29.59 -7.12
CA TYR C 340 30.94 -29.15 -5.74
C TYR C 340 30.54 -30.31 -4.86
N THR C 341 30.92 -30.22 -3.59
CA THR C 341 30.52 -31.19 -2.57
C THR C 341 29.86 -30.46 -1.42
N LYS C 342 28.88 -31.12 -0.79
CA LYS C 342 28.17 -30.52 0.33
C LYS C 342 29.11 -30.35 1.52
N GLY C 343 29.24 -29.12 2.01
CA GLY C 343 30.04 -28.84 3.18
C GLY C 343 29.35 -29.10 4.50
N GLN C 344 28.08 -29.50 4.47
CA GLN C 344 27.32 -29.81 5.67
C GLN C 344 26.19 -30.75 5.28
N GLU C 345 25.60 -31.38 6.29
CA GLU C 345 24.53 -32.34 6.08
C GLU C 345 23.15 -31.80 6.42
N ALA C 346 23.07 -30.82 7.31
CA ALA C 346 21.79 -30.29 7.76
C ALA C 346 21.62 -28.84 7.29
N ILE C 347 20.40 -28.50 6.89
CA ILE C 347 20.09 -27.13 6.48
C ILE C 347 20.06 -26.23 7.71
N THR C 348 20.60 -25.02 7.56
CA THR C 348 20.67 -24.05 8.65
C THR C 348 19.72 -22.90 8.35
N TYR C 349 19.07 -22.38 9.39
CA TYR C 349 18.05 -21.36 9.25
C TYR C 349 18.44 -20.10 10.02
N PHE C 350 18.22 -18.95 9.41
CA PHE C 350 18.46 -17.65 10.02
C PHE C 350 17.22 -16.78 9.87
N ILE C 351 17.21 -15.66 10.59
CA ILE C 351 16.12 -14.70 10.53
C ILE C 351 16.72 -13.32 10.30
N THR C 352 16.26 -12.63 9.25
CA THR C 352 16.79 -11.33 8.90
C THR C 352 16.32 -10.28 9.90
N SER C 353 16.89 -9.08 9.80
CA SER C 353 16.39 -7.96 10.61
C SER C 353 14.94 -7.68 10.32
N GLY C 354 14.56 -7.69 9.04
CA GLY C 354 13.16 -7.73 8.67
C GLY C 354 12.59 -9.13 8.79
N GLY C 355 11.29 -9.24 8.54
CA GLY C 355 10.64 -10.53 8.67
C GLY C 355 10.86 -11.44 7.49
N LEU C 356 12.06 -12.01 7.38
CA LEU C 356 12.37 -12.97 6.34
C LEU C 356 13.11 -14.15 6.94
N LEU C 357 12.87 -15.33 6.37
CA LEU C 357 13.48 -16.57 6.82
C LEU C 357 14.35 -17.13 5.71
N LEU C 358 15.58 -17.50 6.04
CA LEU C 358 16.56 -17.95 5.07
C LEU C 358 16.97 -19.39 5.37
N ALA C 359 17.08 -20.20 4.32
CA ALA C 359 17.59 -21.56 4.41
C ALA C 359 18.95 -21.61 3.74
N TRP C 360 19.96 -22.07 4.47
CA TRP C 360 21.35 -21.97 4.04
C TRP C 360 21.97 -23.36 4.01
N LEU C 361 22.64 -23.68 2.91
CA LEU C 361 23.37 -24.93 2.76
C LEU C 361 24.71 -24.64 2.09
N PRO C 362 25.80 -24.58 2.86
CA PRO C 362 27.09 -24.23 2.27
C PRO C 362 27.60 -25.30 1.31
N LEU C 363 28.34 -24.85 0.31
CA LEU C 363 28.93 -25.71 -0.71
C LEU C 363 30.42 -25.46 -0.80
N THR C 364 31.19 -26.52 -1.02
CA THR C 364 32.63 -26.39 -1.17
C THR C 364 33.08 -26.97 -2.51
N PRO C 365 34.04 -26.33 -3.18
CA PRO C 365 34.50 -26.84 -4.47
C PRO C 365 35.30 -28.13 -4.31
N ARG C 366 35.32 -28.90 -5.38
CA ARG C 366 36.04 -30.17 -5.42
C ARG C 366 37.39 -29.98 -6.09
N SER C 367 38.45 -30.46 -5.43
CA SER C 367 39.81 -30.34 -5.95
C SER C 367 40.06 -31.52 -6.88
N LEU C 368 39.82 -31.31 -8.17
CA LEU C 368 40.02 -32.34 -9.17
C LEU C 368 41.50 -32.64 -9.39
N LYS C 426 2.22 -18.23 16.34
CA LYS C 426 3.20 -17.15 16.21
C LYS C 426 3.65 -17.00 14.77
N SER C 427 4.22 -15.85 14.44
CA SER C 427 4.68 -15.58 13.09
C SER C 427 5.77 -14.51 13.13
N LEU C 428 6.53 -14.44 12.05
CA LEU C 428 7.58 -13.44 11.90
C LEU C 428 7.03 -12.19 11.23
N GLY C 429 7.39 -11.03 11.77
CA GLY C 429 6.81 -9.77 11.35
C GLY C 429 7.40 -9.13 10.11
N THR C 430 7.04 -9.64 8.94
CA THR C 430 7.57 -9.10 7.70
C THR C 430 7.10 -7.66 7.49
N LEU C 431 8.04 -6.81 7.08
CA LEU C 431 7.75 -5.41 6.76
C LEU C 431 7.69 -5.24 5.25
N ASN C 432 6.73 -4.44 4.79
CA ASN C 432 6.51 -4.23 3.36
C ASN C 432 7.44 -3.10 2.87
N ASN C 433 8.74 -3.39 2.94
CA ASN C 433 9.78 -2.47 2.47
C ASN C 433 10.74 -3.27 1.60
N PRO C 434 10.43 -3.43 0.32
CA PRO C 434 11.29 -4.25 -0.56
C PRO C 434 12.52 -3.50 -1.05
N ALA C 435 12.79 -2.32 -0.50
CA ALA C 435 13.90 -1.50 -0.95
C ALA C 435 15.14 -1.60 -0.08
N THR C 436 15.00 -2.06 1.16
CA THR C 436 16.16 -2.10 2.06
C THR C 436 17.23 -3.05 1.54
N VAL C 437 16.83 -4.19 1.00
CA VAL C 437 17.80 -5.18 0.54
C VAL C 437 18.58 -4.65 -0.66
N GLN C 438 17.92 -3.89 -1.53
CA GLN C 438 18.60 -3.40 -2.73
C GLN C 438 19.53 -2.24 -2.40
N ILE C 439 19.18 -1.43 -1.39
CA ILE C 439 20.07 -0.36 -0.96
C ILE C 439 21.34 -0.96 -0.36
N GLN C 440 21.21 -2.05 0.37
CA GLN C 440 22.38 -2.69 0.97
C GLN C 440 23.32 -3.23 -0.09
N PHE C 441 22.76 -3.78 -1.18
CA PHE C 441 23.61 -4.30 -2.25
C PHE C 441 24.40 -3.19 -2.93
N ALA C 442 23.77 -2.02 -3.13
CA ALA C 442 24.45 -0.90 -3.78
C ALA C 442 25.64 -0.44 -2.95
N TYR C 443 25.45 -0.34 -1.63
CA TYR C 443 26.57 0.04 -0.75
C TYR C 443 27.62 -1.04 -0.72
N ASP C 444 27.21 -2.31 -0.63
CA ASP C 444 28.17 -3.40 -0.55
C ASP C 444 28.95 -3.56 -1.85
N SER C 445 28.28 -3.43 -2.99
CA SER C 445 28.96 -3.56 -4.26
C SER C 445 29.98 -2.45 -4.47
N LEU C 446 29.61 -1.21 -4.14
CA LEU C 446 30.53 -0.10 -4.32
C LEU C 446 31.68 -0.15 -3.32
N ARG C 447 31.46 -0.74 -2.16
CA ARG C 447 32.53 -0.87 -1.17
C ARG C 447 33.58 -1.85 -1.63
N ARG C 448 33.18 -2.95 -2.26
CA ARG C 448 34.12 -3.98 -2.66
C ARG C 448 35.10 -3.48 -3.71
N GLN C 449 34.63 -2.70 -4.68
CA GLN C 449 35.49 -2.23 -5.76
C GLN C 449 36.44 -1.12 -5.32
N ILE C 450 35.98 -0.20 -4.46
CA ILE C 450 36.85 0.86 -3.99
C ILE C 450 38.00 0.31 -3.16
N ASN C 451 37.70 -0.66 -2.28
CA ASN C 451 38.75 -1.26 -1.47
C ASN C 451 39.78 -1.99 -2.31
N ARG C 452 39.38 -2.56 -3.44
CA ARG C 452 40.33 -3.22 -4.33
C ARG C 452 41.20 -2.20 -5.07
N MET C 453 40.64 -1.05 -5.43
CA MET C 453 41.44 -0.02 -6.07
C MET C 453 42.49 0.54 -5.11
N LEU C 454 42.13 0.71 -3.84
CA LEU C 454 43.07 1.22 -2.86
C LEU C 454 44.24 0.26 -2.66
N GLY C 455 43.97 -1.04 -2.67
CA GLY C 455 45.04 -2.02 -2.56
C GLY C 455 45.98 -1.99 -3.74
N ASP C 456 45.44 -1.81 -4.95
CA ASP C 456 46.28 -1.74 -6.13
C ASP C 456 47.15 -0.48 -6.12
N LEU C 457 46.59 0.64 -5.66
CA LEU C 457 47.34 1.88 -5.60
C LEU C 457 48.43 1.81 -4.54
N ALA C 458 48.16 1.14 -3.42
CA ALA C 458 49.16 1.03 -2.36
C ALA C 458 50.36 0.23 -2.80
N ARG C 459 50.14 -0.82 -3.60
CA ARG C 459 51.25 -1.62 -4.10
C ARG C 459 52.16 -0.80 -5.02
N ALA C 460 51.56 0.02 -5.89
CA ALA C 460 52.36 0.83 -6.80
C ALA C 460 53.18 1.86 -6.05
N TRP C 461 52.59 2.48 -5.02
CA TRP C 461 53.34 3.46 -4.22
C TRP C 461 54.49 2.80 -3.48
N CYS C 462 54.30 1.55 -3.07
CA CYS C 462 55.37 0.84 -2.36
C CYS C 462 56.59 0.65 -3.23
N LEU C 463 56.38 0.28 -4.50
CA LEU C 463 57.50 0.07 -5.41
C LEU C 463 58.21 1.39 -5.72
N GLU C 464 57.45 2.47 -5.88
CA GLU C 464 58.05 3.78 -6.16
C GLU C 464 58.92 4.23 -4.99
N GLN C 465 58.44 4.05 -3.77
CA GLN C 465 59.21 4.47 -2.60
C GLN C 465 60.48 3.65 -2.46
N LYS C 466 60.44 2.37 -2.85
CA LYS C 466 61.63 1.55 -2.81
C LYS C 466 62.70 2.07 -3.75
N ARG C 467 62.30 2.49 -4.96
CA ARG C 467 63.25 3.04 -5.91
C ARG C 467 63.79 4.39 -5.43
N GLN C 468 62.93 5.23 -4.85
CA GLN C 468 63.37 6.54 -4.40
C GLN C 468 64.39 6.44 -3.27
N ASN C 469 64.38 5.34 -2.51
CA ASN C 469 65.40 5.14 -1.50
C ASN C 469 66.78 4.99 -2.13
N MET C 470 66.87 4.27 -3.25
CA MET C 470 68.15 4.10 -3.93
C MET C 470 68.65 5.43 -4.49
N VAL C 471 67.75 6.22 -5.08
CA VAL C 471 68.17 7.48 -5.69
C VAL C 471 68.65 8.47 -4.62
N LEU C 472 68.12 8.34 -3.41
CA LEU C 472 68.55 9.22 -2.33
C LEU C 472 69.94 8.83 -1.83
N ARG C 473 70.19 7.53 -1.68
CA ARG C 473 71.50 7.07 -1.24
C ARG C 473 72.57 7.40 -2.28
N GLU C 474 72.24 7.26 -3.57
CA GLU C 474 73.21 7.55 -4.63
C GLU C 474 73.63 9.01 -4.61
N LEU C 475 72.68 9.92 -4.43
CA LEU C 475 73.00 11.35 -4.45
C LEU C 475 73.72 11.80 -3.19
N THR C 476 73.61 11.04 -2.09
CA THR C 476 74.26 11.43 -0.85
C THR C 476 75.78 11.41 -0.99
N LYS C 477 76.30 10.62 -1.92
CA LYS C 477 77.74 10.52 -2.12
C LYS C 477 78.35 11.78 -2.73
N ILE C 478 77.53 12.70 -3.22
CA ILE C 478 78.04 13.91 -3.87
C ILE C 478 77.97 15.09 -2.92
N ASN C 479 76.76 15.44 -2.48
CA ASN C 479 76.53 16.60 -1.62
C ASN C 479 75.70 16.15 -0.42
N PRO C 480 76.35 15.57 0.60
CA PRO C 480 75.59 15.05 1.75
C PRO C 480 74.79 16.10 2.49
N THR C 481 75.28 17.34 2.56
CA THR C 481 74.64 18.34 3.40
C THR C 481 73.25 18.69 2.90
N THR C 482 73.13 18.97 1.60
CA THR C 482 71.84 19.37 1.04
C THR C 482 70.83 18.23 1.11
N VAL C 483 71.27 17.01 0.81
CA VAL C 483 70.36 15.87 0.83
C VAL C 483 69.85 15.61 2.24
N MET C 484 70.76 15.64 3.23
CA MET C 484 70.36 15.40 4.61
C MET C 484 69.41 16.48 5.12
N SER C 485 69.67 17.74 4.76
CA SER C 485 68.82 18.83 5.22
C SER C 485 67.40 18.68 4.71
N SER C 486 67.23 18.32 3.44
CA SER C 486 65.89 18.15 2.89
C SER C 486 65.16 16.99 3.55
N ILE C 487 65.88 15.90 3.85
CA ILE C 487 65.26 14.75 4.49
C ILE C 487 64.75 15.13 5.88
N TYR C 488 65.58 15.84 6.65
CA TYR C 488 65.19 16.21 8.00
C TYR C 488 64.12 17.30 7.99
N GLY C 489 64.20 18.22 7.04
CA GLY C 489 63.35 19.39 7.03
C GLY C 489 63.90 20.58 7.79
N LYS C 490 65.05 20.42 8.46
CA LYS C 490 65.69 21.49 9.19
C LYS C 490 67.16 21.52 8.86
N ALA C 491 67.76 22.71 8.98
CA ALA C 491 69.17 22.87 8.64
C ALA C 491 70.05 22.08 9.58
N VAL C 492 70.83 21.14 9.03
CA VAL C 492 71.75 20.32 9.78
C VAL C 492 73.06 20.24 9.02
N ALA C 493 74.02 19.50 9.58
CA ALA C 493 75.31 19.28 8.95
C ALA C 493 75.66 17.80 9.01
N ALA C 494 76.37 17.33 7.99
CA ALA C 494 76.72 15.92 7.89
C ALA C 494 78.01 15.77 7.12
N LYS C 495 78.65 14.62 7.30
CA LYS C 495 79.90 14.31 6.60
C LYS C 495 80.02 12.80 6.50
N ARG C 496 80.22 12.30 5.29
CA ARG C 496 80.22 10.86 5.01
C ARG C 496 81.65 10.34 5.11
N LEU C 497 82.04 9.97 6.33
CA LEU C 497 83.35 9.34 6.55
C LEU C 497 83.19 7.82 6.66
N GLY C 498 82.63 7.23 5.61
CA GLY C 498 82.43 5.79 5.52
C GLY C 498 81.05 5.47 5.04
N ASP C 499 80.69 4.19 5.13
CA ASP C 499 79.38 3.72 4.67
C ASP C 499 78.25 4.14 5.59
N VAL C 500 78.55 4.69 6.76
CA VAL C 500 77.53 5.18 7.70
C VAL C 500 77.72 6.68 7.84
N ILE C 501 76.67 7.43 7.54
CA ILE C 501 76.72 8.89 7.56
C ILE C 501 76.50 9.39 8.98
N SER C 502 77.38 10.26 9.45
CA SER C 502 77.28 10.84 10.78
C SER C 502 76.74 12.27 10.68
N VAL C 503 75.76 12.58 11.52
CA VAL C 503 75.08 13.87 11.50
C VAL C 503 75.55 14.68 12.70
N SER C 504 76.08 15.87 12.43
CA SER C 504 76.46 16.81 13.47
C SER C 504 75.36 17.85 13.68
N GLN C 505 75.53 18.67 14.70
CA GLN C 505 74.56 19.70 15.05
C GLN C 505 74.95 21.03 14.41
N CYS C 506 73.94 21.79 14.02
CA CYS C 506 74.13 23.07 13.34
C CYS C 506 73.94 24.21 14.34
N VAL C 507 75.01 24.97 14.57
CA VAL C 507 74.95 26.15 15.44
C VAL C 507 74.68 27.38 14.58
N PRO C 508 73.66 28.17 14.89
CA PRO C 508 73.33 29.34 14.07
C PRO C 508 73.98 30.62 14.59
N VAL C 509 73.88 31.66 13.76
CA VAL C 509 74.45 32.97 14.06
C VAL C 509 73.38 34.02 13.84
N ASN C 510 73.63 35.21 14.39
CA ASN C 510 72.70 36.33 14.30
C ASN C 510 73.14 37.29 13.19
N GLN C 511 72.14 37.91 12.55
CA GLN C 511 72.41 38.89 11.52
C GLN C 511 72.93 40.18 12.17
N ALA C 512 74.25 40.31 12.27
CA ALA C 512 74.84 41.47 12.92
C ALA C 512 75.91 42.11 12.05
N THR C 513 76.58 41.33 11.22
CA THR C 513 77.67 41.84 10.40
C THR C 513 77.79 40.99 9.15
N VAL C 514 77.67 41.61 7.98
CA VAL C 514 77.92 40.97 6.70
C VAL C 514 78.81 41.88 5.88
N THR C 515 79.78 41.29 5.18
CA THR C 515 80.69 42.01 4.32
C THR C 515 80.60 41.44 2.91
N LEU C 516 80.49 42.31 1.91
CA LEU C 516 80.34 41.91 0.52
C LEU C 516 81.39 42.65 -0.30
N ARG C 517 82.58 42.06 -0.40
CA ARG C 517 83.64 42.65 -1.23
C ARG C 517 83.23 42.57 -2.70
N LYS C 518 83.45 43.66 -3.42
CA LYS C 518 83.03 43.79 -4.81
C LYS C 518 84.07 43.28 -5.80
N SER C 519 85.19 42.73 -5.32
CA SER C 519 86.21 42.17 -6.18
C SER C 519 86.43 40.71 -5.83
N MET C 520 86.84 39.93 -6.83
CA MET C 520 87.12 38.50 -6.66
C MET C 520 88.55 38.26 -7.16
N ARG C 521 89.51 38.44 -6.26
CA ARG C 521 90.92 38.23 -6.59
C ARG C 521 91.76 38.13 -5.32
N MET C 528 89.62 28.06 -4.67
CA MET C 528 88.28 28.35 -5.12
C MET C 528 88.29 29.15 -6.43
N CYS C 529 89.48 29.64 -6.79
CA CYS C 529 89.66 30.44 -8.00
C CYS C 529 88.76 31.67 -8.01
N TYR C 530 88.59 32.28 -6.82
CA TYR C 530 87.80 33.50 -6.65
C TYR C 530 86.36 33.30 -7.14
N SER C 531 85.81 32.11 -6.90
CA SER C 531 84.44 31.83 -7.30
C SER C 531 83.45 32.35 -6.26
N ARG C 532 83.55 31.86 -5.03
CA ARG C 532 82.67 32.33 -3.97
C ARG C 532 83.25 33.58 -3.31
N PRO C 533 82.40 34.56 -2.98
CA PRO C 533 82.90 35.85 -2.49
C PRO C 533 83.57 35.70 -1.13
N LEU C 534 84.58 36.53 -0.92
CA LEU C 534 85.24 36.62 0.38
C LEU C 534 84.41 37.52 1.29
N VAL C 535 83.82 36.94 2.32
CA VAL C 535 82.90 37.66 3.21
C VAL C 535 83.37 37.49 4.65
N SER C 536 82.94 38.41 5.50
CA SER C 536 83.25 38.38 6.92
C SER C 536 81.98 38.64 7.71
N PHE C 537 81.94 38.08 8.92
CA PHE C 537 80.76 38.18 9.77
C PHE C 537 81.19 38.31 11.23
N SER C 538 80.27 38.79 12.05
CA SER C 538 80.51 38.93 13.48
C SER C 538 79.18 38.78 14.22
N PHE C 539 79.25 38.15 15.39
CA PHE C 539 78.07 37.94 16.23
C PHE C 539 76.95 37.23 15.48
N THR C 543 77.74 35.67 18.70
CA THR C 543 78.56 34.52 18.31
C THR C 543 80.01 34.94 18.08
N LYS C 544 80.70 34.20 17.22
CA LYS C 544 82.09 34.47 16.91
C LYS C 544 82.20 35.32 15.65
N THR C 545 83.43 35.70 15.30
CA THR C 545 83.70 36.47 14.09
C THR C 545 84.86 35.85 13.34
N TYR C 546 84.80 35.96 12.02
CA TYR C 546 85.83 35.41 11.13
C TYR C 546 85.55 35.93 9.72
N GLU C 547 86.33 35.44 8.77
CA GLU C 547 86.16 35.74 7.35
C GLU C 547 86.15 34.45 6.56
N GLY C 548 85.36 34.40 5.50
CA GLY C 548 85.25 33.19 4.73
C GLY C 548 84.55 33.43 3.41
N GLN C 549 84.20 32.33 2.75
CA GLN C 549 83.51 32.36 1.46
C GLN C 549 82.06 31.95 1.64
N LEU C 550 81.16 32.73 1.06
CA LEU C 550 79.74 32.45 1.16
C LEU C 550 79.41 31.10 0.52
N GLY C 551 78.60 30.31 1.23
CA GLY C 551 78.22 28.99 0.77
C GLY C 551 76.92 29.01 0.00
N THR C 552 76.07 28.02 0.28
CA THR C 552 74.78 27.88 -0.39
C THR C 552 73.67 27.81 0.64
N ASP C 553 72.47 28.24 0.22
CA ASP C 553 71.28 28.21 1.06
C ASP C 553 71.49 28.99 2.37
N ASN C 554 72.12 30.16 2.26
CA ASN C 554 72.35 31.06 3.39
C ASN C 554 73.11 30.36 4.51
N GLU C 555 74.12 29.58 4.14
CA GLU C 555 75.01 28.93 5.09
C GLU C 555 76.43 29.41 4.81
N ILE C 556 77.16 29.74 5.87
CA ILE C 556 78.49 30.33 5.76
C ILE C 556 79.51 29.38 6.36
N PHE C 557 80.65 29.26 5.70
CA PHE C 557 81.75 28.41 6.17
C PHE C 557 82.33 28.98 7.46
N ALA C 568 88.06 38.07 -18.58
CA ALA C 568 86.99 38.11 -19.57
C ALA C 568 85.64 38.39 -18.91
N THR C 569 84.57 38.25 -19.68
CA THR C 569 83.23 38.46 -19.16
C THR C 569 82.87 37.34 -18.18
N SER C 570 82.34 37.72 -17.03
CA SER C 570 82.01 36.76 -15.97
C SER C 570 80.72 37.20 -15.30
N GLN C 571 79.59 36.71 -15.81
CA GLN C 571 78.28 36.97 -15.22
C GLN C 571 77.96 35.85 -14.23
N TYR C 572 77.91 36.20 -12.94
CA TYR C 572 77.77 35.21 -11.89
C TYR C 572 76.47 35.35 -11.10
N TYR C 573 76.16 36.56 -10.62
CA TYR C 573 74.90 36.89 -9.95
C TYR C 573 74.43 35.84 -8.93
N PHE C 574 75.17 35.69 -7.83
CA PHE C 574 74.79 34.83 -6.73
C PHE C 574 73.49 35.32 -6.07
N GLN C 575 73.08 34.57 -5.05
CA GLN C 575 71.93 34.93 -4.22
C GLN C 575 72.24 34.61 -2.77
N SER C 576 71.90 35.53 -1.88
CA SER C 576 72.17 35.37 -0.46
C SER C 576 71.06 36.03 0.34
N GLY C 577 70.43 35.25 1.23
CA GLY C 577 69.32 35.78 2.00
C GLY C 577 68.18 36.20 1.10
N ASN C 578 67.49 37.26 1.49
CA ASN C 578 66.45 37.86 0.65
C ASN C 578 67.03 38.97 -0.23
N GLU C 579 68.09 38.64 -0.95
CA GLU C 579 68.80 39.61 -1.77
C GLU C 579 69.59 38.87 -2.85
N ILE C 580 69.69 39.49 -4.02
CA ILE C 580 70.44 38.96 -5.15
C ILE C 580 71.53 39.96 -5.49
N HIS C 581 72.79 39.51 -5.48
CA HIS C 581 73.93 40.33 -5.85
C HIS C 581 74.46 39.89 -7.20
N VAL C 582 74.51 40.82 -8.15
CA VAL C 582 74.92 40.52 -9.51
C VAL C 582 76.37 40.96 -9.69
N TYR C 583 77.21 40.05 -10.19
CA TYR C 583 78.62 40.32 -10.40
C TYR C 583 78.96 40.16 -11.88
N ASN C 584 79.70 41.13 -12.41
CA ASN C 584 80.21 41.06 -13.78
C ASN C 584 81.68 41.43 -13.78
N ASP C 585 82.47 40.64 -14.52
CA ASP C 585 83.92 40.84 -14.62
C ASP C 585 84.55 40.97 -13.23
N TYR C 586 84.14 40.08 -12.34
CA TYR C 586 84.60 40.07 -10.95
C TYR C 586 84.26 41.38 -10.23
N HIS C 587 83.13 41.98 -10.58
CA HIS C 587 82.70 43.23 -9.96
C HIS C 587 81.19 43.30 -9.93
N HIS C 588 80.66 43.92 -8.87
CA HIS C 588 79.22 44.02 -8.64
C HIS C 588 78.74 45.42 -8.94
N PHE C 589 77.54 45.53 -9.55
CA PHE C 589 76.98 46.84 -9.87
C PHE C 589 75.48 46.96 -9.63
N LYS C 590 74.79 45.90 -9.22
CA LYS C 590 73.35 45.97 -9.09
C LYS C 590 72.85 45.03 -8.01
N THR C 591 71.66 45.32 -7.50
CA THR C 591 71.00 44.50 -6.49
C THR C 591 69.52 44.41 -6.82
N ILE C 592 68.99 43.18 -6.89
CA ILE C 592 67.62 42.95 -7.31
C ILE C 592 66.94 42.05 -6.27
N GLU C 593 65.66 42.32 -6.04
CA GLU C 593 64.87 41.48 -5.16
C GLU C 593 64.59 40.13 -5.82
N LEU C 594 64.08 39.19 -5.02
CA LEU C 594 63.82 37.84 -5.52
C LEU C 594 62.76 37.85 -6.62
N ASP C 595 61.71 38.65 -6.45
CA ASP C 595 60.64 38.70 -7.43
C ASP C 595 61.08 39.34 -8.74
N GLY C 596 62.26 39.98 -8.77
CA GLY C 596 62.75 40.56 -10.01
C GLY C 596 63.11 39.53 -11.07
N ILE C 597 63.26 38.27 -10.68
CA ILE C 597 63.58 37.19 -11.59
C ILE C 597 62.52 36.11 -11.45
N ALA C 598 62.03 35.62 -12.59
CA ALA C 598 61.00 34.60 -12.59
C ALA C 598 61.53 33.30 -12.02
N THR C 599 60.62 32.52 -11.43
CA THR C 599 60.97 31.28 -10.74
C THR C 599 60.50 30.08 -11.54
N LEU C 600 61.41 29.15 -11.81
CA LEU C 600 61.06 27.91 -12.49
C LEU C 600 60.18 27.05 -11.58
N GLN C 601 59.22 26.37 -12.18
CA GLN C 601 58.29 25.53 -11.44
C GLN C 601 58.26 24.12 -12.02
N THR C 602 58.21 23.13 -11.13
CA THR C 602 58.06 21.72 -11.50
C THR C 602 57.10 21.11 -10.48
N PHE C 603 55.80 21.19 -10.78
CA PHE C 603 54.77 20.73 -9.84
C PHE C 603 53.71 19.92 -10.58
N ILE C 604 54.12 18.89 -11.32
CA ILE C 604 53.18 17.97 -11.92
C ILE C 604 52.22 17.51 -10.84
N SER C 605 50.94 17.85 -10.97
CA SER C 605 49.99 17.72 -9.90
C SER C 605 48.67 17.14 -10.39
N LEU C 606 47.98 16.46 -9.49
CA LEU C 606 46.65 15.96 -9.78
C LEU C 606 45.67 17.12 -9.89
N ASN C 607 44.59 16.89 -10.63
CA ASN C 607 43.50 17.84 -10.72
C ASN C 607 42.18 17.16 -10.41
N THR C 608 42.20 16.27 -9.42
CA THR C 608 40.97 15.60 -8.99
C THR C 608 40.03 16.59 -8.34
N SER C 609 38.73 16.36 -8.52
CA SER C 609 37.70 17.21 -7.96
C SER C 609 36.82 16.39 -7.02
N LEU C 610 36.50 16.99 -5.87
CA LEU C 610 35.64 16.32 -4.91
C LEU C 610 34.25 16.10 -5.52
N ILE C 611 33.61 15.00 -5.11
CA ILE C 611 32.33 14.63 -5.70
C ILE C 611 31.24 15.56 -5.15
N GLU C 612 30.26 15.85 -6.00
CA GLU C 612 29.30 16.91 -5.74
C GLU C 612 28.33 16.52 -4.63
N ASN C 613 27.41 17.44 -4.35
CA ASN C 613 26.36 17.26 -3.36
C ASN C 613 25.01 17.27 -4.05
N ILE C 614 24.19 16.27 -3.77
CA ILE C 614 22.92 16.05 -4.48
C ILE C 614 21.80 15.95 -3.46
N ASP C 615 20.71 16.68 -3.71
CA ASP C 615 19.50 16.59 -2.91
C ASP C 615 18.48 15.75 -3.67
N PHE C 616 18.23 14.54 -3.18
CA PHE C 616 17.32 13.63 -3.87
C PHE C 616 15.88 14.13 -3.81
N ALA C 617 15.19 14.04 -4.94
CA ALA C 617 13.79 14.43 -5.01
C ALA C 617 12.89 13.31 -4.52
N SER C 618 11.70 13.69 -4.06
CA SER C 618 10.72 12.75 -3.53
C SER C 618 9.62 12.54 -4.56
N LEU C 619 9.40 11.28 -4.93
CA LEU C 619 8.39 10.93 -5.92
C LEU C 619 7.64 9.69 -5.44
N GLU C 620 6.43 9.53 -5.95
CA GLU C 620 5.63 8.35 -5.67
C GLU C 620 4.77 8.04 -6.89
N LEU C 621 4.45 6.76 -7.07
CA LEU C 621 3.69 6.33 -8.23
C LEU C 621 2.19 6.56 -8.04
N TYR C 622 1.60 5.90 -7.05
CA TYR C 622 0.18 6.01 -6.77
C TYR C 622 0.00 6.65 -5.39
N SER C 623 -0.76 7.74 -5.34
CA SER C 623 -1.01 8.44 -4.09
C SER C 623 -2.07 7.69 -3.28
N ARG C 624 -2.32 8.17 -2.06
CA ARG C 624 -3.33 7.54 -1.22
C ARG C 624 -4.72 7.68 -1.83
N ASP C 625 -5.02 8.85 -2.42
CA ASP C 625 -6.33 9.06 -3.03
C ASP C 625 -6.54 8.14 -4.22
N GLU C 626 -5.49 7.91 -5.02
CA GLU C 626 -5.63 7.05 -6.19
C GLU C 626 -5.99 5.62 -5.78
N GLN C 627 -5.36 5.11 -4.72
CA GLN C 627 -5.69 3.76 -4.26
C GLN C 627 -7.07 3.71 -3.63
N ARG C 628 -7.50 4.80 -3.00
CA ARG C 628 -8.83 4.84 -2.40
C ARG C 628 -9.91 4.92 -3.46
N ALA C 629 -9.65 5.62 -4.56
CA ALA C 629 -10.62 5.80 -5.62
C ALA C 629 -10.65 4.65 -6.62
N SER C 630 -9.80 3.64 -6.44
CA SER C 630 -9.74 2.49 -7.33
C SER C 630 -10.71 1.40 -6.95
N ASN C 631 -11.73 1.71 -6.15
CA ASN C 631 -12.72 0.74 -5.69
C ASN C 631 -14.06 1.05 -6.32
N VAL C 632 -14.67 0.05 -6.94
CA VAL C 632 -15.95 0.24 -7.62
C VAL C 632 -17.06 0.48 -6.59
N PHE C 633 -17.04 -0.24 -5.48
CA PHE C 633 -18.10 -0.16 -4.49
C PHE C 633 -17.80 0.98 -3.52
N ASP C 634 -18.66 1.99 -3.52
CA ASP C 634 -18.53 3.15 -2.64
C ASP C 634 -19.35 2.88 -1.38
N LEU C 635 -18.68 2.45 -0.31
CA LEU C 635 -19.38 2.12 0.93
C LEU C 635 -20.04 3.35 1.53
N GLU C 636 -19.38 4.50 1.47
CA GLU C 636 -19.94 5.72 2.05
C GLU C 636 -21.23 6.11 1.36
N GLY C 637 -21.26 6.03 0.03
CA GLY C 637 -22.46 6.39 -0.70
C GLY C 637 -23.62 5.43 -0.44
N ILE C 638 -23.32 4.14 -0.33
CA ILE C 638 -24.38 3.15 -0.16
C ILE C 638 -25.07 3.32 1.19
N PHE C 639 -24.29 3.43 2.26
CA PHE C 639 -24.86 3.41 3.60
C PHE C 639 -25.51 4.74 3.95
N ARG C 640 -24.91 5.85 3.52
CA ARG C 640 -25.47 7.17 3.84
C ARG C 640 -26.85 7.34 3.21
N GLU C 641 -27.01 6.93 1.96
CA GLU C 641 -28.29 7.06 1.28
C GLU C 641 -29.32 6.09 1.86
N TYR C 642 -28.90 4.88 2.21
CA TYR C 642 -29.82 3.90 2.77
C TYR C 642 -30.38 4.37 4.11
N ASN C 643 -29.53 4.93 4.96
CA ASN C 643 -30.00 5.43 6.24
C ASN C 643 -30.89 6.65 6.08
N PHE C 644 -30.60 7.49 5.09
CA PHE C 644 -31.42 8.67 4.86
C PHE C 644 -32.84 8.29 4.43
N GLN C 645 -32.95 7.28 3.56
CA GLN C 645 -34.28 6.86 3.10
C GLN C 645 -35.09 6.25 4.25
N ALA C 646 -34.45 5.43 5.09
CA ALA C 646 -35.18 4.81 6.19
C ALA C 646 -35.64 5.84 7.21
N GLN C 647 -34.80 6.84 7.49
CA GLN C 647 -35.18 7.89 8.43
C GLN C 647 -36.38 8.69 7.93
N ASN C 648 -36.40 9.00 6.64
CA ASN C 648 -37.52 9.74 6.06
C ASN C 648 -38.81 8.91 6.12
N ILE C 649 -38.71 7.61 5.85
CA ILE C 649 -39.89 6.75 5.89
C ILE C 649 -40.44 6.67 7.31
N ALA C 650 -39.55 6.55 8.31
CA ALA C 650 -39.99 6.49 9.70
C ALA C 650 -40.66 7.76 10.17
N GLY C 651 -40.50 8.87 9.45
CA GLY C 651 -41.18 10.10 9.81
C GLY C 651 -42.63 10.11 9.39
N LEU C 652 -42.90 9.75 8.14
CA LEU C 652 -44.28 9.69 7.66
C LEU C 652 -45.07 8.58 8.35
N ARG C 653 -44.41 7.44 8.61
CA ARG C 653 -45.07 6.34 9.30
C ARG C 653 -45.52 6.75 10.70
N LYS C 654 -44.74 7.58 11.37
CA LYS C 654 -45.05 8.07 12.70
C LYS C 654 -45.62 9.49 12.59
N ASP C 655 -45.79 10.15 13.74
CA ASP C 655 -46.31 11.51 13.78
C ASP C 655 -45.23 12.47 13.29
N LEU C 656 -45.40 12.97 12.06
CA LEU C 656 -44.50 13.96 11.47
C LEU C 656 -45.14 15.34 11.64
N ASP C 657 -44.82 16.00 12.75
CA ASP C 657 -45.37 17.32 13.04
C ASP C 657 -44.31 18.40 12.84
N GLN D 3 -43.01 8.78 55.12
CA GLN D 3 -42.78 8.31 56.49
C GLN D 3 -41.80 7.14 56.49
N LEU D 4 -41.04 7.03 57.57
CA LEU D 4 -40.16 5.87 57.79
C LEU D 4 -40.09 5.67 59.30
N GLN D 5 -40.94 4.79 59.81
CA GLN D 5 -41.05 4.54 61.24
C GLN D 5 -40.43 3.19 61.60
N GLN D 6 -39.81 3.13 62.77
CA GLN D 6 -39.12 1.94 63.24
C GLN D 6 -39.53 1.66 64.67
N PRO D 7 -39.95 0.43 65.00
CA PRO D 7 -40.29 0.11 66.39
C PRO D 7 -39.08 -0.34 67.19
N GLY D 8 -39.08 0.04 68.47
CA GLY D 8 -37.99 -0.30 69.35
C GLY D 8 -38.42 -1.06 70.59
N ALA D 9 -37.70 -0.88 71.69
CA ALA D 9 -38.01 -1.49 72.98
C ALA D 9 -38.05 -3.02 72.87
N GLU D 10 -36.89 -3.59 72.56
CA GLU D 10 -36.75 -5.03 72.38
C GLU D 10 -35.64 -5.56 73.26
N LEU D 11 -35.79 -6.81 73.69
CA LEU D 11 -34.83 -7.50 74.53
C LEU D 11 -34.20 -8.64 73.74
N VAL D 12 -32.88 -8.73 73.78
CA VAL D 12 -32.14 -9.70 72.97
C VAL D 12 -31.56 -10.77 73.90
N ARG D 13 -31.83 -12.04 73.56
CA ARG D 13 -31.25 -13.17 74.25
C ARG D 13 -30.05 -13.65 73.46
N PRO D 14 -28.84 -13.62 74.01
CA PRO D 14 -27.68 -14.14 73.26
C PRO D 14 -27.89 -15.58 72.82
N GLY D 15 -27.51 -15.86 71.58
CA GLY D 15 -27.76 -17.15 70.98
C GLY D 15 -29.10 -17.27 70.27
N ALA D 16 -29.96 -16.27 70.37
CA ALA D 16 -31.27 -16.27 69.73
C ALA D 16 -31.32 -15.14 68.72
N SER D 17 -31.65 -15.47 67.48
CA SER D 17 -31.68 -14.47 66.42
C SER D 17 -32.83 -13.48 66.64
N VAL D 18 -32.59 -12.23 66.24
CA VAL D 18 -33.57 -11.16 66.36
C VAL D 18 -33.75 -10.51 64.99
N LYS D 19 -34.96 -10.02 64.74
CA LYS D 19 -35.30 -9.38 63.48
C LYS D 19 -35.87 -7.99 63.75
N LEU D 20 -35.48 -7.03 62.92
CA LEU D 20 -35.94 -5.65 63.02
C LEU D 20 -36.72 -5.28 61.76
N SER D 21 -37.72 -4.43 61.93
CA SER D 21 -38.61 -4.03 60.84
C SER D 21 -38.55 -2.53 60.64
N CYS D 22 -38.68 -2.11 59.38
CA CYS D 22 -38.67 -0.69 59.02
C CYS D 22 -39.79 -0.46 58.01
N LYS D 23 -40.94 0.02 58.49
CA LYS D 23 -42.10 0.22 57.63
C LYS D 23 -41.88 1.46 56.77
N ALA D 24 -42.06 1.30 55.45
CA ALA D 24 -41.92 2.39 54.50
C ALA D 24 -43.26 2.62 53.80
N SER D 25 -43.66 3.89 53.72
CA SER D 25 -44.93 4.23 53.11
C SER D 25 -44.87 5.67 52.61
N GLY D 26 -45.81 6.02 51.73
CA GLY D 26 -45.90 7.35 51.19
C GLY D 26 -45.06 7.61 49.95
N PHE D 27 -44.38 6.59 49.43
CA PHE D 27 -43.54 6.76 48.25
C PHE D 27 -43.41 5.42 47.55
N THR D 28 -42.94 5.48 46.30
CA THR D 28 -42.75 4.26 45.52
C THR D 28 -41.58 3.45 46.07
N PHE D 29 -41.88 2.25 46.55
CA PHE D 29 -40.88 1.44 47.23
C PHE D 29 -39.86 0.82 46.29
N THR D 30 -40.12 0.81 44.98
CA THR D 30 -39.24 0.17 44.00
C THR D 30 -38.42 1.19 43.22
N SER D 31 -38.00 2.28 43.88
CA SER D 31 -37.18 3.28 43.20
C SER D 31 -36.06 3.82 44.08
N TYR D 32 -35.83 3.23 45.25
CA TYR D 32 -34.80 3.69 46.17
C TYR D 32 -34.15 2.47 46.81
N TRP D 33 -33.37 2.69 47.85
CA TRP D 33 -32.74 1.61 48.60
C TRP D 33 -32.93 1.84 50.08
N ILE D 34 -32.80 0.77 50.85
CA ILE D 34 -32.83 0.82 52.31
C ILE D 34 -31.42 0.53 52.82
N ASN D 35 -30.87 1.44 53.61
CA ASN D 35 -29.56 1.27 54.21
C ASN D 35 -29.72 1.18 55.72
N TRP D 36 -29.02 0.22 56.33
CA TRP D 36 -29.06 0.02 57.77
C TRP D 36 -27.73 0.46 58.37
N VAL D 37 -27.79 1.26 59.42
CA VAL D 37 -26.60 1.80 60.07
C VAL D 37 -26.68 1.53 61.56
N LYS D 38 -25.56 1.12 62.14
CA LYS D 38 -25.47 0.82 63.57
C LYS D 38 -24.73 1.98 64.25
N GLN D 39 -25.36 2.55 65.28
CA GLN D 39 -24.80 3.68 66.02
C GLN D 39 -24.51 3.21 67.45
N ARG D 40 -23.25 2.90 67.71
CA ARG D 40 -22.84 2.59 69.07
C ARG D 40 -22.86 3.86 69.92
N PRO D 41 -23.48 3.83 71.10
CA PRO D 41 -23.53 5.04 71.93
C PRO D 41 -22.13 5.53 72.27
N GLY D 42 -21.94 6.85 72.20
CA GLY D 42 -20.65 7.44 72.46
C GLY D 42 -19.62 7.26 71.37
N GLN D 43 -20.02 6.71 70.21
CA GLN D 43 -19.11 6.46 69.11
C GLN D 43 -19.75 6.91 67.80
N GLY D 44 -18.95 6.90 66.74
CA GLY D 44 -19.42 7.32 65.44
C GLY D 44 -20.32 6.28 64.79
N LEU D 45 -21.01 6.73 63.75
CA LEU D 45 -21.94 5.85 63.04
C LEU D 45 -21.16 4.85 62.18
N GLU D 46 -21.83 3.73 61.89
CA GLU D 46 -21.22 2.67 61.10
C GLU D 46 -22.24 2.12 60.10
N TRP D 47 -21.76 1.83 58.90
CA TRP D 47 -22.61 1.31 57.82
C TRP D 47 -22.61 -0.21 57.83
N ILE D 48 -23.75 -0.79 57.50
CA ILE D 48 -23.92 -2.25 57.46
C ILE D 48 -24.10 -2.76 56.03
N GLY D 49 -25.18 -2.35 55.37
CA GLY D 49 -25.46 -2.84 54.01
C GLY D 49 -26.57 -2.06 53.33
N ASN D 50 -27.02 -2.50 52.15
CA ASN D 50 -28.05 -1.74 51.39
C ASN D 50 -28.83 -2.67 50.46
N ILE D 51 -29.95 -3.21 50.92
CA ILE D 51 -30.81 -4.08 50.07
C ILE D 51 -31.52 -3.22 49.02
N PHE D 52 -31.53 -3.66 47.77
CA PHE D 52 -32.24 -2.91 46.70
C PHE D 52 -33.61 -3.55 46.49
N PRO D 53 -34.74 -2.87 46.83
CA PRO D 53 -36.05 -3.42 46.54
C PRO D 53 -36.19 -3.55 45.02
N SER D 54 -37.28 -4.13 44.53
CA SER D 54 -37.44 -4.39 43.07
C SER D 54 -36.28 -5.26 42.60
N ASP D 55 -35.34 -5.57 43.51
CA ASP D 55 -34.17 -6.42 43.16
C ASP D 55 -33.70 -7.14 44.42
N SER D 56 -32.48 -7.71 44.39
CA SER D 56 -31.92 -8.40 45.58
C SER D 56 -30.44 -8.05 45.73
N TYR D 57 -30.06 -6.82 45.40
CA TYR D 57 -28.63 -6.41 45.47
C TYR D 57 -28.27 -6.05 46.91
N THR D 58 -28.27 -7.04 47.80
CA THR D 58 -27.93 -6.79 49.23
C THR D 58 -26.40 -6.71 49.36
N ASN D 59 -25.82 -5.53 49.14
CA ASN D 59 -24.36 -5.35 49.29
C ASN D 59 -24.05 -5.22 50.78
N TYR D 60 -23.21 -6.12 51.32
CA TYR D 60 -22.94 -6.11 52.79
C TYR D 60 -21.57 -5.49 53.07
N ASN D 61 -21.29 -5.21 54.33
CA ASN D 61 -19.99 -4.60 54.73
C ASN D 61 -18.85 -5.59 54.46
N GLN D 62 -17.60 -5.18 54.70
CA GLN D 62 -16.44 -6.03 54.49
C GLN D 62 -16.25 -7.04 55.61
N LYS D 63 -16.92 -6.89 56.75
CA LYS D 63 -16.75 -7.79 57.87
C LYS D 63 -18.05 -8.21 58.54
N PHE D 64 -19.20 -7.74 58.07
CA PHE D 64 -20.48 -8.05 58.69
C PHE D 64 -21.22 -9.18 57.98
N LYS D 65 -20.51 -9.98 57.19
CA LYS D 65 -21.17 -11.09 56.49
C LYS D 65 -21.77 -12.09 57.46
N ASP D 66 -21.04 -12.41 58.53
CA ASP D 66 -21.46 -13.44 59.48
C ASP D 66 -22.41 -12.91 60.54
N LYS D 67 -22.86 -11.66 60.43
CA LYS D 67 -23.69 -11.07 61.48
C LYS D 67 -24.94 -10.39 60.96
N ALA D 68 -25.15 -10.36 59.64
CA ALA D 68 -26.31 -9.60 59.14
C ALA D 68 -27.10 -10.36 58.09
N THR D 69 -28.39 -10.02 57.92
CA THR D 69 -29.24 -10.67 56.90
C THR D 69 -30.35 -9.70 56.52
N LEU D 70 -30.37 -9.24 55.27
CA LEU D 70 -31.39 -8.26 54.83
C LEU D 70 -32.48 -8.98 54.05
N THR D 71 -33.69 -8.42 54.01
CA THR D 71 -34.82 -9.04 53.26
C THR D 71 -35.93 -7.99 53.08
N VAL D 72 -36.86 -8.24 52.17
CA VAL D 72 -37.91 -7.22 51.89
C VAL D 72 -39.21 -7.93 51.49
N ASP D 73 -40.36 -7.30 51.78
CA ASP D 73 -41.67 -7.86 51.35
C ASP D 73 -42.32 -6.86 50.39
N LYS D 74 -42.00 -6.95 49.10
CA LYS D 74 -42.52 -5.94 48.15
C LYS D 74 -44.01 -5.71 48.43
N SER D 75 -44.75 -6.77 48.73
CA SER D 75 -46.20 -6.64 48.96
C SER D 75 -46.47 -5.79 50.21
N SER D 76 -45.73 -6.05 51.29
CA SER D 76 -45.99 -5.33 52.57
C SER D 76 -45.10 -4.08 52.66
N SER D 77 -44.35 -3.77 51.61
CA SER D 77 -43.52 -2.54 51.60
C SER D 77 -42.76 -2.42 52.92
N THR D 78 -42.07 -3.48 53.33
CA THR D 78 -41.34 -3.48 54.63
C THR D 78 -39.96 -4.10 54.44
N ALA D 79 -38.98 -3.68 55.23
CA ALA D 79 -37.63 -4.28 55.16
C ALA D 79 -37.28 -4.87 56.52
N TYR D 80 -36.36 -5.84 56.56
CA TYR D 80 -36.07 -6.51 57.84
C TYR D 80 -34.57 -6.73 58.01
N MET D 81 -34.10 -6.69 59.26
CA MET D 81 -32.66 -6.93 59.54
C MET D 81 -32.56 -8.14 60.48
N LEU D 82 -31.93 -9.22 60.01
CA LEU D 82 -31.80 -10.43 60.82
C LEU D 82 -30.38 -10.48 61.38
N LEU D 83 -30.26 -10.64 62.69
CA LEU D 83 -28.98 -10.75 63.37
C LEU D 83 -28.78 -12.19 63.81
N SER D 84 -27.62 -12.76 63.47
CA SER D 84 -27.33 -14.15 63.77
C SER D 84 -26.37 -14.24 64.95
N SER D 85 -26.78 -14.99 65.98
CA SER D 85 -26.00 -15.21 67.19
C SER D 85 -25.57 -13.89 67.83
N PRO D 86 -26.50 -13.11 68.37
CA PRO D 86 -26.11 -11.82 68.97
C PRO D 86 -25.32 -12.03 70.24
N THR D 87 -24.50 -11.03 70.57
CA THR D 87 -23.69 -11.02 71.78
C THR D 87 -24.09 -9.83 72.65
N SER D 88 -23.37 -9.64 73.74
CA SER D 88 -23.67 -8.57 74.70
C SER D 88 -22.92 -7.28 74.40
N GLU D 89 -22.01 -7.28 73.43
CA GLU D 89 -21.21 -6.10 73.11
C GLU D 89 -21.82 -5.24 72.02
N ASP D 90 -22.95 -5.66 71.44
CA ASP D 90 -23.56 -4.97 70.31
C ASP D 90 -24.80 -4.16 70.69
N SER D 91 -24.90 -3.74 71.95
CA SER D 91 -26.00 -2.89 72.39
C SER D 91 -25.85 -1.51 71.73
N ALA D 92 -26.75 -1.19 70.80
CA ALA D 92 -26.68 0.06 70.07
C ALA D 92 -28.06 0.37 69.50
N VAL D 93 -28.13 1.42 68.67
CA VAL D 93 -29.36 1.84 68.02
C VAL D 93 -29.17 1.72 66.52
N TYR D 94 -30.19 1.19 65.83
CA TYR D 94 -30.12 0.92 64.41
C TYR D 94 -31.12 1.80 63.66
N TYR D 95 -30.64 2.49 62.64
CA TYR D 95 -31.47 3.32 61.78
C TYR D 95 -31.57 2.72 60.39
N CYS D 96 -32.74 2.91 59.76
CA CYS D 96 -32.95 2.54 58.38
C CYS D 96 -33.10 3.82 57.56
N THR D 97 -32.27 3.97 56.53
CA THR D 97 -32.24 5.18 55.73
C THR D 97 -32.57 4.86 54.28
N ARG D 98 -33.10 5.85 53.57
CA ARG D 98 -33.47 5.71 52.18
C ARG D 98 -32.44 6.43 51.31
N GLY D 99 -31.94 5.72 50.29
CA GLY D 99 -30.99 6.29 49.36
C GLY D 99 -31.65 6.71 48.05
N GLY D 100 -30.82 7.20 47.14
CA GLY D 100 -31.31 7.63 45.84
C GLY D 100 -30.40 8.63 45.16
N TYR D 101 -30.27 8.52 43.84
CA TYR D 101 -29.42 9.41 43.06
C TYR D 101 -30.06 10.77 42.82
N ARG D 102 -31.18 11.07 43.47
CA ARG D 102 -31.88 12.32 43.30
C ARG D 102 -31.67 13.21 44.52
N TYR D 103 -31.50 14.51 44.27
CA TYR D 103 -31.27 15.48 45.34
C TYR D 103 -32.48 15.66 46.25
N ASP D 104 -33.64 15.13 45.87
CA ASP D 104 -34.89 15.44 46.55
C ASP D 104 -34.77 15.22 48.05
N SER D 105 -34.51 13.98 48.47
CA SER D 105 -34.44 13.70 49.90
C SER D 105 -33.79 12.34 50.13
N ASP D 106 -33.32 12.15 51.36
CA ASP D 106 -32.88 10.84 51.87
C ASP D 106 -33.34 10.81 53.33
N TYR D 107 -34.53 10.25 53.55
CA TYR D 107 -35.20 10.36 54.84
C TYR D 107 -34.60 9.35 55.81
N TRP D 108 -33.96 9.86 56.86
CA TRP D 108 -33.41 8.98 57.89
C TRP D 108 -34.51 8.44 58.78
N GLY D 109 -34.34 7.20 59.23
CA GLY D 109 -35.32 6.57 60.10
C GLY D 109 -35.23 7.12 61.51
N GLN D 110 -36.05 6.53 62.38
CA GLN D 110 -36.11 6.96 63.77
C GLN D 110 -35.03 6.30 64.62
N GLY D 111 -34.93 4.97 64.54
CA GLY D 111 -33.89 4.29 65.33
C GLY D 111 -34.51 3.36 66.35
N THR D 112 -34.07 2.11 66.33
CA THR D 112 -34.54 1.09 67.25
C THR D 112 -33.44 0.76 68.24
N THR D 113 -33.73 0.92 69.53
CA THR D 113 -32.77 0.59 70.57
C THR D 113 -32.73 -0.91 70.80
N LEU D 114 -31.53 -1.44 71.00
CA LEU D 114 -31.32 -2.86 71.21
C LEU D 114 -30.77 -3.07 72.61
N THR D 115 -31.45 -3.91 73.40
CA THR D 115 -31.06 -4.21 74.77
C THR D 115 -30.73 -5.70 74.87
N VAL D 116 -29.47 -6.01 75.12
CA VAL D 116 -29.01 -7.38 75.34
C VAL D 116 -28.31 -7.44 76.69
N SER D 117 -28.68 -8.41 77.51
CA SER D 117 -28.15 -8.54 78.86
C SER D 117 -28.31 -10.00 79.30
N SER D 118 -28.15 -10.23 80.60
CA SER D 118 -28.32 -11.57 81.16
C SER D 118 -29.78 -12.00 81.11
N GLN E 1 -12.28 1.03 50.24
CA GLN E 1 -11.96 1.18 51.65
C GLN E 1 -11.16 2.46 51.89
N ILE E 2 -11.87 3.55 52.17
CA ILE E 2 -11.25 4.85 52.44
C ILE E 2 -11.61 5.27 53.85
N VAL E 3 -10.60 5.64 54.63
CA VAL E 3 -10.79 6.05 56.02
C VAL E 3 -10.74 7.57 56.08
N LEU E 4 -11.70 8.16 56.78
CA LEU E 4 -11.81 9.62 56.90
C LEU E 4 -11.25 10.05 58.24
N THR E 5 -10.43 11.10 58.22
CA THR E 5 -9.79 11.64 59.42
C THR E 5 -10.31 13.05 59.67
N GLN E 6 -10.81 13.28 60.89
CA GLN E 6 -11.31 14.58 61.30
C GLN E 6 -10.38 15.11 62.38
N SER E 7 -9.45 15.99 61.98
CA SER E 7 -8.46 16.51 62.93
C SER E 7 -9.08 17.29 64.09
N PRO E 8 -10.04 18.20 63.88
CA PRO E 8 -10.60 18.91 65.04
C PRO E 8 -11.42 17.98 65.90
N ALA E 9 -11.23 18.08 67.22
CA ALA E 9 -11.96 17.26 68.18
C ALA E 9 -12.82 18.07 69.12
N ILE E 10 -12.25 19.07 69.80
CA ILE E 10 -12.96 19.89 70.77
C ILE E 10 -12.87 21.34 70.31
N MET E 11 -14.03 21.99 70.20
CA MET E 11 -14.07 23.40 69.82
C MET E 11 -13.98 24.32 71.05
N SER E 12 -14.94 24.20 71.97
CA SER E 12 -15.01 25.05 73.16
C SER E 12 -14.97 26.52 72.78
N ALA E 13 -15.64 26.87 71.68
CA ALA E 13 -15.62 28.21 71.15
C ALA E 13 -16.78 29.03 71.71
N SER E 14 -16.59 30.34 71.72
CA SER E 14 -17.61 31.30 72.15
C SER E 14 -18.20 31.99 70.93
N PRO E 15 -19.42 32.51 71.04
CA PRO E 15 -19.99 33.28 69.93
C PRO E 15 -19.12 34.48 69.59
N GLY E 16 -18.98 34.75 68.30
CA GLY E 16 -18.19 35.89 67.86
C GLY E 16 -17.10 35.54 66.86
N GLU E 17 -16.61 34.31 66.90
CA GLU E 17 -15.51 33.87 66.05
C GLU E 17 -15.95 32.78 65.10
N LYS E 18 -15.38 32.79 63.90
CA LYS E 18 -15.62 31.73 62.94
C LYS E 18 -14.97 30.42 63.40
N VAL E 19 -15.61 29.31 63.07
CA VAL E 19 -15.09 27.98 63.36
C VAL E 19 -15.09 27.16 62.09
N THR E 20 -13.98 26.46 61.84
CA THR E 20 -13.83 25.64 60.65
C THR E 20 -13.33 24.26 61.04
N MET E 21 -13.95 23.23 60.49
CA MET E 21 -13.56 21.84 60.70
C MET E 21 -13.30 21.20 59.35
N THR E 22 -12.17 20.51 59.24
CA THR E 22 -11.76 19.90 57.98
C THR E 22 -11.76 18.38 58.10
N CYS E 23 -12.17 17.71 57.02
CA CYS E 23 -12.18 16.26 56.94
C CYS E 23 -11.16 15.82 55.90
N SER E 24 -10.27 14.93 56.29
CA SER E 24 -9.20 14.44 55.43
C SER E 24 -9.41 12.97 55.10
N ALA E 25 -9.25 12.62 53.84
CA ALA E 25 -9.46 11.26 53.35
C ALA E 25 -8.13 10.65 52.94
N SER E 26 -7.99 9.34 53.19
CA SER E 26 -6.78 8.63 52.82
C SER E 26 -6.60 8.53 51.30
N SER E 27 -7.67 8.67 50.54
CA SER E 27 -7.61 8.58 49.08
C SER E 27 -8.56 9.59 48.48
N SER E 28 -8.49 9.72 47.16
CA SER E 28 -9.34 10.68 46.45
C SER E 28 -10.80 10.25 46.52
N VAL E 29 -11.69 11.24 46.69
CA VAL E 29 -13.12 11.00 46.76
C VAL E 29 -13.81 12.00 45.86
N THR E 30 -14.94 11.57 45.27
CA THR E 30 -15.64 12.41 44.31
C THR E 30 -16.38 13.56 45.00
N TYR E 31 -17.03 13.29 46.12
CA TYR E 31 -17.79 14.31 46.83
C TYR E 31 -17.66 14.07 48.33
N MET E 32 -18.47 14.77 49.10
CA MET E 32 -18.48 14.64 50.55
C MET E 32 -19.78 15.21 51.09
N TYR E 33 -20.30 14.58 52.15
CA TYR E 33 -21.55 14.97 52.78
C TYR E 33 -21.30 15.30 54.24
N TRP E 34 -22.08 16.24 54.77
CA TRP E 34 -21.94 16.69 56.15
C TRP E 34 -23.25 16.43 56.88
N TYR E 35 -23.16 15.76 58.03
CA TYR E 35 -24.30 15.45 58.87
C TYR E 35 -24.13 16.10 60.23
N GLN E 36 -25.21 16.68 60.75
CA GLN E 36 -25.25 17.25 62.09
C GLN E 36 -26.19 16.43 62.94
N GLN E 37 -25.69 15.93 64.07
CA GLN E 37 -26.46 15.05 64.95
C GLN E 37 -26.48 15.64 66.34
N LYS E 38 -27.64 16.17 66.74
CA LYS E 38 -27.82 16.57 68.13
C LYS E 38 -28.02 15.34 69.00
N PRO E 39 -27.68 15.43 70.29
CA PRO E 39 -27.86 14.27 71.18
C PRO E 39 -29.32 13.84 71.25
N GLY E 40 -29.53 12.53 71.27
CA GLY E 40 -30.87 11.97 71.36
C GLY E 40 -31.76 12.29 70.18
N SER E 41 -31.20 12.27 68.97
CA SER E 41 -31.99 12.53 67.76
C SER E 41 -31.24 11.97 66.56
N SER E 42 -31.98 11.78 65.48
CA SER E 42 -31.41 11.28 64.23
C SER E 42 -30.62 12.38 63.53
N PRO E 43 -29.55 12.01 62.83
CA PRO E 43 -28.77 13.01 62.10
C PRO E 43 -29.55 13.62 60.95
N ARG E 44 -29.13 14.82 60.54
CA ARG E 44 -29.75 15.54 59.45
C ARG E 44 -28.68 15.95 58.44
N LEU E 45 -29.08 16.05 57.18
CA LEU E 45 -28.18 16.41 56.10
C LEU E 45 -28.11 17.93 55.97
N LEU E 46 -26.88 18.45 55.86
CA LEU E 46 -26.65 19.88 55.71
C LEU E 46 -26.07 20.23 54.35
N ILE E 47 -24.94 19.63 53.98
CA ILE E 47 -24.24 19.95 52.74
C ILE E 47 -24.07 18.67 51.94
N TYR E 48 -24.42 18.73 50.66
CA TYR E 48 -24.17 17.63 49.74
C TYR E 48 -23.40 18.14 48.53
N ASP E 49 -22.55 17.28 47.98
CA ASP E 49 -21.67 17.60 46.87
C ASP E 49 -20.67 18.70 47.21
N THR E 50 -20.41 18.91 48.50
CA THR E 50 -19.36 19.78 49.01
C THR E 50 -19.60 21.27 48.72
N SER E 51 -20.65 21.60 47.97
CA SER E 51 -20.89 22.99 47.62
C SER E 51 -22.35 23.41 47.65
N ASN E 52 -23.29 22.50 47.91
CA ASN E 52 -24.70 22.82 47.85
C ASN E 52 -25.29 22.91 49.25
N LEU E 53 -26.55 23.31 49.30
CA LEU E 53 -27.27 23.49 50.56
C LEU E 53 -28.50 22.59 50.56
N ALA E 54 -28.76 21.96 51.71
CA ALA E 54 -29.93 21.11 51.85
C ALA E 54 -31.18 21.96 52.05
N SER E 55 -32.31 21.30 52.28
CA SER E 55 -33.59 21.98 52.45
C SER E 55 -33.76 22.38 53.91
N GLY E 56 -34.04 23.65 54.14
CA GLY E 56 -34.23 24.17 55.48
C GLY E 56 -32.96 24.64 56.17
N VAL E 57 -31.80 24.34 55.61
CA VAL E 57 -30.54 24.80 56.21
C VAL E 57 -30.35 26.28 55.88
N PRO E 58 -30.06 27.12 56.85
CA PRO E 58 -29.92 28.56 56.58
C PRO E 58 -28.65 28.87 55.80
N VAL E 59 -28.56 30.13 55.37
CA VAL E 59 -27.49 30.55 54.47
C VAL E 59 -26.13 30.46 55.15
N ARG E 60 -26.09 30.49 56.49
CA ARG E 60 -24.84 30.51 57.21
C ARG E 60 -23.95 29.31 56.86
N PHE E 61 -24.53 28.12 56.86
CA PHE E 61 -23.74 26.91 56.65
C PHE E 61 -23.24 26.83 55.22
N SER E 62 -21.95 26.59 55.05
CA SER E 62 -21.35 26.48 53.73
C SER E 62 -20.03 25.74 53.85
N GLY E 63 -19.54 25.26 52.72
CA GLY E 63 -18.28 24.53 52.70
C GLY E 63 -17.80 24.37 51.27
N SER E 64 -16.56 23.92 51.15
CA SER E 64 -15.93 23.72 49.85
C SER E 64 -14.70 22.83 50.04
N GLY E 65 -14.07 22.50 48.93
CA GLY E 65 -12.89 21.66 48.94
C GLY E 65 -12.76 20.90 47.64
N SER E 66 -11.66 20.16 47.53
CA SER E 66 -11.38 19.38 46.35
C SER E 66 -10.38 18.28 46.70
N GLY E 67 -10.32 17.28 45.83
CA GLY E 67 -9.41 16.17 46.03
C GLY E 67 -9.69 15.38 47.30
N THR E 68 -8.79 15.46 48.27
CA THR E 68 -8.95 14.79 49.55
C THR E 68 -8.99 15.78 50.72
N SER E 69 -9.23 17.05 50.44
CA SER E 69 -9.29 18.09 51.47
C SER E 69 -10.61 18.83 51.34
N TYR E 70 -11.41 18.81 52.40
CA TYR E 70 -12.68 19.51 52.44
C TYR E 70 -12.90 20.07 53.84
N SER E 71 -13.73 21.11 53.93
CA SER E 71 -14.01 21.72 55.22
C SER E 71 -15.33 22.48 55.12
N LEU E 72 -15.90 22.76 56.29
CA LEU E 72 -17.15 23.50 56.41
C LEU E 72 -16.92 24.70 57.32
N THR E 73 -17.52 25.83 56.95
CA THR E 73 -17.38 27.06 57.72
C THR E 73 -18.75 27.68 57.95
N ILE E 74 -18.88 28.38 59.09
CA ILE E 74 -20.12 29.06 59.45
C ILE E 74 -19.78 30.49 59.84
N SER E 75 -20.80 31.34 59.83
CA SER E 75 -20.62 32.78 60.05
C SER E 75 -21.08 33.22 61.43
N ARG E 76 -22.35 33.03 61.77
CA ARG E 76 -22.93 33.53 63.02
C ARG E 76 -23.36 32.35 63.87
N MET E 77 -22.51 31.95 64.80
CA MET E 77 -22.77 30.78 65.64
C MET E 77 -23.61 31.16 66.85
N GLU E 78 -24.67 30.41 67.10
CA GLU E 78 -25.52 30.58 68.26
C GLU E 78 -25.38 29.38 69.20
N ALA E 79 -26.19 29.37 70.25
CA ALA E 79 -26.12 28.28 71.23
C ALA E 79 -26.57 26.95 70.62
N GLU E 80 -27.57 27.00 69.74
CA GLU E 80 -28.12 25.77 69.17
C GLU E 80 -27.22 25.14 68.12
N ASP E 81 -26.14 25.80 67.71
CA ASP E 81 -25.19 25.24 66.76
C ASP E 81 -24.07 24.45 67.43
N ALA E 82 -24.33 23.91 68.62
CA ALA E 82 -23.36 23.09 69.35
C ALA E 82 -23.83 21.63 69.27
N ALA E 83 -23.26 20.88 68.34
CA ALA E 83 -23.62 19.48 68.14
C ALA E 83 -22.44 18.77 67.49
N THR E 84 -22.67 17.55 67.04
CA THR E 84 -21.63 16.73 66.41
C THR E 84 -21.78 16.80 64.89
N TYR E 85 -20.64 16.83 64.20
CA TYR E 85 -20.63 16.93 62.75
C TYR E 85 -19.78 15.80 62.18
N TYR E 86 -20.32 15.11 61.19
CA TYR E 86 -19.67 13.96 60.57
C TYR E 86 -19.52 14.17 59.07
N CYS E 87 -18.42 13.68 58.52
CA CYS E 87 -18.19 13.66 57.09
C CYS E 87 -18.30 12.24 56.58
N GLN E 88 -19.10 12.03 55.54
CA GLN E 88 -19.35 10.71 54.99
C GLN E 88 -19.03 10.71 53.50
N GLN E 89 -18.37 9.65 53.04
CA GLN E 89 -18.05 9.47 51.64
C GLN E 89 -19.09 8.57 50.98
N TRP E 90 -19.06 8.56 49.65
CA TRP E 90 -20.05 7.83 48.86
C TRP E 90 -19.47 7.02 47.71
N SER E 91 -18.30 7.39 47.17
CA SER E 91 -17.80 6.76 45.96
C SER E 91 -17.45 5.29 46.20
N SER E 92 -16.66 5.01 47.25
CA SER E 92 -16.34 3.62 47.57
C SER E 92 -17.55 2.95 48.20
N TYR E 93 -17.75 1.67 47.89
CA TYR E 93 -18.95 0.99 48.34
C TYR E 93 -19.08 0.93 49.86
N PRO E 94 -18.03 0.64 50.65
CA PRO E 94 -18.19 0.79 52.10
C PRO E 94 -18.37 2.26 52.49
N TYR E 95 -19.57 2.62 52.93
CA TYR E 95 -19.90 4.01 53.25
C TYR E 95 -19.25 4.37 54.58
N THR E 96 -17.94 4.62 54.51
CA THR E 96 -17.18 4.93 55.71
C THR E 96 -17.49 6.34 56.19
N PHE E 97 -17.75 6.47 57.49
CA PHE E 97 -18.03 7.76 58.11
C PHE E 97 -16.72 8.37 58.62
N GLY E 98 -16.83 9.44 59.41
CA GLY E 98 -15.69 10.10 59.98
C GLY E 98 -15.70 10.05 61.51
N GLY E 99 -14.63 10.58 62.08
CA GLY E 99 -14.50 10.57 63.54
C GLY E 99 -15.55 11.41 64.24
N GLY E 100 -15.87 12.56 63.68
CA GLY E 100 -16.83 13.46 64.28
C GLY E 100 -16.14 14.58 65.04
N THR E 101 -16.86 15.70 65.18
CA THR E 101 -16.33 16.88 65.85
C THR E 101 -17.31 17.35 66.91
N LYS E 102 -16.82 17.59 68.12
CA LYS E 102 -17.62 18.08 69.22
C LYS E 102 -17.45 19.59 69.34
N LEU E 103 -18.57 20.31 69.44
CA LEU E 103 -18.56 21.75 69.58
C LEU E 103 -19.13 22.13 70.94
N GLU E 104 -18.44 23.02 71.65
CA GLU E 104 -18.84 23.44 72.98
C GLU E 104 -18.84 24.97 73.05
N ILE E 105 -19.65 25.49 73.95
CA ILE E 105 -19.80 26.94 74.16
C ILE E 105 -19.18 27.28 75.51
N LYS E 106 -18.26 28.25 75.50
CA LYS E 106 -17.62 28.71 76.73
C LYS E 106 -17.09 30.13 76.58
N SER F 23 60.15 14.85 -33.77
CA SER F 23 60.34 14.81 -32.33
C SER F 23 61.58 15.60 -31.91
N PHE F 24 62.75 15.01 -32.14
CA PHE F 24 64.02 15.65 -31.79
C PHE F 24 64.82 15.94 -33.06
N PRO F 25 64.81 17.17 -33.55
CA PRO F 25 65.57 17.49 -34.76
C PRO F 25 67.01 17.85 -34.46
N PHE F 26 67.85 17.69 -35.48
CA PHE F 26 69.25 18.06 -35.36
C PHE F 26 69.39 19.56 -35.17
N ARG F 27 70.26 19.96 -34.25
CA ARG F 27 70.45 21.37 -33.94
C ARG F 27 71.90 21.62 -33.58
N VAL F 28 72.43 22.77 -34.02
CA VAL F 28 73.82 23.13 -33.80
C VAL F 28 73.90 24.44 -33.04
N CYS F 29 72.92 24.68 -32.15
CA CYS F 29 72.85 25.94 -31.42
C CYS F 29 74.13 26.20 -30.62
N GLU F 30 74.38 25.36 -29.61
CA GLU F 30 75.59 25.46 -28.79
C GLU F 30 75.81 26.87 -28.28
N LEU F 31 74.72 27.52 -27.86
CA LEU F 31 74.75 28.92 -27.47
C LEU F 31 74.76 29.06 -25.95
N SER F 32 75.66 29.89 -25.44
CA SER F 32 75.77 30.16 -24.02
C SER F 32 75.87 31.65 -23.74
N SER F 33 75.22 32.47 -24.57
CA SER F 33 75.26 33.91 -24.43
C SER F 33 74.14 34.37 -23.49
N HIS F 34 73.92 35.68 -23.44
CA HIS F 34 72.87 36.23 -22.59
C HIS F 34 71.49 35.84 -23.11
N GLY F 35 70.61 35.49 -22.21
CA GLY F 35 69.25 35.13 -22.56
C GLY F 35 68.33 35.22 -21.37
N ASP F 36 67.23 34.48 -21.45
CA ASP F 36 66.28 34.44 -20.35
C ASP F 36 66.89 33.72 -19.14
N LEU F 37 66.61 34.23 -17.95
CA LEU F 37 67.12 33.67 -16.71
C LEU F 37 65.98 33.03 -15.93
N PHE F 38 66.33 32.02 -15.13
CA PHE F 38 65.35 31.31 -14.32
C PHE F 38 66.03 30.80 -13.06
N ARG F 39 65.33 30.89 -11.94
CA ARG F 39 65.87 30.52 -10.64
C ARG F 39 65.01 29.43 -10.01
N PHE F 40 65.68 28.44 -9.41
CA PHE F 40 64.97 27.36 -8.74
C PHE F 40 64.30 27.87 -7.46
N SER F 41 63.10 27.35 -7.19
CA SER F 41 62.39 27.74 -5.99
C SER F 41 63.05 27.14 -4.75
N SER F 42 62.77 27.76 -3.61
CA SER F 42 63.35 27.31 -2.34
C SER F 42 62.34 26.70 -1.38
N ASP F 43 61.05 27.01 -1.54
CA ASP F 43 60.03 26.46 -0.65
C ASP F 43 58.73 26.39 -1.43
N ILE F 44 58.29 25.18 -1.75
CA ILE F 44 57.07 24.97 -2.52
C ILE F 44 55.86 25.12 -1.60
N GLN F 45 54.90 25.95 -2.01
CA GLN F 45 53.68 26.15 -1.24
C GLN F 45 52.66 25.09 -1.61
N CYS F 46 52.13 24.41 -0.60
CA CYS F 46 51.21 23.30 -0.83
C CYS F 46 49.79 23.83 -1.06
N PRO F 47 49.18 23.53 -2.21
CA PRO F 47 47.79 23.97 -2.43
C PRO F 47 46.84 23.24 -1.50
N SER F 48 45.73 23.92 -1.19
CA SER F 48 44.72 23.39 -0.29
C SER F 48 43.34 23.53 -0.92
N PHE F 49 42.43 22.64 -0.53
CA PHE F 49 41.07 22.67 -1.06
C PHE F 49 40.01 22.38 0.00
N GLY F 50 40.36 22.47 1.28
CA GLY F 50 39.37 22.25 2.32
C GLY F 50 38.36 23.37 2.41
N THR F 51 37.14 23.01 2.82
CA THR F 51 36.05 23.98 2.90
C THR F 51 34.96 23.41 3.82
N ARG F 52 34.01 24.29 4.17
CA ARG F 52 32.85 23.93 4.96
C ARG F 52 33.22 23.47 6.37
N GLU F 53 33.13 22.16 6.61
CA GLU F 53 33.35 21.58 7.93
C GLU F 53 32.55 22.31 9.01
N ASN F 54 31.29 22.59 8.70
CA ASN F 54 30.37 23.24 9.63
C ASN F 54 29.40 22.17 10.15
N HIS F 55 29.65 21.70 11.37
CA HIS F 55 28.84 20.66 11.96
C HIS F 55 28.36 21.10 13.34
N THR F 56 27.15 20.69 13.68
CA THR F 56 26.57 20.98 14.99
C THR F 56 25.72 19.81 15.42
N GLU F 57 25.81 19.45 16.70
CA GLU F 57 25.04 18.34 17.23
C GLU F 57 23.71 18.85 17.79
N GLY F 58 22.90 17.92 18.28
CA GLY F 58 21.62 18.30 18.85
C GLY F 58 20.72 17.09 19.02
N LEU F 59 19.44 17.36 19.25
CA LEU F 59 18.43 16.33 19.40
C LEU F 59 17.29 16.60 18.42
N LEU F 60 16.79 15.54 17.80
CA LEU F 60 15.80 15.65 16.74
C LEU F 60 14.62 14.73 17.00
N MET F 61 13.42 15.24 16.73
CA MET F 61 12.19 14.45 16.78
C MET F 61 11.43 14.65 15.48
N VAL F 62 10.86 13.58 14.95
CA VAL F 62 10.19 13.58 13.66
C VAL F 62 8.72 13.25 13.87
N PHE F 63 7.84 14.08 13.30
CA PHE F 63 6.40 13.89 13.39
C PHE F 63 5.83 13.70 11.99
N LYS F 64 4.81 12.86 11.89
CA LYS F 64 4.21 12.52 10.61
C LYS F 64 2.70 12.76 10.68
N ASP F 65 2.04 12.56 9.53
CA ASP F 65 0.61 12.74 9.44
C ASP F 65 -0.13 11.68 10.24
N ASN F 66 -1.34 12.03 10.68
CA ASN F 66 -2.21 11.11 11.40
C ASN F 66 -3.33 10.68 10.46
N ILE F 67 -3.51 9.38 10.32
CA ILE F 67 -4.55 8.83 9.46
C ILE F 67 -5.58 8.01 10.22
N ILE F 68 -5.38 7.77 11.51
CA ILE F 68 -6.36 7.02 12.31
C ILE F 68 -7.51 7.95 12.67
N PRO F 69 -8.76 7.58 12.36
CA PRO F 69 -9.89 8.48 12.65
C PRO F 69 -10.13 8.62 14.14
N TYR F 70 -10.74 9.75 14.51
CA TYR F 70 -11.09 10.01 15.89
C TYR F 70 -12.17 9.04 16.35
N SER F 71 -12.04 8.54 17.59
CA SER F 71 -12.92 7.52 18.11
C SER F 71 -13.40 7.88 19.50
N PHE F 72 -14.66 7.53 19.79
CA PHE F 72 -15.26 7.79 21.10
C PHE F 72 -16.38 6.80 21.33
N LYS F 73 -16.89 6.78 22.55
CA LYS F 73 -17.88 5.81 22.99
C LYS F 73 -19.26 6.45 23.05
N VAL F 74 -20.28 5.69 22.64
CA VAL F 74 -21.67 6.13 22.65
C VAL F 74 -22.52 5.09 23.34
N ARG F 75 -23.78 5.45 23.58
CA ARG F 75 -24.77 4.56 24.18
C ARG F 75 -26.13 4.87 23.59
N SER F 76 -26.91 3.83 23.32
CA SER F 76 -28.19 3.98 22.64
C SER F 76 -29.33 3.39 23.47
N TYR F 77 -30.47 4.09 23.45
CA TYR F 77 -31.70 3.64 24.08
C TYR F 77 -32.80 3.52 23.04
N THR F 78 -33.64 2.50 23.17
CA THR F 78 -34.76 2.33 22.25
C THR F 78 -35.85 1.51 22.92
N LYS F 79 -37.06 1.60 22.38
CA LYS F 79 -38.21 0.85 22.84
C LYS F 79 -38.81 0.10 21.67
N ILE F 80 -38.95 -1.22 21.81
CA ILE F 80 -39.41 -2.08 20.73
C ILE F 80 -40.81 -2.58 21.06
N VAL F 81 -41.73 -2.39 20.13
CA VAL F 81 -43.11 -2.84 20.27
C VAL F 81 -43.43 -3.78 19.11
N THR F 82 -43.98 -4.95 19.42
CA THR F 82 -44.31 -5.96 18.43
C THR F 82 -45.78 -6.30 18.50
N ASN F 83 -46.41 -6.45 17.34
CA ASN F 83 -47.81 -6.81 17.24
C ASN F 83 -47.94 -8.13 16.49
N ILE F 84 -48.67 -9.08 17.09
CA ILE F 84 -48.91 -10.38 16.49
C ILE F 84 -50.39 -10.48 16.13
N LEU F 85 -50.99 -9.33 15.80
CA LEU F 85 -52.43 -9.26 15.61
C LEU F 85 -52.91 -10.14 14.45
N ILE F 86 -52.04 -10.42 13.49
CA ILE F 86 -52.41 -11.25 12.34
C ILE F 86 -52.13 -12.70 12.73
N TYR F 87 -53.11 -13.32 13.39
CA TYR F 87 -53.04 -14.73 13.75
C TYR F 87 -53.61 -15.64 12.69
N ASN F 88 -54.26 -15.08 11.65
CA ASN F 88 -54.82 -15.84 10.54
C ASN F 88 -55.79 -16.92 11.02
N GLY F 89 -56.87 -16.46 11.67
CA GLY F 89 -57.89 -17.40 12.11
C GLY F 89 -58.56 -18.11 10.97
N HIS F 90 -58.95 -17.36 9.93
CA HIS F 90 -59.58 -17.89 8.72
C HIS F 90 -60.74 -18.85 9.02
N SER F 94 -53.56 -21.21 9.54
CA SER F 94 -53.11 -21.25 10.92
C SER F 94 -51.64 -20.85 11.03
N VAL F 95 -51.32 -19.62 10.61
CA VAL F 95 -49.96 -19.10 10.64
C VAL F 95 -49.99 -17.72 11.28
N THR F 96 -48.82 -17.27 11.73
CA THR F 96 -48.67 -16.00 12.40
C THR F 96 -47.86 -15.05 11.54
N ASN F 97 -48.37 -13.83 11.37
CA ASN F 97 -47.70 -12.78 10.59
C ASN F 97 -47.60 -11.55 11.48
N ARG F 98 -46.47 -11.39 12.16
CA ARG F 98 -46.28 -10.33 13.13
C ARG F 98 -45.36 -9.25 12.56
N HIS F 99 -45.69 -7.99 12.86
CA HIS F 99 -44.87 -6.85 12.49
C HIS F 99 -44.52 -6.06 13.74
N GLU F 100 -43.30 -5.54 13.78
CA GLU F 100 -42.79 -4.83 14.95
C GLU F 100 -42.50 -3.37 14.60
N GLU F 101 -42.23 -2.59 15.64
CA GLU F 101 -41.90 -1.19 15.48
C GLU F 101 -40.98 -0.77 16.63
N LYS F 102 -40.22 0.29 16.40
CA LYS F 102 -39.29 0.82 17.39
C LYS F 102 -39.54 2.30 17.60
N PHE F 103 -39.27 2.78 18.81
CA PHE F 103 -39.53 4.15 19.17
C PHE F 103 -38.40 4.69 20.03
N SER F 104 -38.34 6.01 20.14
CA SER F 104 -37.32 6.68 20.93
C SER F 104 -37.69 6.68 22.40
N VAL F 105 -36.86 7.34 23.21
CA VAL F 105 -37.07 7.46 24.65
C VAL F 105 -36.99 8.94 25.02
N GLU F 106 -37.84 9.32 25.98
CA GLU F 106 -37.89 10.73 26.40
C GLU F 106 -36.85 10.99 27.48
N SER F 107 -36.75 12.24 27.92
CA SER F 107 -35.74 12.65 28.88
C SER F 107 -35.92 12.02 30.26
N TYR F 108 -37.14 12.04 30.78
CA TYR F 108 -37.39 11.57 32.14
C TYR F 108 -37.05 10.09 32.27
N GLU F 109 -37.26 9.32 31.21
CA GLU F 109 -36.97 7.89 31.27
C GLU F 109 -35.47 7.61 31.18
N THR F 110 -34.74 8.40 30.39
CA THR F 110 -33.31 8.17 30.23
C THR F 110 -32.56 8.40 31.54
N ASP F 111 -33.06 9.30 32.39
CA ASP F 111 -32.45 9.50 33.70
C ASP F 111 -32.59 8.24 34.57
N GLN F 112 -33.69 7.51 34.41
CA GLN F 112 -33.91 6.31 35.20
C GLN F 112 -33.00 5.18 34.73
N MET F 113 -32.88 4.99 33.41
CA MET F 113 -32.09 3.88 32.89
C MET F 113 -30.61 4.04 33.23
N ASP F 114 -30.09 5.25 33.10
CA ASP F 114 -28.64 5.45 33.24
C ASP F 114 -28.16 5.22 34.66
N THR F 115 -28.99 5.52 35.65
CA THR F 115 -28.58 5.46 37.05
C THR F 115 -29.09 4.23 37.79
N ILE F 116 -30.38 3.95 37.70
CA ILE F 116 -30.99 2.86 38.46
C ILE F 116 -31.35 1.66 37.61
N TYR F 117 -31.28 1.77 36.28
CA TYR F 117 -31.57 0.66 35.36
C TYR F 117 -33.01 0.15 35.53
N GLN F 118 -33.95 1.05 35.27
CA GLN F 118 -35.37 0.73 35.33
C GLN F 118 -36.09 1.52 34.23
N CYS F 119 -37.10 0.91 33.63
CA CYS F 119 -37.83 1.54 32.55
C CYS F 119 -39.31 1.22 32.67
N TYR F 120 -40.13 2.06 32.04
CA TYR F 120 -41.59 1.90 32.04
C TYR F 120 -42.01 1.14 30.79
N ASN F 121 -42.83 0.11 30.98
CA ASN F 121 -43.31 -0.72 29.87
C ASN F 121 -44.67 -0.21 29.38
N ALA F 122 -44.64 0.98 28.80
CA ALA F 122 -45.85 1.61 28.28
C ALA F 122 -45.46 2.69 27.28
N VAL F 123 -45.97 2.58 26.05
CA VAL F 123 -45.65 3.52 24.98
C VAL F 123 -46.92 4.27 24.59
N LYS F 124 -46.76 5.58 24.36
CA LYS F 124 -47.85 6.44 23.95
C LYS F 124 -47.47 7.14 22.66
N MET F 125 -48.36 7.10 21.67
CA MET F 125 -48.16 7.75 20.38
C MET F 125 -49.28 8.75 20.13
N THR F 126 -49.25 9.35 18.95
CA THR F 126 -50.24 10.34 18.55
C THR F 126 -50.28 10.39 17.03
N LYS F 127 -51.48 10.48 16.47
CA LYS F 127 -51.63 10.60 15.01
C LYS F 127 -52.98 11.25 14.73
N ASP F 128 -52.95 12.48 14.23
CA ASP F 128 -54.17 13.23 13.87
C ASP F 128 -55.13 13.31 15.06
N GLY F 129 -54.59 13.54 16.25
CA GLY F 129 -55.37 13.61 17.45
C GLY F 129 -55.74 12.29 18.06
N LEU F 130 -55.31 11.18 17.48
CA LEU F 130 -55.60 9.84 17.99
C LEU F 130 -54.37 9.31 18.70
N THR F 131 -54.52 8.94 19.97
CA THR F 131 -53.43 8.44 20.78
C THR F 131 -53.65 6.97 21.12
N ARG F 132 -52.61 6.16 20.98
CA ARG F 132 -52.67 4.74 21.26
C ARG F 132 -51.69 4.41 22.38
N VAL F 133 -52.15 3.64 23.35
CA VAL F 133 -51.35 3.27 24.52
C VAL F 133 -51.32 1.75 24.61
N TYR F 134 -50.13 1.18 24.75
CA TYR F 134 -49.96 -0.26 24.88
C TYR F 134 -49.13 -0.55 26.12
N VAL F 135 -49.41 -1.70 26.74
CA VAL F 135 -48.67 -2.18 27.90
C VAL F 135 -48.27 -3.61 27.65
N ASP F 136 -47.19 -4.05 28.31
CA ASP F 136 -46.75 -5.42 28.19
C ASP F 136 -47.78 -6.37 28.80
N ARG F 137 -48.18 -7.38 28.02
CA ARG F 137 -49.21 -8.33 28.41
C ARG F 137 -50.52 -7.63 28.79
N ASP F 138 -50.75 -6.45 28.20
CA ASP F 138 -51.94 -5.64 28.46
C ASP F 138 -52.11 -5.36 29.95
N GLY F 139 -51.01 -4.99 30.59
CA GLY F 139 -51.03 -4.67 32.00
C GLY F 139 -51.29 -3.19 32.27
N VAL F 140 -50.47 -2.59 33.12
CA VAL F 140 -50.60 -1.18 33.48
C VAL F 140 -49.21 -0.57 33.59
N ASN F 141 -49.18 0.75 33.76
CA ASN F 141 -47.94 1.50 33.93
C ASN F 141 -47.18 0.98 35.15
N ILE F 142 -46.02 0.34 34.91
CA ILE F 142 -45.25 -0.28 35.97
C ILE F 142 -43.77 -0.17 35.62
N THR F 143 -42.92 -0.39 36.61
CA THR F 143 -41.47 -0.30 36.46
C THR F 143 -40.87 -1.69 36.36
N VAL F 144 -40.06 -1.92 35.33
CA VAL F 144 -39.38 -3.19 35.13
C VAL F 144 -37.88 -2.93 35.14
N ASN F 145 -37.13 -3.98 35.49
CA ASN F 145 -35.68 -3.88 35.59
C ASN F 145 -35.02 -4.25 34.26
N LEU F 146 -33.74 -3.94 34.15
CA LEU F 146 -32.93 -4.27 32.99
C LEU F 146 -31.82 -5.22 33.41
N LYS F 147 -31.58 -6.25 32.62
CA LYS F 147 -30.61 -7.28 32.94
C LYS F 147 -29.63 -7.46 31.80
N PRO F 148 -28.41 -7.89 32.10
CA PRO F 148 -27.43 -8.14 31.03
C PRO F 148 -27.89 -9.25 30.11
N THR F 149 -27.50 -9.14 28.84
CA THR F 149 -27.86 -10.11 27.81
C THR F 149 -26.59 -10.58 27.13
N GLY F 150 -26.46 -11.90 26.94
CA GLY F 150 -25.30 -12.45 26.29
C GLY F 150 -25.22 -12.08 24.82
N GLY F 151 -24.01 -12.15 24.28
CA GLY F 151 -23.81 -11.79 22.89
C GLY F 151 -22.44 -12.22 22.42
N LEU F 152 -22.07 -11.68 21.25
CA LEU F 152 -20.79 -12.02 20.64
C LEU F 152 -19.63 -11.54 21.51
N ALA F 153 -18.56 -12.33 21.54
CA ALA F 153 -17.38 -11.96 22.30
C ALA F 153 -16.69 -10.77 21.66
N ASN F 154 -16.24 -9.83 22.50
CA ASN F 154 -15.55 -8.62 22.07
C ASN F 154 -16.39 -7.83 21.06
N GLY F 155 -17.56 -7.41 21.53
CA GLY F 155 -18.46 -6.62 20.70
C GLY F 155 -19.22 -5.59 21.49
N VAL F 156 -20.52 -5.49 21.26
CA VAL F 156 -21.37 -4.59 21.99
C VAL F 156 -21.96 -5.31 23.19
N ARG F 157 -22.33 -4.54 24.22
CA ARG F 157 -22.95 -5.07 25.42
C ARG F 157 -24.39 -4.57 25.47
N ARG F 158 -25.33 -5.48 25.74
CA ARG F 158 -26.75 -5.16 25.71
C ARG F 158 -27.38 -5.45 27.06
N TYR F 159 -28.25 -4.55 27.49
CA TYR F 159 -29.09 -4.74 28.67
C TYR F 159 -30.54 -4.66 28.23
N ALA F 160 -31.32 -5.70 28.53
CA ALA F 160 -32.69 -5.80 28.07
C ALA F 160 -33.59 -6.25 29.21
N SER F 161 -34.86 -5.89 29.10
CA SER F 161 -35.87 -6.31 30.06
C SER F 161 -36.60 -7.55 29.54
N GLN F 162 -37.20 -8.29 30.47
CA GLN F 162 -37.92 -9.49 30.12
C GLN F 162 -39.15 -9.16 29.27
N THR F 163 -39.52 -10.11 28.41
CA THR F 163 -40.67 -9.92 27.54
C THR F 163 -41.96 -10.22 28.31
N GLU F 164 -43.07 -10.32 27.60
CA GLU F 164 -44.35 -10.60 28.23
C GLU F 164 -44.36 -12.00 28.81
N LEU F 165 -45.18 -12.18 29.87
CA LEU F 165 -45.27 -13.49 30.52
C LEU F 165 -45.86 -14.53 29.58
N TYR F 166 -46.91 -14.17 28.85
CA TYR F 166 -47.56 -15.11 27.94
C TYR F 166 -48.33 -14.33 26.89
N ASP F 167 -48.70 -15.03 25.82
CA ASP F 167 -49.50 -14.47 24.72
C ASP F 167 -50.66 -15.43 24.48
N ALA F 168 -51.75 -15.22 25.22
CA ALA F 168 -52.90 -16.11 25.12
C ALA F 168 -53.61 -15.88 23.79
N PRO F 169 -54.13 -16.93 23.16
CA PRO F 169 -54.88 -16.77 21.92
C PRO F 169 -56.18 -16.00 22.14
N GLY F 170 -56.59 -15.26 21.11
CA GLY F 170 -57.81 -14.49 21.18
C GLY F 170 -58.86 -14.95 20.19
N ARG F 171 -59.44 -14.01 19.44
CA ARG F 171 -60.47 -14.34 18.47
C ARG F 171 -59.83 -14.78 17.15
N VAL F 172 -60.66 -15.10 16.16
CA VAL F 172 -60.12 -15.59 14.86
C VAL F 172 -60.78 -14.83 13.70
N GLU F 173 -60.63 -15.35 12.47
CA GLU F 173 -61.26 -14.70 11.29
C GLU F 173 -60.77 -13.26 11.17
N ALA F 174 -61.66 -12.35 10.78
CA ALA F 174 -61.28 -10.92 10.60
C ALA F 174 -60.48 -10.45 11.82
N THR F 175 -61.05 -10.58 13.02
CA THR F 175 -60.38 -10.08 14.22
C THR F 175 -59.59 -11.23 14.82
N TYR F 176 -58.38 -11.43 14.29
CA TYR F 176 -57.52 -12.50 14.78
C TYR F 176 -56.96 -12.15 16.15
N ARG F 177 -56.23 -13.09 16.74
CA ARG F 177 -55.63 -12.87 18.04
C ARG F 177 -54.61 -11.74 17.99
N THR F 178 -54.73 -10.79 18.90
CA THR F 178 -53.87 -9.62 18.95
C THR F 178 -53.05 -9.65 20.23
N ARG F 179 -51.73 -9.53 20.09
CA ARG F 179 -50.81 -9.52 21.22
C ARG F 179 -49.93 -8.27 21.14
N THR F 180 -49.65 -7.68 22.31
CA THR F 180 -48.82 -6.49 22.41
C THR F 180 -47.68 -6.75 23.37
N THR F 181 -46.46 -6.42 22.95
CA THR F 181 -45.28 -6.56 23.77
C THR F 181 -44.41 -5.33 23.64
N VAL F 182 -43.72 -4.98 24.72
CA VAL F 182 -42.81 -3.83 24.74
C VAL F 182 -41.53 -4.24 25.46
N ASN F 183 -40.40 -3.81 24.93
CA ASN F 183 -39.09 -4.14 25.50
C ASN F 183 -38.23 -2.89 25.57
N CYS F 184 -37.31 -2.89 26.52
CA CYS F 184 -36.35 -1.80 26.71
C CYS F 184 -34.96 -2.32 26.38
N LEU F 185 -34.20 -1.54 25.62
CA LEU F 185 -32.88 -1.97 25.15
C LEU F 185 -31.85 -0.89 25.41
N ILE F 186 -30.64 -1.31 25.77
CA ILE F 186 -29.51 -0.43 25.97
C ILE F 186 -28.29 -1.06 25.32
N THR F 187 -27.57 -0.30 24.50
CA THR F 187 -26.42 -0.79 23.77
C THR F 187 -25.25 0.17 23.91
N ASP F 188 -24.05 -0.38 24.05
CA ASP F 188 -22.82 0.40 24.14
C ASP F 188 -21.88 -0.01 23.02
N MET F 189 -21.41 0.96 22.26
CA MET F 189 -20.51 0.69 21.14
C MET F 189 -19.57 1.88 20.99
N MET F 190 -18.90 1.97 19.84
CA MET F 190 -17.95 3.03 19.56
C MET F 190 -18.31 3.68 18.23
N ALA F 191 -17.81 4.90 18.03
CA ALA F 191 -18.06 5.65 16.82
C ALA F 191 -16.75 6.26 16.32
N LYS F 192 -16.70 6.52 15.02
CA LYS F 192 -15.49 7.04 14.39
C LYS F 192 -15.85 8.18 13.43
N SER F 193 -14.92 9.13 13.30
CA SER F 193 -15.12 10.27 12.42
C SER F 193 -13.78 10.69 11.83
N ASN F 194 -13.83 11.37 10.69
CA ASN F 194 -12.65 11.68 9.92
C ASN F 194 -12.18 13.12 10.15
N SER F 195 -11.20 13.56 9.36
CA SER F 195 -10.55 14.84 9.61
C SER F 195 -11.48 16.04 9.48
N PRO F 196 -12.28 16.20 8.42
CA PRO F 196 -13.13 17.40 8.32
C PRO F 196 -14.29 17.40 9.31
N PHE F 197 -14.63 16.26 9.91
CA PHE F 197 -15.71 16.15 10.89
C PHE F 197 -17.05 16.60 10.30
N ASP F 198 -17.51 15.84 9.31
CA ASP F 198 -18.82 16.07 8.71
C ASP F 198 -19.88 15.09 9.20
N PHE F 199 -19.48 13.90 9.64
CA PHE F 199 -20.41 12.89 10.14
C PHE F 199 -19.59 11.85 10.89
N PHE F 200 -20.29 10.99 11.62
CA PHE F 200 -19.65 9.88 12.30
C PHE F 200 -20.54 8.65 12.21
N VAL F 201 -19.91 7.47 12.29
CA VAL F 201 -20.57 6.19 12.09
C VAL F 201 -20.35 5.32 13.33
N THR F 202 -21.42 4.71 13.83
CA THR F 202 -21.31 3.82 14.97
C THR F 202 -20.87 2.43 14.51
N THR F 203 -20.76 1.52 15.47
CA THR F 203 -20.28 0.17 15.17
C THR F 203 -21.28 -0.60 14.31
N THR F 204 -22.56 -0.56 14.69
CA THR F 204 -23.57 -1.34 13.98
C THR F 204 -23.86 -0.80 12.59
N GLY F 205 -23.36 0.38 12.24
CA GLY F 205 -23.53 0.89 10.90
C GLY F 205 -24.62 1.93 10.75
N GLN F 206 -24.72 2.84 11.72
CA GLN F 206 -25.68 3.93 11.68
C GLN F 206 -24.93 5.25 11.59
N THR F 207 -25.31 6.08 10.63
CA THR F 207 -24.61 7.34 10.36
C THR F 207 -25.42 8.52 10.88
N VAL F 208 -24.72 9.49 11.46
CA VAL F 208 -25.32 10.71 11.97
C VAL F 208 -24.63 11.88 11.31
N GLU F 209 -25.40 12.79 10.71
CA GLU F 209 -24.86 13.91 9.94
C GLU F 209 -24.67 15.10 10.88
N MET F 210 -23.61 15.03 11.69
CA MET F 210 -23.29 16.08 12.65
C MET F 210 -21.87 15.87 13.15
N SER F 211 -21.14 16.96 13.30
CA SER F 211 -19.80 16.88 13.87
C SER F 211 -19.89 16.51 15.35
N PRO F 212 -19.04 15.60 15.82
CA PRO F 212 -19.12 15.17 17.23
C PRO F 212 -18.78 16.26 18.24
N PHE F 213 -18.19 17.37 17.81
CA PHE F 213 -17.80 18.45 18.71
C PHE F 213 -18.83 19.56 18.78
N TYR F 214 -19.96 19.43 18.09
CA TYR F 214 -20.99 20.46 18.11
C TYR F 214 -21.61 20.57 19.50
N ASP F 215 -21.89 21.80 19.93
CA ASP F 215 -22.47 22.03 21.24
C ASP F 215 -23.62 23.02 21.24
N GLY F 216 -24.11 23.43 20.07
CA GLY F 216 -25.23 24.32 19.96
C GLY F 216 -24.89 25.78 19.73
N LYS F 217 -23.65 26.19 20.03
CA LYS F 217 -23.23 27.56 19.81
C LYS F 217 -21.90 27.65 19.06
N ASN F 218 -21.46 26.56 18.45
CA ASN F 218 -20.19 26.53 17.73
C ASN F 218 -20.43 26.77 16.24
N THR F 219 -19.37 26.62 15.45
CA THR F 219 -19.45 26.73 13.99
C THR F 219 -19.33 25.37 13.31
N GLU F 220 -19.37 24.28 14.07
CA GLU F 220 -19.24 22.96 13.48
C GLU F 220 -20.50 22.60 12.70
N THR F 221 -20.35 21.63 11.79
CA THR F 221 -21.45 21.25 10.92
C THR F 221 -22.55 20.56 11.72
N PHE F 222 -23.79 20.92 11.42
CA PHE F 222 -24.96 20.31 12.08
C PHE F 222 -26.12 20.35 11.07
N HIS F 223 -26.32 19.24 10.38
CA HIS F 223 -27.34 19.14 9.35
C HIS F 223 -28.56 18.35 9.79
N GLU F 224 -28.68 18.03 11.07
CA GLU F 224 -29.81 17.28 11.58
C GLU F 224 -30.95 18.25 11.92
N ARG F 225 -32.05 17.69 12.45
CA ARG F 225 -33.21 18.50 12.80
C ARG F 225 -32.88 19.41 13.98
N ALA F 226 -33.38 20.63 13.93
CA ALA F 226 -33.02 21.63 14.92
C ALA F 226 -33.52 21.26 16.31
N ASP F 227 -34.76 20.78 16.41
CA ASP F 227 -35.37 20.48 17.70
C ASP F 227 -35.14 19.02 18.10
N SER F 228 -33.89 18.58 18.02
CA SER F 228 -33.52 17.23 18.42
C SER F 228 -32.28 17.17 19.30
N PHE F 229 -31.42 18.19 19.28
CA PHE F 229 -30.16 18.17 20.01
C PHE F 229 -30.26 19.07 21.23
N HIS F 230 -29.92 18.51 22.40
CA HIS F 230 -29.87 19.29 23.62
C HIS F 230 -28.80 18.68 24.52
N VAL F 231 -28.08 19.52 25.25
CA VAL F 231 -26.92 19.12 26.03
C VAL F 231 -27.21 19.36 27.51
N ARG F 232 -26.98 18.35 28.33
CA ARG F 232 -27.17 18.44 29.77
C ARG F 232 -25.83 18.58 30.48
N THR F 233 -25.84 19.34 31.56
CA THR F 233 -24.64 19.56 32.37
C THR F 233 -24.83 18.95 33.75
N ASN F 234 -23.72 18.50 34.33
CA ASN F 234 -23.71 17.82 35.62
C ASN F 234 -24.62 16.60 35.59
N TYR F 235 -24.27 15.67 34.71
CA TYR F 235 -25.05 14.46 34.47
C TYR F 235 -24.35 13.27 35.09
N LYS F 236 -25.08 12.49 35.87
CA LYS F 236 -24.53 11.33 36.57
C LYS F 236 -24.95 10.05 35.83
N ILE F 237 -23.97 9.27 35.40
CA ILE F 237 -24.20 7.99 34.75
C ILE F 237 -23.27 6.97 35.39
N VAL F 238 -23.83 5.82 35.78
CA VAL F 238 -23.09 4.80 36.49
C VAL F 238 -23.23 3.47 35.76
N ASP F 239 -22.26 2.59 35.99
CA ASP F 239 -22.28 1.27 35.36
C ASP F 239 -23.13 0.30 36.16
N TYR F 240 -23.35 -0.89 35.58
CA TYR F 240 -24.23 -1.87 36.20
C TYR F 240 -23.64 -2.39 37.51
N ASP F 241 -22.33 -2.64 37.54
CA ASP F 241 -21.72 -3.28 38.70
C ASP F 241 -21.66 -2.39 39.93
N ASN F 242 -21.82 -1.07 39.77
CA ASN F 242 -21.65 -0.16 40.88
C ASN F 242 -22.92 0.64 41.16
N ARG F 243 -24.07 -0.01 41.15
CA ARG F 243 -25.32 0.66 41.48
C ARG F 243 -25.33 1.00 42.97
N GLY F 244 -25.18 2.28 43.30
CA GLY F 244 -25.16 2.70 44.68
C GLY F 244 -24.00 3.61 45.01
N THR F 245 -23.25 4.02 43.99
CA THR F 245 -22.12 4.93 44.14
C THR F 245 -22.31 6.10 43.18
N ASN F 246 -22.06 7.32 43.67
CA ASN F 246 -22.26 8.47 42.79
C ASN F 246 -20.99 8.78 42.02
N PRO F 247 -21.05 8.85 40.69
CA PRO F 247 -19.85 9.21 39.92
C PRO F 247 -19.70 10.71 39.76
N GLN F 248 -18.64 11.13 39.07
CA GLN F 248 -18.40 12.55 38.84
C GLN F 248 -19.31 13.06 37.74
N GLY F 249 -19.89 14.24 37.96
CA GLY F 249 -20.73 14.84 36.94
C GLY F 249 -19.93 15.23 35.71
N GLU F 250 -20.61 15.17 34.56
CA GLU F 250 -19.97 15.45 33.29
C GLU F 250 -20.95 16.24 32.42
N ARG F 251 -20.60 16.39 31.15
CA ARG F 251 -21.42 17.10 30.17
C ARG F 251 -21.74 16.14 29.03
N ARG F 252 -23.01 15.78 28.90
CA ARG F 252 -23.44 14.80 27.90
C ARG F 252 -24.35 15.47 26.89
N ALA F 253 -24.29 14.98 25.65
CA ALA F 253 -25.09 15.50 24.55
C ALA F 253 -26.07 14.42 24.09
N PHE F 254 -27.32 14.80 23.91
CA PHE F 254 -28.38 13.87 23.53
C PHE F 254 -28.90 14.21 22.14
N LEU F 255 -29.33 13.19 21.42
CA LEU F 255 -29.86 13.36 20.07
C LEU F 255 -30.95 12.32 19.84
N ASP F 256 -32.07 12.76 19.27
CA ASP F 256 -33.21 11.89 18.99
C ASP F 256 -33.28 11.63 17.50
N LYS F 257 -33.14 10.37 17.11
CA LYS F 257 -33.14 9.97 15.71
C LYS F 257 -34.47 9.38 15.27
N GLY F 258 -35.51 9.50 16.08
CA GLY F 258 -36.82 8.96 15.74
C GLY F 258 -36.99 7.50 16.10
N THR F 259 -36.07 6.65 15.66
CA THR F 259 -36.13 5.23 15.96
C THR F 259 -35.38 4.88 17.24
N TYR F 260 -34.42 5.70 17.65
CA TYR F 260 -33.62 5.44 18.84
C TYR F 260 -33.13 6.76 19.39
N THR F 261 -32.30 6.69 20.44
CA THR F 261 -31.69 7.87 21.05
C THR F 261 -30.21 7.60 21.25
N LEU F 262 -29.39 8.63 21.06
CA LEU F 262 -27.95 8.53 21.17
C LEU F 262 -27.43 9.56 22.17
N SER F 263 -26.37 9.19 22.88
CA SER F 263 -25.75 10.10 23.83
C SER F 263 -24.27 9.82 23.90
N TRP F 264 -23.48 10.88 24.05
CA TRP F 264 -22.03 10.76 24.16
C TRP F 264 -21.50 11.93 24.97
N LYS F 265 -20.30 11.75 25.52
CA LYS F 265 -19.71 12.79 26.35
C LYS F 265 -19.13 13.90 25.47
N LEU F 266 -19.57 15.13 25.71
CA LEU F 266 -19.13 16.26 24.91
C LEU F 266 -17.70 16.64 25.24
N GLU F 267 -16.96 17.06 24.21
CA GLU F 267 -15.56 17.43 24.38
C GLU F 267 -15.20 18.51 23.38
N ASN F 268 -14.11 19.22 23.67
CA ASN F 268 -13.63 20.27 22.79
C ASN F 268 -12.87 19.67 21.61
N ARG F 269 -12.64 20.49 20.58
CA ARG F 269 -11.94 20.02 19.39
C ARG F 269 -10.46 19.77 19.66
N THR F 270 -9.92 20.28 20.76
CA THR F 270 -8.52 20.04 21.09
C THR F 270 -8.24 18.59 21.50
N ALA F 271 -9.25 17.72 21.49
CA ALA F 271 -9.05 16.32 21.81
C ALA F 271 -8.59 15.49 20.62
N TYR F 272 -8.62 16.04 19.42
CA TYR F 272 -8.11 15.37 18.22
C TYR F 272 -6.97 16.20 17.66
N CYS F 273 -5.93 15.52 17.18
CA CYS F 273 -4.78 16.27 16.70
C CYS F 273 -4.22 15.60 15.45
N PRO F 274 -3.87 16.36 14.42
CA PRO F 274 -3.51 15.77 13.13
C PRO F 274 -2.06 15.36 12.96
N LEU F 275 -1.28 15.28 14.04
CA LEU F 275 0.13 14.89 13.94
C LEU F 275 0.40 13.74 14.89
N GLN F 276 1.35 12.89 14.50
CA GLN F 276 1.69 11.71 15.29
C GLN F 276 3.20 11.54 15.34
N HIS F 277 3.71 11.22 16.52
CA HIS F 277 5.13 10.98 16.69
C HIS F 277 5.56 9.72 15.95
N TRP F 278 6.73 9.78 15.31
CA TRP F 278 7.27 8.64 14.58
C TRP F 278 8.56 8.11 15.20
N GLN F 279 9.58 8.96 15.33
CA GLN F 279 10.86 8.52 15.86
C GLN F 279 11.51 9.68 16.61
N THR F 280 12.45 9.34 17.49
CA THR F 280 13.27 10.31 18.18
C THR F 280 14.73 9.88 18.08
N PHE F 281 15.61 10.82 17.78
CA PHE F 281 17.03 10.55 17.60
C PHE F 281 17.83 11.44 18.54
N ASP F 282 18.91 10.88 19.09
CA ASP F 282 19.64 11.50 20.18
C ASP F 282 20.97 12.13 19.77
N SER F 283 21.59 11.67 18.69
CA SER F 283 22.93 12.10 18.33
C SER F 283 23.00 12.46 16.85
N THR F 284 22.06 13.27 16.38
CA THR F 284 22.11 13.73 15.00
C THR F 284 23.17 14.81 14.84
N ILE F 285 23.53 15.07 13.59
CA ILE F 285 24.52 16.09 13.23
C ILE F 285 23.94 16.94 12.11
N ALA F 286 23.97 18.25 12.28
CA ALA F 286 23.43 19.19 11.30
C ALA F 286 24.58 19.77 10.48
N THR F 287 24.48 19.64 9.15
CA THR F 287 25.50 20.11 8.24
C THR F 287 24.86 21.08 7.25
N GLU F 288 25.49 22.24 7.06
CA GLU F 288 24.99 23.27 6.17
C GLU F 288 25.67 23.18 4.83
N THR F 289 24.86 23.15 3.76
CA THR F 289 25.36 23.05 2.39
C THR F 289 25.14 24.33 1.59
N GLY F 290 24.92 25.44 2.27
CA GLY F 290 24.69 26.72 1.60
C GLY F 290 23.24 27.06 1.32
N LYS F 291 22.52 26.14 0.68
CA LYS F 291 21.10 26.36 0.38
C LYS F 291 20.21 25.29 0.99
N SER F 292 20.74 24.46 1.89
CA SER F 292 19.96 23.41 2.53
C SER F 292 20.68 22.99 3.79
N ILE F 293 19.96 22.22 4.62
CA ILE F 293 20.50 21.67 5.86
C ILE F 293 20.26 20.18 5.86
N HIS F 294 21.29 19.40 6.18
CA HIS F 294 21.21 17.95 6.21
C HIS F 294 21.29 17.48 7.66
N PHE F 295 20.28 16.73 8.09
CA PHE F 295 20.25 16.16 9.44
C PHE F 295 20.51 14.66 9.31
N VAL F 296 21.75 14.25 9.53
CA VAL F 296 22.19 12.88 9.29
C VAL F 296 22.40 12.20 10.64
N THR F 297 21.74 11.06 10.84
CA THR F 297 21.89 10.24 12.03
C THR F 297 22.27 8.83 11.64
N ASP F 298 23.24 8.27 12.35
CA ASP F 298 23.76 6.94 12.03
C ASP F 298 23.12 5.84 12.86
N GLU F 299 22.16 6.18 13.73
CA GLU F 299 21.43 5.14 14.44
C GLU F 299 20.35 4.53 13.56
N GLY F 300 19.48 5.37 12.99
CA GLY F 300 18.50 4.93 12.03
C GLY F 300 18.96 4.94 10.59
N THR F 301 20.17 5.41 10.33
CA THR F 301 20.74 5.49 8.99
C THR F 301 19.80 6.25 8.04
N SER F 302 19.55 7.50 8.39
CA SER F 302 18.67 8.36 7.61
C SER F 302 19.25 9.76 7.55
N SER F 303 18.82 10.52 6.54
CA SER F 303 19.27 11.89 6.34
C SER F 303 18.09 12.71 5.84
N PHE F 304 17.70 13.72 6.61
CA PHE F 304 16.57 14.58 6.27
C PHE F 304 17.10 15.93 5.79
N VAL F 305 16.63 16.35 4.61
CA VAL F 305 17.10 17.57 3.97
C VAL F 305 15.93 18.55 3.88
N THR F 306 16.15 19.79 4.29
CA THR F 306 15.13 20.82 4.30
C THR F 306 15.38 21.83 3.18
N ASN F 307 14.29 22.39 2.65
CA ASN F 307 14.39 23.32 1.54
C ASN F 307 14.97 24.66 1.98
N THR F 308 14.56 25.14 3.15
CA THR F 308 14.95 26.46 3.63
C THR F 308 16.12 26.35 4.60
N THR F 309 16.91 27.43 4.67
CA THR F 309 18.07 27.47 5.56
C THR F 309 17.71 28.07 6.92
N VAL F 310 17.00 29.20 6.92
CA VAL F 310 16.66 29.85 8.19
C VAL F 310 15.62 29.02 8.94
N GLY F 311 14.60 28.54 8.24
CA GLY F 311 13.55 27.76 8.88
C GLY F 311 12.85 28.58 9.94
N ILE F 312 12.86 28.07 11.17
CA ILE F 312 12.28 28.75 12.34
C ILE F 312 10.79 29.02 12.11
N GLU F 313 10.13 28.14 11.37
CA GLU F 313 8.70 28.28 11.14
C GLU F 313 7.98 27.74 12.37
N LEU F 314 7.47 28.65 13.20
CA LEU F 314 6.76 28.25 14.40
C LEU F 314 5.47 27.52 14.04
N PRO F 315 5.08 26.51 14.81
CA PRO F 315 3.86 25.75 14.47
C PRO F 315 2.64 26.64 14.45
N ASP F 316 1.75 26.35 13.49
CA ASP F 316 0.56 27.17 13.28
C ASP F 316 -0.65 26.61 14.03
N ALA F 317 -1.07 25.39 13.68
CA ALA F 317 -2.17 24.72 14.34
C ALA F 317 -1.75 23.45 15.05
N PHE F 318 -0.51 22.98 14.86
CA PHE F 318 0.00 21.80 15.53
C PHE F 318 0.56 22.17 16.90
N LYS F 319 -0.30 22.75 17.74
CA LYS F 319 0.08 23.13 19.09
C LYS F 319 -0.06 22.00 20.08
N CYS F 320 -0.48 20.82 19.64
CA CYS F 320 -0.62 19.68 20.53
C CYS F 320 0.73 19.27 21.10
N ILE F 321 1.74 19.19 20.24
CA ILE F 321 3.02 18.57 20.59
C ILE F 321 3.87 19.41 21.51
N GLU F 322 3.40 20.61 21.89
CA GLU F 322 4.20 21.49 22.74
C GLU F 322 4.51 20.82 24.07
N GLU F 323 3.52 20.13 24.66
CA GLU F 323 3.76 19.44 25.91
C GLU F 323 4.61 18.19 25.70
N GLN F 324 4.43 17.50 24.58
CA GLN F 324 5.18 16.27 24.34
C GLN F 324 6.66 16.56 24.09
N VAL F 325 6.96 17.55 23.25
CA VAL F 325 8.35 17.85 22.94
C VAL F 325 9.03 18.49 24.14
N ASN F 326 8.29 19.25 24.94
CA ASN F 326 8.88 19.91 26.10
C ASN F 326 9.39 18.89 27.11
N LYS F 327 8.62 17.83 27.34
CA LYS F 327 9.02 16.81 28.30
C LYS F 327 10.19 15.98 27.77
N THR F 328 10.14 15.61 26.49
CA THR F 328 11.16 14.71 25.95
C THR F 328 12.51 15.39 25.82
N MET F 329 12.54 16.61 25.29
CA MET F 329 13.81 17.33 25.15
C MET F 329 14.40 17.63 26.52
N HIS F 330 13.57 18.04 27.48
CA HIS F 330 14.07 18.30 28.82
C HIS F 330 14.62 17.03 29.46
N GLU F 331 13.92 15.91 29.29
CA GLU F 331 14.37 14.65 29.86
C GLU F 331 15.69 14.20 29.24
N LYS F 332 15.80 14.28 27.91
CA LYS F 332 17.01 13.84 27.24
C LYS F 332 18.21 14.74 27.59
N TYR F 333 17.98 16.04 27.69
CA TYR F 333 19.07 16.97 27.99
C TYR F 333 19.64 16.72 29.38
N GLU F 334 18.79 16.35 30.33
CA GLU F 334 19.26 16.13 31.70
C GLU F 334 20.28 15.00 31.76
N ALA F 335 20.02 13.90 31.03
CA ALA F 335 20.96 12.78 31.02
C ALA F 335 22.22 13.10 30.25
N VAL F 336 22.26 14.21 29.53
CA VAL F 336 23.40 14.57 28.70
C VAL F 336 24.08 15.85 29.17
N GLN F 337 23.42 16.67 29.99
CA GLN F 337 23.92 17.97 30.40
C GLN F 337 25.23 17.89 31.17
N ASP F 338 25.72 16.68 31.41
CA ASP F 338 27.01 16.53 32.10
C ASP F 338 28.15 17.14 31.29
N ARG F 339 28.14 16.93 29.97
CA ARG F 339 29.22 17.39 29.11
C ARG F 339 28.76 18.35 28.03
N TYR F 340 27.49 18.76 28.03
CA TYR F 340 26.96 19.64 27.00
C TYR F 340 26.13 20.74 27.62
N THR F 341 26.07 21.87 26.92
CA THR F 341 25.23 23.00 27.31
C THR F 341 24.33 23.37 26.13
N LYS F 342 23.13 23.84 26.46
CA LYS F 342 22.17 24.22 25.42
C LYS F 342 22.68 25.45 24.68
N GLY F 343 22.80 25.32 23.36
CA GLY F 343 23.20 26.44 22.52
C GLY F 343 22.09 27.39 22.15
N GLN F 344 20.87 27.09 22.57
CA GLN F 344 19.72 27.95 22.31
C GLN F 344 18.66 27.67 23.36
N GLU F 345 17.69 28.58 23.46
CA GLU F 345 16.64 28.46 24.46
C GLU F 345 15.31 28.01 23.88
N ALA F 346 15.06 28.25 22.60
CA ALA F 346 13.80 27.92 21.97
C ALA F 346 13.98 26.82 20.93
N ILE F 347 13.01 25.91 20.87
CA ILE F 347 13.05 24.84 19.88
C ILE F 347 12.73 25.41 18.51
N THR F 348 13.44 24.93 17.49
CA THR F 348 13.28 25.39 16.12
C THR F 348 12.64 24.29 15.28
N TYR F 349 11.76 24.67 14.37
CA TYR F 349 10.99 23.72 13.57
C TYR F 349 11.27 23.91 12.09
N PHE F 350 11.42 22.80 11.38
CA PHE F 350 11.61 22.79 9.95
C PHE F 350 10.62 21.83 9.30
N ILE F 351 10.51 21.90 7.98
CA ILE F 351 9.64 21.02 7.21
C ILE F 351 10.47 20.42 6.07
N THR F 352 10.48 19.09 5.99
CA THR F 352 11.26 18.38 4.99
C THR F 352 10.62 18.55 3.61
N SER F 353 11.34 18.12 2.58
CA SER F 353 10.77 18.10 1.24
C SER F 353 9.54 17.21 1.19
N GLY F 354 9.60 16.05 1.84
CA GLY F 354 8.42 15.27 2.10
C GLY F 354 7.66 15.81 3.30
N GLY F 355 6.52 15.20 3.57
CA GLY F 355 5.69 15.66 4.66
C GLY F 355 6.16 15.20 6.02
N LEU F 356 7.25 15.79 6.51
CA LEU F 356 7.76 15.49 7.84
C LEU F 356 8.09 16.78 8.57
N LEU F 357 7.90 16.78 9.88
CA LEU F 357 8.15 17.93 10.73
C LEU F 357 9.27 17.58 11.70
N LEU F 358 10.26 18.47 11.82
CA LEU F 358 11.43 18.22 12.64
C LEU F 358 11.51 19.28 13.74
N ALA F 359 11.87 18.83 14.95
CA ALA F 359 12.12 19.71 16.08
C ALA F 359 13.62 19.67 16.38
N TRP F 360 14.26 20.83 16.39
CA TRP F 360 15.71 20.93 16.45
C TRP F 360 16.12 21.76 17.66
N LEU F 361 17.07 21.23 18.44
CA LEU F 361 17.63 21.95 19.58
C LEU F 361 19.15 21.74 19.58
N PRO F 362 19.91 22.73 19.12
CA PRO F 362 21.36 22.54 19.04
C PRO F 362 22.01 22.43 20.40
N LEU F 363 23.10 21.66 20.46
CA LEU F 363 23.87 21.44 21.67
C LEU F 363 25.32 21.78 21.43
N THR F 364 25.98 22.36 22.44
CA THR F 364 27.39 22.69 22.33
C THR F 364 28.17 22.01 23.45
N PRO F 365 29.38 21.51 23.17
CA PRO F 365 30.16 20.86 24.22
C PRO F 365 30.69 21.86 25.23
N ARG F 366 30.97 21.36 26.42
CA ARG F 366 31.48 22.16 27.52
C ARG F 366 32.99 22.00 27.62
N SER F 367 33.70 23.13 27.67
CA SER F 367 35.15 23.14 27.76
C SER F 367 35.55 23.01 29.23
N LEU F 368 35.77 21.77 29.66
CA LEU F 368 36.14 21.51 31.05
C LEU F 368 37.57 21.98 31.34
N LYS F 426 -5.73 22.48 8.15
CA LYS F 426 -4.63 22.22 7.23
C LYS F 426 -3.71 21.13 7.76
N SER F 427 -2.92 20.55 6.87
CA SER F 427 -2.00 19.48 7.27
C SER F 427 -0.86 19.42 6.25
N LEU F 428 0.22 18.76 6.67
CA LEU F 428 1.38 18.55 5.82
C LEU F 428 1.24 17.24 5.06
N GLY F 429 1.57 17.26 3.78
CA GLY F 429 1.33 16.15 2.88
C GLY F 429 2.37 15.05 2.89
N THR F 430 2.35 14.21 3.92
CA THR F 430 3.33 13.12 4.01
C THR F 430 3.16 12.14 2.87
N LEU F 431 4.28 11.74 2.27
CA LEU F 431 4.30 10.73 1.21
C LEU F 431 4.76 9.40 1.77
N ASN F 432 4.12 8.33 1.34
CA ASN F 432 4.42 6.98 1.84
C ASN F 432 5.60 6.40 1.05
N ASN F 433 6.75 7.04 1.19
CA ASN F 433 8.01 6.60 0.58
C ASN F 433 9.09 6.60 1.65
N PRO F 434 9.20 5.52 2.42
CA PRO F 434 10.17 5.49 3.51
C PRO F 434 11.59 5.17 3.04
N ALA F 435 11.81 5.18 1.73
CA ALA F 435 13.11 4.82 1.18
C ALA F 435 13.96 6.02 0.80
N THR F 436 13.37 7.20 0.61
CA THR F 436 14.15 8.35 0.17
C THR F 436 15.20 8.75 1.20
N VAL F 437 14.84 8.69 2.49
CA VAL F 437 15.78 9.11 3.53
C VAL F 437 16.97 8.16 3.60
N GLN F 438 16.74 6.86 3.38
CA GLN F 438 17.84 5.91 3.49
C GLN F 438 18.75 5.96 2.26
N ILE F 439 18.20 6.29 1.10
CA ILE F 439 19.04 6.47 -0.09
C ILE F 439 19.94 7.68 0.09
N GLN F 440 19.43 8.74 0.71
CA GLN F 440 20.24 9.93 0.93
C GLN F 440 21.40 9.64 1.88
N PHE F 441 21.18 8.82 2.90
CA PHE F 441 22.24 8.48 3.82
C PHE F 441 23.35 7.69 3.14
N ALA F 442 22.98 6.77 2.23
CA ALA F 442 23.98 5.97 1.54
C ALA F 442 24.88 6.86 0.68
N TYR F 443 24.29 7.82 -0.02
CA TYR F 443 25.08 8.74 -0.83
C TYR F 443 25.92 9.64 0.07
N ASP F 444 25.33 10.15 1.15
CA ASP F 444 26.06 11.06 2.04
C ASP F 444 27.20 10.35 2.75
N SER F 445 26.96 9.13 3.21
CA SER F 445 28.01 8.38 3.90
C SER F 445 29.18 8.07 2.98
N LEU F 446 28.89 7.63 1.76
CA LEU F 446 29.96 7.30 0.82
C LEU F 446 30.70 8.54 0.35
N ARG F 447 30.02 9.69 0.31
CA ARG F 447 30.67 10.93 -0.08
C ARG F 447 31.69 11.38 0.95
N ARG F 448 31.37 11.22 2.23
CA ARG F 448 32.24 11.70 3.30
C ARG F 448 33.57 10.97 3.31
N GLN F 449 33.55 9.65 3.10
CA GLN F 449 34.78 8.86 3.17
C GLN F 449 35.67 9.04 1.94
N ILE F 450 35.08 9.17 0.75
CA ILE F 450 35.87 9.36 -0.46
C ILE F 450 36.60 10.70 -0.41
N ASN F 451 35.91 11.75 0.03
CA ASN F 451 36.54 13.07 0.12
C ASN F 451 37.68 13.08 1.13
N ARG F 452 37.60 12.27 2.19
CA ARG F 452 38.70 12.18 3.14
C ARG F 452 39.89 11.43 2.57
N MET F 453 39.64 10.41 1.75
CA MET F 453 40.73 9.70 1.10
C MET F 453 41.48 10.58 0.11
N LEU F 454 40.74 11.42 -0.62
CA LEU F 454 41.36 12.32 -1.58
C LEU F 454 42.26 13.32 -0.87
N GLY F 455 41.84 13.83 0.28
CA GLY F 455 42.67 14.74 1.04
C GLY F 455 43.95 14.09 1.53
N ASP F 456 43.86 12.84 1.99
CA ASP F 456 45.05 12.14 2.44
C ASP F 456 46.02 11.88 1.29
N LEU F 457 45.50 11.54 0.12
CA LEU F 457 46.35 11.29 -1.03
C LEU F 457 47.01 12.57 -1.53
N ALA F 458 46.30 13.70 -1.45
CA ALA F 458 46.86 14.96 -1.92
C ALA F 458 48.02 15.40 -1.04
N ARG F 459 47.95 15.13 0.26
CA ARG F 459 49.05 15.49 1.15
C ARG F 459 50.30 14.69 0.83
N ALA F 460 50.14 13.40 0.56
CA ALA F 460 51.29 12.56 0.24
C ALA F 460 51.95 12.99 -1.06
N TRP F 461 51.15 13.33 -2.07
CA TRP F 461 51.70 13.80 -3.34
C TRP F 461 52.45 15.11 -3.16
N CYS F 462 51.97 15.96 -2.25
CA CYS F 462 52.64 17.25 -2.02
C CYS F 462 54.05 17.04 -1.49
N LEU F 463 54.22 16.11 -0.55
CA LEU F 463 55.54 15.85 0.02
C LEU F 463 56.48 15.25 -1.02
N GLU F 464 55.97 14.35 -1.86
CA GLU F 464 56.80 13.75 -2.90
C GLU F 464 57.28 14.78 -3.90
N GLN F 465 56.39 15.70 -4.31
CA GLN F 465 56.79 16.73 -5.25
C GLN F 465 57.83 17.67 -4.66
N LYS F 466 57.75 17.93 -3.35
CA LYS F 466 58.74 18.77 -2.69
C LYS F 466 60.12 18.12 -2.75
N ARG F 467 60.19 16.81 -2.53
CA ARG F 467 61.47 16.12 -2.61
C ARG F 467 62.00 16.09 -4.04
N GLN F 468 61.11 15.86 -5.01
CA GLN F 468 61.55 15.79 -6.41
C GLN F 468 62.12 17.11 -6.89
N ASN F 469 61.71 18.23 -6.28
CA ASN F 469 62.31 19.51 -6.64
C ASN F 469 63.79 19.55 -6.27
N MET F 470 64.14 19.01 -5.10
CA MET F 470 65.54 18.97 -4.68
C MET F 470 66.36 18.08 -5.60
N VAL F 471 65.83 16.93 -5.98
CA VAL F 471 66.59 15.99 -6.81
C VAL F 471 66.80 16.57 -8.20
N LEU F 472 65.89 17.43 -8.66
CA LEU F 472 66.07 18.06 -9.97
C LEU F 472 67.15 19.15 -9.92
N ARG F 473 67.16 19.95 -8.85
CA ARG F 473 68.18 20.98 -8.72
C ARG F 473 69.56 20.36 -8.56
N GLU F 474 69.66 19.26 -7.81
CA GLU F 474 70.94 18.62 -7.59
C GLU F 474 71.53 18.10 -8.91
N LEU F 475 70.71 17.49 -9.76
CA LEU F 475 71.20 16.94 -11.00
C LEU F 475 71.52 18.01 -12.04
N THR F 476 70.95 19.21 -11.90
CA THR F 476 71.21 20.27 -12.85
C THR F 476 72.67 20.71 -12.83
N LYS F 477 73.36 20.49 -11.72
CA LYS F 477 74.76 20.89 -11.61
C LYS F 477 75.69 20.03 -12.45
N ILE F 478 75.21 18.91 -12.99
CA ILE F 478 76.06 18.01 -13.76
C ILE F 478 75.85 18.22 -15.24
N ASN F 479 74.62 17.98 -15.71
CA ASN F 479 74.27 18.08 -17.12
C ASN F 479 73.04 18.97 -17.27
N PRO F 480 73.23 20.29 -17.27
CA PRO F 480 72.07 21.20 -17.32
C PRO F 480 71.22 21.04 -18.57
N THR F 481 71.83 20.71 -19.71
CA THR F 481 71.08 20.71 -20.97
C THR F 481 69.98 19.64 -20.96
N THR F 482 70.34 18.41 -20.59
CA THR F 482 69.37 17.32 -20.63
C THR F 482 68.26 17.54 -19.61
N VAL F 483 68.61 18.01 -18.41
CA VAL F 483 67.59 18.24 -17.38
C VAL F 483 66.62 19.33 -17.80
N MET F 484 67.14 20.43 -18.35
CA MET F 484 66.28 21.53 -18.76
C MET F 484 65.37 21.11 -19.92
N SER F 485 65.90 20.33 -20.86
CA SER F 485 65.11 19.91 -22.01
C SER F 485 63.92 19.06 -21.58
N SER F 486 64.14 18.13 -20.64
CA SER F 486 63.05 17.29 -20.17
C SER F 486 61.98 18.11 -19.44
N ILE F 487 62.41 19.09 -18.66
CA ILE F 487 61.46 19.93 -17.92
C ILE F 487 60.59 20.71 -18.89
N TYR F 488 61.21 21.31 -19.91
CA TYR F 488 60.45 22.10 -20.87
C TYR F 488 59.59 21.21 -21.78
N GLY F 489 60.10 20.04 -22.14
CA GLY F 489 59.46 19.20 -23.13
C GLY F 489 59.88 19.47 -24.55
N LYS F 490 60.71 20.48 -24.78
CA LYS F 490 61.21 20.81 -26.11
C LYS F 490 62.71 21.05 -26.03
N ALA F 491 63.38 20.82 -27.15
CA ALA F 491 64.84 20.96 -27.20
C ALA F 491 65.24 22.41 -26.99
N VAL F 492 66.02 22.66 -25.94
CA VAL F 492 66.52 23.99 -25.61
C VAL F 492 68.01 23.86 -25.24
N ALA F 493 68.60 24.99 -24.89
CA ALA F 493 69.99 25.04 -24.46
C ALA F 493 70.10 25.89 -23.21
N ALA F 494 71.04 25.51 -22.33
CA ALA F 494 71.22 26.21 -21.07
C ALA F 494 72.66 26.11 -20.62
N LYS F 495 73.05 27.01 -19.72
CA LYS F 495 74.40 27.03 -19.17
C LYS F 495 74.35 27.67 -17.81
N ARG F 496 74.86 26.98 -16.79
CA ARG F 496 74.76 27.43 -15.40
C ARG F 496 76.00 28.24 -15.06
N LEU F 497 75.93 29.54 -15.33
CA LEU F 497 76.98 30.48 -14.93
C LEU F 497 76.59 31.20 -13.64
N GLY F 498 76.35 30.42 -12.59
CA GLY F 498 76.00 30.94 -11.29
C GLY F 498 74.81 30.21 -10.71
N ASP F 499 74.28 30.75 -9.62
CA ASP F 499 73.15 30.12 -8.93
C ASP F 499 71.84 30.28 -9.68
N VAL F 500 71.80 31.09 -10.74
CA VAL F 500 70.62 31.28 -11.57
C VAL F 500 70.94 30.76 -12.97
N ILE F 501 70.16 29.80 -13.44
CA ILE F 501 70.39 29.17 -14.73
C ILE F 501 69.78 30.02 -15.84
N SER F 502 70.57 30.30 -16.87
CA SER F 502 70.11 31.10 -18.00
C SER F 502 69.83 30.17 -19.18
N VAL F 503 68.68 30.37 -19.82
CA VAL F 503 68.22 29.52 -20.91
C VAL F 503 68.37 30.28 -22.21
N SER F 504 69.11 29.71 -23.15
CA SER F 504 69.25 30.26 -24.50
C SER F 504 68.29 29.56 -25.45
N GLN F 505 68.23 30.09 -26.67
CA GLN F 505 67.35 29.54 -27.69
C GLN F 505 68.10 28.55 -28.57
N CYS F 506 67.37 27.53 -29.03
CA CYS F 506 67.94 26.45 -29.83
C CYS F 506 67.59 26.67 -31.30
N VAL F 507 68.61 26.89 -32.12
CA VAL F 507 68.43 27.04 -33.56
C VAL F 507 68.62 25.68 -34.23
N PRO F 508 67.67 25.21 -35.02
CA PRO F 508 67.79 23.90 -35.65
C PRO F 508 68.40 23.96 -37.05
N VAL F 509 68.71 22.77 -37.56
CA VAL F 509 69.32 22.62 -38.88
C VAL F 509 68.54 21.57 -39.65
N ASN F 510 68.73 21.56 -40.97
CA ASN F 510 68.06 20.65 -41.87
C ASN F 510 68.94 19.45 -42.20
N GLN F 511 68.31 18.30 -42.39
CA GLN F 511 69.04 17.10 -42.79
C GLN F 511 69.47 17.22 -44.25
N ALA F 512 70.70 17.71 -44.47
CA ALA F 512 71.19 17.91 -45.82
C ALA F 512 72.56 17.28 -46.02
N THR F 513 73.35 17.21 -44.95
CA THR F 513 74.71 16.69 -45.06
C THR F 513 75.13 16.10 -43.73
N VAL F 514 75.47 14.82 -43.72
CA VAL F 514 76.05 14.16 -42.55
C VAL F 514 77.28 13.39 -43.00
N THR F 515 78.34 13.44 -42.19
CA THR F 515 79.57 12.71 -42.45
C THR F 515 79.87 11.80 -41.28
N LEU F 516 80.21 10.55 -41.56
CA LEU F 516 80.48 9.55 -40.54
C LEU F 516 81.83 8.90 -40.84
N ARG F 517 82.90 9.51 -40.34
CA ARG F 517 84.23 8.94 -40.50
C ARG F 517 84.34 7.64 -39.73
N LYS F 518 84.93 6.63 -40.35
CA LYS F 518 84.99 5.29 -39.78
C LYS F 518 86.23 5.08 -38.90
N SER F 519 87.04 6.11 -38.70
CA SER F 519 88.21 6.03 -37.84
C SER F 519 88.11 7.07 -36.73
N MET F 520 88.72 6.76 -35.59
CA MET F 520 88.74 7.64 -34.43
C MET F 520 90.19 7.86 -34.04
N ARG F 521 90.82 8.85 -34.66
CA ARG F 521 92.23 9.17 -34.39
C ARG F 521 92.58 10.55 -34.93
N MET F 528 89.03 14.95 -26.32
CA MET F 528 87.95 13.96 -26.29
C MET F 528 88.50 12.55 -26.37
N CYS F 529 89.80 12.45 -26.69
CA CYS F 529 90.48 11.15 -26.82
C CYS F 529 89.80 10.27 -27.87
N TYR F 530 89.34 10.89 -28.95
CA TYR F 530 88.70 10.19 -30.07
C TYR F 530 87.48 9.38 -29.60
N SER F 531 86.74 9.93 -28.64
CA SER F 531 85.55 9.24 -28.14
C SER F 531 84.35 9.51 -29.06
N ARG F 532 83.98 10.77 -29.22
CA ARG F 532 82.86 11.10 -30.10
C ARG F 532 83.35 11.27 -31.54
N PRO F 533 82.58 10.79 -32.50
CA PRO F 533 83.06 10.78 -33.89
C PRO F 533 83.22 12.18 -34.45
N LEU F 534 84.20 12.34 -35.32
CA LEU F 534 84.40 13.59 -36.05
C LEU F 534 83.45 13.62 -37.23
N VAL F 535 82.48 14.52 -37.19
CA VAL F 535 81.42 14.60 -38.20
C VAL F 535 81.36 16.02 -38.75
N SER F 536 80.80 16.13 -39.95
CA SER F 536 80.62 17.41 -40.61
C SER F 536 79.20 17.49 -41.17
N PHE F 537 78.69 18.72 -41.24
CA PHE F 537 77.32 18.95 -41.69
C PHE F 537 77.27 20.22 -42.52
N SER F 538 76.19 20.36 -43.28
CA SER F 538 75.97 21.54 -44.11
C SER F 538 74.46 21.74 -44.26
N PHE F 539 74.05 23.01 -44.27
CA PHE F 539 72.65 23.38 -44.43
C PHE F 539 71.75 22.69 -43.41
N THR F 543 71.22 26.31 -43.60
CA THR F 543 71.97 26.81 -42.45
C THR F 543 73.45 26.94 -42.76
N LYS F 544 74.28 26.83 -41.73
CA LYS F 544 75.73 26.94 -41.88
C LYS F 544 76.35 25.56 -42.04
N THR F 545 77.67 25.54 -42.25
CA THR F 545 78.41 24.30 -42.38
C THR F 545 79.67 24.37 -41.52
N TYR F 546 80.07 23.22 -40.99
CA TYR F 546 81.24 23.11 -40.12
C TYR F 546 81.51 21.63 -39.89
N GLU F 547 82.51 21.35 -39.04
CA GLU F 547 82.84 20.00 -38.63
C GLU F 547 82.94 19.94 -37.11
N GLY F 548 82.52 18.83 -36.54
CA GLY F 548 82.52 18.70 -35.10
C GLY F 548 82.33 17.28 -34.65
N GLN F 549 82.07 17.12 -33.35
CA GLN F 549 81.87 15.82 -32.73
C GLN F 549 80.39 15.64 -32.40
N LEU F 550 79.85 14.48 -32.77
CA LEU F 550 78.45 14.19 -32.51
C LEU F 550 78.17 14.18 -31.01
N GLY F 551 77.09 14.83 -30.61
CA GLY F 551 76.69 14.94 -29.22
C GLY F 551 75.75 13.84 -28.81
N THR F 552 74.72 14.22 -28.04
CA THR F 552 73.72 13.28 -27.54
C THR F 552 72.33 13.76 -27.94
N ASP F 553 71.42 12.80 -28.06
CA ASP F 553 70.01 13.08 -28.38
C ASP F 553 69.88 13.86 -29.68
N ASN F 554 70.66 13.44 -30.69
CA ASN F 554 70.62 14.05 -32.03
C ASN F 554 70.87 15.54 -31.99
N GLU F 555 71.84 15.95 -31.16
CA GLU F 555 72.27 17.34 -31.09
C GLU F 555 73.75 17.41 -31.43
N ILE F 556 74.13 18.37 -32.27
CA ILE F 556 75.48 18.48 -32.79
C ILE F 556 76.11 19.77 -32.28
N PHE F 557 77.38 19.69 -31.91
CA PHE F 557 78.14 20.84 -31.44
C PHE F 557 78.34 21.84 -32.58
N ALA F 568 93.48 -1.53 -28.41
CA ALA F 568 92.82 -2.74 -27.94
C ALA F 568 91.38 -2.80 -28.44
N THR F 569 90.61 -3.76 -27.91
CA THR F 569 89.21 -3.89 -28.27
C THR F 569 88.41 -2.72 -27.74
N SER F 570 87.58 -2.13 -28.60
CA SER F 570 86.79 -0.94 -28.25
C SER F 570 85.42 -1.06 -28.90
N GLN F 571 84.48 -1.65 -28.17
CA GLN F 571 83.10 -1.75 -28.62
C GLN F 571 82.33 -0.54 -28.10
N TYR F 572 81.89 0.33 -29.02
CA TYR F 572 81.27 1.59 -28.64
C TYR F 572 79.83 1.72 -29.09
N TYR F 573 79.54 1.45 -30.37
CA TYR F 573 78.18 1.40 -30.91
C TYR F 573 77.27 2.55 -30.46
N PHE F 574 77.58 3.76 -30.89
CA PHE F 574 76.74 4.93 -30.63
C PHE F 574 75.38 4.79 -31.32
N GLN F 575 74.56 5.81 -31.14
CA GLN F 575 73.26 5.91 -31.79
C GLN F 575 73.03 7.35 -32.21
N SER F 576 72.52 7.54 -33.43
CA SER F 576 72.30 8.86 -33.98
C SER F 576 71.07 8.82 -34.88
N GLY F 577 70.09 9.68 -34.60
CA GLY F 577 68.88 9.68 -35.39
C GLY F 577 68.16 8.35 -35.28
N ASN F 578 67.52 7.93 -36.36
CA ASN F 578 66.91 6.60 -36.44
C ASN F 578 67.89 5.59 -37.02
N GLU F 579 69.09 5.53 -36.44
CA GLU F 579 70.14 4.65 -36.93
C GLU F 579 71.13 4.40 -35.80
N ILE F 580 71.70 3.19 -35.81
CA ILE F 580 72.71 2.79 -34.83
C ILE F 580 73.97 2.42 -35.59
N HIS F 581 75.08 3.08 -35.25
CA HIS F 581 76.37 2.82 -35.85
C HIS F 581 77.26 2.11 -34.84
N VAL F 582 77.74 0.92 -35.21
CA VAL F 582 78.54 0.09 -34.31
C VAL F 582 80.01 0.26 -34.68
N TYR F 583 80.84 0.57 -33.69
CA TYR F 583 82.27 0.76 -33.87
C TYR F 583 83.05 -0.25 -33.05
N ASN F 584 84.04 -0.87 -33.67
CA ASN F 584 84.96 -1.77 -32.99
C ASN F 584 86.39 -1.43 -33.37
N ASP F 585 87.26 -1.37 -32.36
CA ASP F 585 88.68 -1.05 -32.56
C ASP F 585 88.82 0.25 -33.36
N TYR F 586 88.04 1.25 -32.98
CA TYR F 586 88.00 2.54 -33.66
C TYR F 586 87.61 2.41 -35.12
N HIS F 587 86.75 1.44 -35.44
CA HIS F 587 86.32 1.23 -36.81
C HIS F 587 84.89 0.68 -36.82
N HIS F 588 84.14 1.08 -37.85
CA HIS F 588 82.74 0.71 -37.98
C HIS F 588 82.57 -0.35 -39.07
N PHE F 589 81.67 -1.31 -38.81
CA PHE F 589 81.43 -2.37 -39.78
C PHE F 589 79.96 -2.76 -39.94
N LYS F 590 79.03 -2.18 -39.18
CA LYS F 590 77.64 -2.63 -39.24
C LYS F 590 76.71 -1.48 -38.90
N THR F 591 75.46 -1.62 -39.35
CA THR F 591 74.41 -0.65 -39.08
C THR F 591 73.12 -1.41 -38.78
N ILE F 592 72.49 -1.09 -37.65
CA ILE F 592 71.31 -1.80 -37.17
C ILE F 592 70.22 -0.78 -36.86
N GLU F 593 68.98 -1.16 -37.15
CA GLU F 593 67.83 -0.34 -36.79
C GLU F 593 67.61 -0.36 -35.28
N LEU F 594 66.75 0.54 -34.82
CA LEU F 594 66.49 0.66 -33.38
C LEU F 594 65.87 -0.61 -32.82
N ASP F 595 64.93 -1.21 -33.56
CA ASP F 595 64.27 -2.42 -33.09
C ASP F 595 65.19 -3.63 -33.05
N GLY F 596 66.39 -3.53 -33.64
CA GLY F 596 67.34 -4.63 -33.58
C GLY F 596 67.88 -4.89 -32.20
N ILE F 597 67.73 -3.94 -31.28
CA ILE F 597 68.19 -4.08 -29.90
C ILE F 597 67.01 -3.84 -28.97
N ALA F 598 66.85 -4.72 -27.99
CA ALA F 598 65.75 -4.61 -27.05
C ALA F 598 65.90 -3.36 -26.18
N THR F 599 64.75 -2.84 -25.74
CA THR F 599 64.68 -1.59 -25.01
C THR F 599 64.35 -1.86 -23.55
N LEU F 600 65.16 -1.33 -22.65
CA LEU F 600 64.89 -1.44 -21.22
C LEU F 600 63.66 -0.61 -20.86
N GLN F 601 62.87 -1.13 -19.92
CA GLN F 601 61.64 -0.47 -19.50
C GLN F 601 61.62 -0.30 -17.99
N THR F 602 61.15 0.85 -17.54
CA THR F 602 60.94 1.14 -16.12
C THR F 602 59.62 1.93 -16.03
N PHE F 603 58.52 1.19 -15.90
CA PHE F 603 57.19 1.79 -15.90
C PHE F 603 56.33 1.19 -14.80
N ILE F 604 56.83 1.21 -13.56
CA ILE F 604 56.02 0.81 -12.41
C ILE F 604 54.70 1.57 -12.49
N SER F 605 53.61 0.84 -12.66
CA SER F 605 52.33 1.45 -13.02
C SER F 605 51.20 0.85 -12.21
N LEU F 606 50.16 1.65 -12.01
CA LEU F 606 48.94 1.17 -11.39
C LEU F 606 48.22 0.20 -12.31
N ASN F 607 47.43 -0.68 -11.71
CA ASN F 607 46.56 -1.58 -12.46
C ASN F 607 45.14 -1.48 -11.95
N THR F 608 44.70 -0.25 -11.62
CA THR F 608 43.34 -0.03 -11.19
C THR F 608 42.37 -0.28 -12.34
N SER F 609 41.19 -0.78 -11.99
CA SER F 609 40.14 -1.09 -12.96
C SER F 609 38.91 -0.25 -12.66
N LEU F 610 38.31 0.30 -13.70
CA LEU F 610 37.09 1.09 -13.54
C LEU F 610 35.97 0.20 -12.99
N ILE F 611 35.10 0.81 -12.20
CA ILE F 611 34.05 0.05 -11.55
C ILE F 611 32.97 -0.31 -12.56
N GLU F 612 32.37 -1.48 -12.38
CA GLU F 612 31.52 -2.10 -13.39
C GLU F 612 30.20 -1.37 -13.53
N ASN F 613 29.37 -1.87 -14.45
CA ASN F 613 28.04 -1.35 -14.70
C ASN F 613 27.01 -2.40 -14.32
N ILE F 614 26.00 -2.00 -13.55
CA ILE F 614 25.04 -2.92 -12.97
C ILE F 614 23.64 -2.45 -13.31
N ASP F 615 22.79 -3.37 -13.77
CA ASP F 615 21.39 -3.11 -14.03
C ASP F 615 20.57 -3.70 -12.89
N PHE F 616 20.01 -2.83 -12.05
CA PHE F 616 19.28 -3.30 -10.88
C PHE F 616 17.99 -3.98 -11.28
N ALA F 617 17.69 -5.10 -10.64
CA ALA F 617 16.47 -5.84 -10.89
C ALA F 617 15.30 -5.24 -10.10
N SER F 618 14.09 -5.47 -10.59
CA SER F 618 12.89 -4.94 -9.98
C SER F 618 12.16 -6.07 -9.25
N LEU F 619 11.92 -5.88 -7.96
CA LEU F 619 11.24 -6.88 -7.14
C LEU F 619 10.22 -6.19 -6.25
N GLU F 620 9.23 -6.96 -5.81
CA GLU F 620 8.24 -6.47 -4.87
C GLU F 620 7.79 -7.62 -3.98
N LEU F 621 7.39 -7.29 -2.76
CA LEU F 621 7.01 -8.31 -1.80
C LEU F 621 5.58 -8.79 -2.03
N TYR F 622 4.61 -7.89 -1.89
CA TYR F 622 3.20 -8.20 -2.07
C TYR F 622 2.66 -7.45 -3.27
N SER F 623 2.09 -8.17 -4.23
CA SER F 623 1.53 -7.56 -5.41
C SER F 623 0.18 -6.94 -5.10
N ARG F 624 -0.40 -6.25 -6.09
CA ARG F 624 -1.71 -5.64 -5.90
C ARG F 624 -2.79 -6.69 -5.67
N ASP F 625 -2.72 -7.80 -6.39
CA ASP F 625 -3.71 -8.86 -6.23
C ASP F 625 -3.64 -9.48 -4.85
N GLU F 626 -2.43 -9.65 -4.31
CA GLU F 626 -2.28 -10.26 -3.00
C GLU F 626 -2.94 -9.40 -1.92
N GLN F 627 -2.76 -8.09 -2.00
CA GLN F 627 -3.41 -7.21 -1.02
C GLN F 627 -4.92 -7.15 -1.23
N ARG F 628 -5.38 -7.30 -2.47
CA ARG F 628 -6.81 -7.29 -2.72
C ARG F 628 -7.48 -8.57 -2.24
N ALA F 629 -6.76 -9.70 -2.34
CA ALA F 629 -7.30 -10.99 -1.95
C ALA F 629 -7.14 -11.29 -0.46
N SER F 630 -6.54 -10.38 0.29
CA SER F 630 -6.35 -10.55 1.73
C SER F 630 -7.53 -10.08 2.55
N ASN F 631 -8.70 -9.94 1.94
CA ASN F 631 -9.90 -9.47 2.62
C ASN F 631 -10.91 -10.60 2.70
N VAL F 632 -11.41 -10.85 3.91
CA VAL F 632 -12.36 -11.95 4.11
C VAL F 632 -13.70 -11.62 3.46
N PHE F 633 -14.15 -10.37 3.56
CA PHE F 633 -15.46 -9.97 3.06
C PHE F 633 -15.34 -9.60 1.59
N ASP F 634 -16.01 -10.37 0.74
CA ASP F 634 -16.02 -10.13 -0.71
C ASP F 634 -17.24 -9.27 -1.02
N LEU F 635 -17.02 -7.96 -1.19
CA LEU F 635 -18.13 -7.06 -1.45
C LEU F 635 -18.79 -7.36 -2.80
N GLU F 636 -17.99 -7.70 -3.81
CA GLU F 636 -18.55 -7.98 -5.13
C GLU F 636 -19.47 -9.19 -5.10
N GLY F 637 -19.07 -10.24 -4.38
CA GLY F 637 -19.91 -11.43 -4.30
C GLY F 637 -21.20 -11.19 -3.53
N ILE F 638 -21.13 -10.40 -2.46
CA ILE F 638 -22.31 -10.18 -1.63
C ILE F 638 -23.38 -9.40 -2.38
N PHE F 639 -22.98 -8.30 -3.02
CA PHE F 639 -23.97 -7.41 -3.62
C PHE F 639 -24.51 -7.95 -4.93
N ARG F 640 -23.66 -8.60 -5.73
CA ARG F 640 -24.12 -9.15 -7.01
C ARG F 640 -25.18 -10.23 -6.80
N GLU F 641 -24.96 -11.12 -5.83
CA GLU F 641 -25.93 -12.17 -5.57
C GLU F 641 -27.20 -11.62 -4.97
N TYR F 642 -27.08 -10.63 -4.07
CA TYR F 642 -28.26 -10.06 -3.44
C TYR F 642 -29.16 -9.38 -4.47
N ASN F 643 -28.57 -8.64 -5.41
CA ASN F 643 -29.38 -7.99 -6.44
C ASN F 643 -30.00 -9.00 -7.39
N PHE F 644 -29.28 -10.08 -7.67
CA PHE F 644 -29.82 -11.11 -8.56
C PHE F 644 -31.05 -11.79 -7.96
N GLN F 645 -31.01 -12.07 -6.65
CA GLN F 645 -32.14 -12.71 -6.01
C GLN F 645 -33.36 -11.79 -5.99
N ALA F 646 -33.16 -10.50 -5.68
CA ALA F 646 -34.28 -9.57 -5.64
C ALA F 646 -34.91 -9.39 -7.01
N GLN F 647 -34.09 -9.32 -8.06
CA GLN F 647 -34.62 -9.16 -9.41
C GLN F 647 -35.46 -10.36 -9.82
N ASN F 648 -35.01 -11.58 -9.48
CA ASN F 648 -35.78 -12.77 -9.81
C ASN F 648 -37.11 -12.80 -9.05
N ILE F 649 -37.09 -12.39 -7.78
CA ILE F 649 -38.32 -12.37 -7.00
C ILE F 649 -39.32 -11.37 -7.57
N ALA F 650 -38.84 -10.19 -7.99
CA ALA F 650 -39.70 -9.18 -8.58
C ALA F 650 -40.32 -9.62 -9.89
N GLY F 651 -39.80 -10.66 -10.53
CA GLY F 651 -40.38 -11.17 -11.75
C GLY F 651 -41.60 -12.03 -11.51
N LEU F 652 -41.49 -12.98 -10.57
CA LEU F 652 -42.63 -13.83 -10.23
C LEU F 652 -43.73 -13.03 -9.54
N ARG F 653 -43.35 -12.06 -8.71
CA ARG F 653 -44.36 -11.23 -8.03
C ARG F 653 -45.18 -10.44 -9.04
N LYS F 654 -44.56 -10.00 -10.13
CA LYS F 654 -45.22 -9.26 -11.17
C LYS F 654 -45.52 -10.19 -12.35
N ASP F 655 -45.97 -9.62 -13.46
CA ASP F 655 -46.29 -10.40 -14.65
C ASP F 655 -45.00 -10.86 -15.31
N LEU F 656 -44.69 -12.15 -15.17
CA LEU F 656 -43.52 -12.76 -15.79
C LEU F 656 -43.99 -13.48 -17.05
N ASP F 657 -43.97 -12.77 -18.17
CA ASP F 657 -44.40 -13.34 -19.45
C ASP F 657 -43.20 -13.62 -20.34
N GLN G 3 -57.22 25.75 -32.07
CA GLN G 3 -57.52 27.14 -32.31
C GLN G 3 -56.77 28.02 -31.32
N LEU G 4 -56.43 29.23 -31.77
CA LEU G 4 -55.83 30.25 -30.90
C LEU G 4 -56.29 31.60 -31.44
N GLN G 5 -57.37 32.12 -30.87
CA GLN G 5 -57.98 33.36 -31.33
C GLN G 5 -57.69 34.48 -30.34
N GLN G 6 -57.51 35.69 -30.87
CA GLN G 6 -57.18 36.86 -30.07
C GLN G 6 -58.08 38.02 -30.50
N PRO G 7 -58.74 38.70 -29.55
CA PRO G 7 -59.56 39.85 -29.92
C PRO G 7 -58.76 41.14 -29.97
N GLY G 8 -59.13 42.01 -30.90
CA GLY G 8 -58.44 43.27 -31.06
C GLY G 8 -59.36 44.47 -30.96
N ALA G 9 -59.01 45.55 -31.69
CA ALA G 9 -59.82 46.78 -31.74
C ALA G 9 -60.01 47.37 -30.34
N GLU G 10 -58.90 47.79 -29.74
CA GLU G 10 -58.92 48.35 -28.40
C GLU G 10 -58.23 49.70 -28.40
N LEU G 11 -58.67 50.57 -27.49
CA LEU G 11 -58.15 51.91 -27.34
C LEU G 11 -57.45 52.01 -25.99
N VAL G 12 -56.25 52.55 -25.97
CA VAL G 12 -55.40 52.61 -24.77
C VAL G 12 -55.32 54.05 -24.29
N ARG G 13 -55.62 54.25 -23.01
CA ARG G 13 -55.47 55.55 -22.37
C ARG G 13 -54.14 55.55 -21.62
N PRO G 14 -53.18 56.41 -21.96
CA PRO G 14 -51.92 56.45 -21.21
C PRO G 14 -52.18 56.67 -19.73
N GLY G 15 -51.45 55.92 -18.90
CA GLY G 15 -51.65 55.93 -17.47
C GLY G 15 -52.68 54.94 -16.97
N ALA G 16 -53.40 54.26 -17.87
CA ALA G 16 -54.40 53.28 -17.50
C ALA G 16 -53.96 51.91 -18.01
N SER G 17 -53.91 50.93 -17.12
CA SER G 17 -53.46 49.60 -17.49
C SER G 17 -54.46 48.92 -18.41
N VAL G 18 -53.94 48.11 -19.33
CA VAL G 18 -54.76 47.37 -20.29
C VAL G 18 -54.39 45.89 -20.20
N LYS G 19 -55.38 45.03 -20.47
CA LYS G 19 -55.19 43.59 -20.41
C LYS G 19 -55.62 42.97 -21.73
N LEU G 20 -54.85 42.00 -22.20
CA LEU G 20 -55.14 41.28 -23.44
C LEU G 20 -55.40 39.81 -23.13
N SER G 21 -56.29 39.20 -23.92
CA SER G 21 -56.70 37.82 -23.71
C SER G 21 -56.39 36.99 -24.95
N CYS G 22 -56.04 35.72 -24.71
CA CYS G 22 -55.72 34.78 -25.79
C CYS G 22 -56.40 33.46 -25.45
N LYS G 23 -57.57 33.23 -26.05
CA LYS G 23 -58.34 32.03 -25.77
C LYS G 23 -57.68 30.83 -26.46
N ALA G 24 -57.44 29.77 -25.69
CA ALA G 24 -56.86 28.54 -26.20
C ALA G 24 -57.84 27.39 -26.02
N SER G 25 -58.03 26.60 -27.07
CA SER G 25 -58.97 25.49 -27.03
C SER G 25 -58.56 24.45 -28.06
N GLY G 26 -59.10 23.25 -27.91
CA GLY G 26 -58.83 22.16 -28.81
C GLY G 26 -57.59 21.34 -28.49
N PHE G 27 -56.92 21.60 -27.37
CA PHE G 27 -55.73 20.87 -27.01
C PHE G 27 -55.55 20.95 -25.49
N THR G 28 -54.70 20.08 -24.97
CA THR G 28 -54.41 20.06 -23.54
C THR G 28 -53.62 21.30 -23.14
N PHE G 29 -54.22 22.13 -22.30
CA PHE G 29 -53.61 23.41 -21.95
C PHE G 29 -52.43 23.28 -21.00
N THR G 30 -52.25 22.13 -20.36
CA THR G 30 -51.19 21.94 -19.38
C THR G 30 -50.03 21.13 -19.93
N SER G 31 -49.70 21.30 -21.23
CA SER G 31 -48.58 20.58 -21.82
C SER G 31 -47.76 21.45 -22.76
N TYR G 32 -48.00 22.76 -22.80
CA TYR G 32 -47.27 23.66 -23.68
C TYR G 32 -47.04 24.97 -22.94
N TRP G 33 -46.63 26.01 -23.67
CA TRP G 33 -46.43 27.33 -23.10
C TRP G 33 -47.07 28.37 -24.00
N ILE G 34 -47.35 29.53 -23.43
CA ILE G 34 -47.84 30.68 -24.17
C ILE G 34 -46.73 31.72 -24.21
N ASN G 35 -46.36 32.15 -25.42
CA ASN G 35 -45.35 33.17 -25.61
C ASN G 35 -46.01 34.39 -26.24
N TRP G 36 -45.68 35.57 -25.72
CA TRP G 36 -46.22 36.84 -26.23
C TRP G 36 -45.12 37.60 -26.95
N VAL G 37 -45.41 38.05 -28.16
CA VAL G 37 -44.45 38.76 -29.00
C VAL G 37 -45.05 40.07 -29.46
N LYS G 38 -44.25 41.13 -29.42
CA LYS G 38 -44.67 42.46 -29.85
C LYS G 38 -44.07 42.75 -31.22
N GLN G 39 -44.92 43.11 -32.17
CA GLN G 39 -44.49 43.40 -33.54
C GLN G 39 -44.75 44.87 -33.84
N ARG G 40 -43.69 45.68 -33.73
CA ARG G 40 -43.80 47.08 -34.12
C ARG G 40 -43.94 47.16 -35.64
N PRO G 41 -44.90 47.92 -36.15
CA PRO G 41 -45.06 48.04 -37.61
C PRO G 41 -43.80 48.58 -38.26
N GLY G 42 -43.43 47.98 -39.38
CA GLY G 42 -42.23 48.38 -40.08
C GLY G 42 -40.93 47.93 -39.45
N GLN G 43 -41.00 47.10 -38.42
CA GLN G 43 -39.81 46.64 -37.70
C GLN G 43 -39.92 45.14 -37.45
N GLY G 44 -38.81 44.56 -36.97
CA GLY G 44 -38.78 43.14 -36.69
C GLY G 44 -39.55 42.77 -35.44
N LEU G 45 -39.79 41.47 -35.31
CA LEU G 45 -40.53 40.97 -34.16
C LEU G 45 -39.66 41.00 -32.90
N GLU G 46 -40.33 41.04 -31.75
CA GLU G 46 -39.65 41.10 -30.47
C GLU G 46 -40.35 40.18 -29.48
N TRP G 47 -39.54 39.50 -28.66
CA TRP G 47 -40.05 38.57 -27.67
C TRP G 47 -40.24 39.26 -26.33
N ILE G 48 -41.29 38.86 -25.60
CA ILE G 48 -41.63 39.44 -24.31
C ILE G 48 -41.39 38.44 -23.18
N GLY G 49 -42.13 37.33 -23.17
CA GLY G 49 -42.01 36.35 -22.08
C GLY G 49 -42.72 35.04 -22.40
N ASN G 50 -42.80 34.12 -21.43
CA ASN G 50 -43.41 32.79 -21.70
C ASN G 50 -43.95 32.18 -20.40
N ILE G 51 -45.23 32.41 -20.09
CA ILE G 51 -45.86 31.81 -18.88
C ILE G 51 -46.07 30.32 -19.12
N PHE G 52 -45.72 29.50 -18.13
CA PHE G 52 -45.94 28.03 -18.25
C PHE G 52 -47.23 27.66 -17.54
N PRO G 53 -48.30 27.23 -18.24
CA PRO G 53 -49.51 26.78 -17.57
C PRO G 53 -49.15 25.55 -16.72
N SER G 54 -50.11 25.03 -15.92
CA SER G 54 -49.79 23.90 -15.00
C SER G 54 -48.67 24.33 -14.07
N ASP G 55 -48.14 25.54 -14.27
CA ASP G 55 -47.04 26.06 -13.41
C ASP G 55 -47.11 27.59 -13.38
N SER G 56 -46.04 28.25 -12.93
CA SER G 56 -46.00 29.73 -12.90
C SER G 56 -44.61 30.23 -13.35
N TYR G 57 -43.99 29.52 -14.29
CA TYR G 57 -42.62 29.90 -14.75
C TYR G 57 -42.71 31.04 -15.76
N THR G 58 -43.14 32.22 -15.32
CA THR G 58 -43.25 33.38 -16.23
C THR G 58 -41.87 34.01 -16.43
N ASN G 59 -41.09 33.48 -17.38
CA ASN G 59 -39.75 34.04 -17.68
C ASN G 59 -39.94 35.31 -18.51
N TYR G 60 -39.45 36.45 -18.02
CA TYR G 60 -39.67 37.74 -18.73
C TYR G 60 -38.41 38.17 -19.46
N ASN G 61 -38.52 39.17 -20.33
CA ASN G 61 -37.35 39.67 -21.12
C ASN G 61 -36.34 40.31 -20.17
N GLN G 62 -35.20 40.76 -20.69
CA GLN G 62 -34.16 41.39 -19.89
C GLN G 62 -34.47 42.83 -19.54
N LYS G 63 -35.46 43.45 -20.18
CA LYS G 63 -35.79 44.84 -19.94
C LYS G 63 -37.28 45.12 -19.83
N PHE G 64 -38.14 44.12 -19.98
CA PHE G 64 -39.58 44.31 -19.94
C PHE G 64 -40.19 43.99 -18.59
N LYS G 65 -39.37 43.96 -17.53
CA LYS G 65 -39.91 43.66 -16.19
C LYS G 65 -40.91 44.70 -15.74
N ASP G 66 -40.63 45.98 -16.00
CA ASP G 66 -41.47 47.08 -15.54
C ASP G 66 -42.65 47.37 -16.46
N LYS G 67 -42.87 46.55 -17.50
CA LYS G 67 -43.90 46.83 -18.47
C LYS G 67 -44.81 45.66 -18.77
N ALA G 68 -44.58 44.51 -18.16
CA ALA G 68 -45.38 43.32 -18.54
C ALA G 68 -45.89 42.54 -17.33
N THR G 69 -46.98 41.80 -17.51
CA THR G 69 -47.52 40.96 -16.41
C THR G 69 -48.32 39.82 -17.04
N LEU G 70 -47.86 38.57 -16.85
CA LEU G 70 -48.54 37.41 -17.46
C LEU G 70 -49.40 36.72 -16.40
N THR G 71 -50.44 36.00 -16.82
CA THR G 71 -51.32 35.27 -15.88
C THR G 71 -52.17 34.26 -16.65
N VAL G 72 -52.76 33.30 -15.96
CA VAL G 72 -53.52 32.23 -16.68
C VAL G 72 -54.70 31.77 -15.82
N ASP G 73 -55.78 31.31 -16.45
CA ASP G 73 -56.94 30.76 -15.70
C ASP G 73 -57.10 29.29 -16.10
N LYS G 74 -56.39 28.39 -15.43
CA LYS G 74 -56.42 26.97 -15.83
C LYS G 74 -57.87 26.56 -16.10
N SER G 75 -58.81 27.04 -15.29
CA SER G 75 -60.23 26.65 -15.45
C SER G 75 -60.78 27.19 -16.77
N SER G 76 -60.48 28.45 -17.09
CA SER G 76 -61.04 29.07 -18.33
C SER G 76 -60.08 28.88 -19.51
N SER G 77 -58.99 28.14 -19.31
CA SER G 77 -58.04 27.87 -20.42
C SER G 77 -57.77 29.16 -21.19
N THR G 78 -57.39 30.23 -20.48
CA THR G 78 -57.13 31.53 -21.14
C THR G 78 -55.86 32.15 -20.55
N ALA G 79 -55.15 32.95 -21.35
CA ALA G 79 -53.93 33.64 -20.84
C ALA G 79 -54.15 35.16 -20.98
N TYR G 80 -53.43 35.95 -20.19
CA TYR G 80 -53.67 37.42 -20.22
C TYR G 80 -52.35 38.19 -20.16
N MET G 81 -52.31 39.34 -20.82
CA MET G 81 -51.10 40.20 -20.80
C MET G 81 -51.48 41.55 -20.19
N LEU G 82 -50.88 41.88 -19.04
CA LEU G 82 -51.18 43.15 -18.38
C LEU G 82 -50.04 44.13 -18.65
N LEU G 83 -50.39 45.31 -19.15
CA LEU G 83 -49.43 46.36 -19.43
C LEU G 83 -49.58 47.46 -18.38
N SER G 84 -48.46 47.85 -17.77
CA SER G 84 -48.47 48.83 -16.69
C SER G 84 -47.98 50.18 -17.22
N SER G 85 -48.79 51.22 -17.04
CA SER G 85 -48.50 52.59 -17.45
C SER G 85 -48.13 52.65 -18.93
N PRO G 86 -49.07 52.39 -19.83
CA PRO G 86 -48.74 52.44 -21.27
C PRO G 86 -48.45 53.85 -21.73
N THR G 87 -47.65 53.94 -22.79
CA THR G 87 -47.29 55.21 -23.41
C THR G 87 -47.80 55.24 -24.85
N SER G 88 -47.46 56.31 -25.58
CA SER G 88 -47.91 56.48 -26.95
C SER G 88 -46.94 55.91 -27.98
N GLU G 89 -45.77 55.44 -27.56
CA GLU G 89 -44.76 54.92 -28.48
C GLU G 89 -44.86 53.42 -28.68
N ASP G 90 -45.77 52.74 -27.99
CA ASP G 90 -45.89 51.29 -28.04
C ASP G 90 -47.06 50.80 -28.87
N SER G 91 -47.52 51.59 -29.84
CA SER G 91 -48.57 51.16 -30.75
C SER G 91 -48.03 50.06 -31.64
N ALA G 92 -48.52 48.83 -31.45
CA ALA G 92 -48.05 47.69 -32.21
C ALA G 92 -49.11 46.59 -32.15
N VAL G 93 -48.77 45.42 -32.67
CA VAL G 93 -49.66 44.26 -32.68
C VAL G 93 -49.00 43.15 -31.87
N TYR G 94 -49.78 42.47 -31.04
CA TYR G 94 -49.29 41.46 -30.12
C TYR G 94 -49.86 40.10 -30.50
N TYR G 95 -48.99 39.11 -30.64
CA TYR G 95 -49.37 37.74 -30.93
C TYR G 95 -49.08 36.84 -29.74
N CYS G 96 -49.94 35.84 -29.55
CA CYS G 96 -49.72 34.80 -28.55
C CYS G 96 -49.43 33.50 -29.28
N THR G 97 -48.30 32.88 -28.97
CA THR G 97 -47.84 31.67 -29.66
C THR G 97 -47.71 30.52 -28.67
N ARG G 98 -47.84 29.31 -29.18
CA ARG G 98 -47.75 28.10 -28.38
C ARG G 98 -46.41 27.43 -28.63
N GLY G 99 -45.69 27.11 -27.56
CA GLY G 99 -44.42 26.42 -27.65
C GLY G 99 -44.56 24.92 -27.36
N GLY G 100 -43.42 24.25 -27.40
CA GLY G 100 -43.38 22.83 -27.14
C GLY G 100 -42.18 22.12 -27.75
N TYR G 101 -41.63 21.15 -27.01
CA TYR G 101 -40.47 20.40 -27.47
C TYR G 101 -40.80 19.36 -28.53
N ARG G 102 -42.02 19.36 -29.04
CA ARG G 102 -42.47 18.39 -30.04
C ARG G 102 -42.54 19.05 -31.40
N TYR G 103 -42.13 18.32 -32.44
CA TYR G 103 -42.14 18.83 -33.80
C TYR G 103 -43.54 19.06 -34.35
N ASP G 104 -44.58 18.58 -33.65
CA ASP G 104 -45.93 18.55 -34.18
C ASP G 104 -46.34 19.92 -34.71
N SER G 105 -46.40 20.92 -33.84
CA SER G 105 -46.84 22.24 -34.28
C SER G 105 -46.49 23.28 -33.22
N ASP G 106 -46.49 24.54 -33.65
CA ASP G 106 -46.42 25.71 -32.77
C ASP G 106 -47.33 26.76 -33.40
N TYR G 107 -48.59 26.77 -32.98
CA TYR G 107 -49.63 27.53 -33.65
C TYR G 107 -49.52 29.00 -33.26
N TRP G 108 -49.20 29.86 -34.23
CA TRP G 108 -49.14 31.29 -33.97
C TRP G 108 -50.54 31.87 -33.87
N GLY G 109 -50.69 32.86 -33.00
CA GLY G 109 -51.97 33.51 -32.83
C GLY G 109 -52.29 34.45 -33.98
N GLN G 110 -53.41 35.14 -33.84
CA GLN G 110 -53.88 36.06 -34.87
C GLN G 110 -53.25 37.44 -34.74
N GLY G 111 -53.29 38.02 -33.54
CA GLY G 111 -52.67 39.33 -33.36
C GLY G 111 -53.71 40.38 -33.00
N THR G 112 -53.46 41.09 -31.92
CA THR G 112 -54.34 42.14 -31.42
C THR G 112 -53.67 43.49 -31.66
N THR G 113 -54.35 44.36 -32.40
CA THR G 113 -53.83 45.69 -32.65
C THR G 113 -54.09 46.60 -31.45
N LEU G 114 -53.09 47.42 -31.13
CA LEU G 114 -53.16 48.32 -29.98
C LEU G 114 -53.14 49.76 -30.49
N THR G 115 -54.14 50.54 -30.09
CA THR G 115 -54.26 51.93 -30.49
C THR G 115 -54.19 52.81 -29.25
N VAL G 116 -53.14 53.61 -29.15
CA VAL G 116 -52.97 54.57 -28.08
C VAL G 116 -52.76 55.95 -28.70
N SER G 117 -53.51 56.93 -28.21
CA SER G 117 -53.46 58.28 -28.76
C SER G 117 -53.95 59.24 -27.69
N SER G 118 -54.27 60.47 -28.11
CA SER G 118 -54.79 61.48 -27.20
C SER G 118 -56.19 61.13 -26.73
N GLN H 1 -27.93 36.16 -24.26
CA GLN H 1 -28.08 37.35 -25.08
C GLN H 1 -27.23 37.23 -26.35
N ILE H 2 -27.85 36.73 -27.41
CA ILE H 2 -27.19 36.56 -28.70
C ILE H 2 -27.93 37.38 -29.74
N VAL H 3 -27.20 38.21 -30.47
CA VAL H 3 -27.77 39.09 -31.48
C VAL H 3 -27.55 38.46 -32.85
N LEU H 4 -28.60 38.42 -33.66
CA LEU H 4 -28.55 37.81 -34.98
C LEU H 4 -28.40 38.90 -36.03
N THR H 5 -27.49 38.69 -36.98
CA THR H 5 -27.23 39.66 -38.05
C THR H 5 -27.60 39.03 -39.38
N GLN H 6 -28.44 39.75 -40.14
CA GLN H 6 -28.88 39.31 -41.46
C GLN H 6 -28.29 40.27 -42.49
N SER H 7 -27.18 39.87 -43.10
CA SER H 7 -26.50 40.75 -44.05
C SER H 7 -27.35 41.12 -45.26
N PRO H 8 -28.06 40.20 -45.93
CA PRO H 8 -28.87 40.62 -47.08
C PRO H 8 -30.05 41.46 -46.62
N ALA H 9 -30.28 42.56 -47.35
CA ALA H 9 -31.39 43.46 -47.05
C ALA H 9 -32.40 43.55 -48.19
N ILE H 10 -31.95 43.85 -49.41
CA ILE H 10 -32.83 44.01 -50.56
C ILE H 10 -32.41 43.00 -51.62
N MET H 11 -33.37 42.21 -52.09
CA MET H 11 -33.09 41.24 -53.15
C MET H 11 -33.29 41.85 -54.53
N SER H 12 -34.51 42.32 -54.83
CA SER H 12 -34.85 42.87 -56.14
C SER H 12 -34.50 41.90 -57.26
N ALA H 13 -34.71 40.62 -57.00
CA ALA H 13 -34.34 39.57 -57.94
C ALA H 13 -35.50 39.23 -58.88
N SER H 14 -35.16 38.72 -60.04
CA SER H 14 -36.11 38.27 -61.03
C SER H 14 -36.18 36.74 -61.04
N PRO H 15 -37.28 36.16 -61.50
CA PRO H 15 -37.35 34.71 -61.61
C PRO H 15 -36.27 34.19 -62.55
N GLY H 16 -35.68 33.06 -62.19
CA GLY H 16 -34.64 32.46 -63.01
C GLY H 16 -33.34 32.19 -62.28
N GLU H 17 -33.06 32.96 -61.23
CA GLU H 17 -31.81 32.86 -60.50
C GLU H 17 -32.06 32.42 -59.06
N LYS H 18 -31.12 31.65 -58.53
CA LYS H 18 -31.16 31.26 -57.12
C LYS H 18 -30.88 32.47 -56.23
N VAL H 19 -31.53 32.47 -55.06
CA VAL H 19 -31.30 33.51 -54.05
C VAL H 19 -30.99 32.84 -52.72
N THR H 20 -29.96 33.35 -52.04
CA THR H 20 -29.54 32.81 -50.76
C THR H 20 -29.38 33.95 -49.76
N MET H 21 -29.92 33.74 -48.56
CA MET H 21 -29.82 34.69 -47.46
C MET H 21 -29.21 33.98 -46.27
N THR H 22 -28.20 34.60 -45.66
CA THR H 22 -27.48 34.00 -44.54
C THR H 22 -27.74 34.80 -43.26
N CYS H 23 -27.84 34.08 -42.15
CA CYS H 23 -28.02 34.67 -40.84
C CYS H 23 -26.79 34.38 -39.99
N SER H 24 -26.19 35.43 -39.44
CA SER H 24 -24.98 35.32 -38.64
C SER H 24 -25.27 35.66 -37.19
N ALA H 25 -24.74 34.84 -36.28
CA ALA H 25 -24.96 34.99 -34.85
C ALA H 25 -23.66 35.41 -34.17
N SER H 26 -23.80 36.26 -33.14
CA SER H 26 -22.62 36.71 -32.40
C SER H 26 -21.97 35.59 -31.60
N SER H 27 -22.71 34.52 -31.30
CA SER H 27 -22.18 33.40 -30.54
C SER H 27 -22.73 32.11 -31.10
N SER H 28 -22.22 30.99 -30.60
CA SER H 28 -22.66 29.68 -31.07
C SER H 28 -24.09 29.41 -30.65
N VAL H 29 -24.85 28.79 -31.57
CA VAL H 29 -26.24 28.45 -31.32
C VAL H 29 -26.46 27.00 -31.75
N THR H 30 -27.38 26.32 -31.05
CA THR H 30 -27.60 24.91 -31.30
C THR H 30 -28.37 24.68 -32.60
N TYR H 31 -29.37 25.50 -32.87
CA TYR H 31 -30.18 25.34 -34.07
C TYR H 31 -30.59 26.72 -34.57
N MET H 32 -31.52 26.74 -35.52
CA MET H 32 -32.02 27.98 -36.10
C MET H 32 -33.34 27.70 -36.79
N TYR H 33 -34.25 28.67 -36.72
CA TYR H 33 -35.57 28.56 -37.31
C TYR H 33 -35.78 29.69 -38.31
N TRP H 34 -36.56 29.41 -39.35
CA TRP H 34 -36.83 30.38 -40.41
C TRP H 34 -38.33 30.64 -40.48
N TYR H 35 -38.71 31.91 -40.43
CA TYR H 35 -40.10 32.33 -40.51
C TYR H 35 -40.31 33.22 -41.73
N GLN H 36 -41.40 32.98 -42.44
CA GLN H 36 -41.79 33.80 -43.59
C GLN H 36 -43.08 34.54 -43.22
N GLN H 37 -43.05 35.86 -43.35
CA GLN H 37 -44.17 36.71 -42.95
C GLN H 37 -44.58 37.57 -44.14
N LYS H 38 -45.72 37.25 -44.74
CA LYS H 38 -46.29 38.13 -45.75
C LYS H 38 -46.93 39.34 -45.08
N PRO H 39 -47.02 40.47 -45.77
CA PRO H 39 -47.64 41.65 -45.18
C PRO H 39 -49.09 41.40 -44.77
N GLY H 40 -49.46 41.94 -43.62
CA GLY H 40 -50.82 41.79 -43.11
C GLY H 40 -51.22 40.37 -42.78
N SER H 41 -50.30 39.59 -42.22
CA SER H 41 -50.60 38.22 -41.84
C SER H 41 -49.58 37.76 -40.81
N SER H 42 -49.94 36.69 -40.09
CA SER H 42 -49.07 36.11 -39.09
C SER H 42 -47.94 35.31 -39.76
N PRO H 43 -46.77 35.29 -39.15
CA PRO H 43 -45.66 34.51 -39.72
C PRO H 43 -45.94 33.02 -39.67
N ARG H 44 -45.24 32.29 -40.55
CA ARG H 44 -45.37 30.84 -40.63
C ARG H 44 -43.98 30.21 -40.56
N LEU H 45 -43.93 29.00 -40.03
CA LEU H 45 -42.67 28.27 -39.87
C LEU H 45 -42.37 27.49 -41.14
N LEU H 46 -41.12 27.60 -41.60
CA LEU H 46 -40.66 26.90 -42.80
C LEU H 46 -39.62 25.83 -42.48
N ILE H 47 -38.53 26.21 -41.84
CA ILE H 47 -37.42 25.30 -41.56
C ILE H 47 -37.17 25.29 -40.05
N TYR H 48 -37.06 24.10 -39.48
CA TYR H 48 -36.67 23.93 -38.09
C TYR H 48 -35.49 22.98 -38.01
N ASP H 49 -34.62 23.24 -37.02
CA ASP H 49 -33.38 22.49 -36.80
C ASP H 49 -32.42 22.61 -37.98
N THR H 50 -32.58 23.66 -38.79
CA THR H 50 -31.65 24.05 -39.85
C THR H 50 -31.58 23.05 -41.00
N SER H 51 -32.27 21.92 -40.89
CA SER H 51 -32.19 20.92 -41.93
C SER H 51 -33.51 20.23 -42.25
N ASN H 52 -34.59 20.53 -41.55
CA ASN H 52 -35.85 19.82 -41.73
C ASN H 52 -36.85 20.72 -42.46
N LEU H 53 -38.00 20.14 -42.78
CA LEU H 53 -39.07 20.82 -43.50
C LEU H 53 -40.34 20.81 -42.66
N ALA H 54 -41.04 21.94 -42.64
CA ALA H 54 -42.29 22.03 -41.91
C ALA H 54 -43.41 21.37 -42.70
N SER H 55 -44.63 21.45 -42.17
CA SER H 55 -45.79 20.83 -42.80
C SER H 55 -46.39 21.77 -43.83
N GLY H 56 -46.55 21.28 -45.05
CA GLY H 56 -47.10 22.06 -46.14
C GLY H 56 -46.09 22.86 -46.93
N VAL H 57 -44.85 22.96 -46.46
CA VAL H 57 -43.81 23.68 -47.19
C VAL H 57 -43.32 22.80 -48.34
N PRO H 58 -43.27 23.31 -49.56
CA PRO H 58 -42.85 22.47 -50.70
C PRO H 58 -41.37 22.15 -50.66
N VAL H 59 -40.97 21.25 -51.57
CA VAL H 59 -39.62 20.70 -51.56
C VAL H 59 -38.58 21.78 -51.86
N ARG H 60 -38.99 22.86 -52.52
CA ARG H 60 -38.05 23.90 -52.94
C ARG H 60 -37.26 24.47 -51.76
N PHE H 61 -37.96 24.81 -50.68
CA PHE H 61 -37.31 25.48 -49.55
C PHE H 61 -36.40 24.51 -48.82
N SER H 62 -35.16 24.95 -48.58
CA SER H 62 -34.18 24.13 -47.89
C SER H 62 -33.09 25.04 -47.35
N GLY H 63 -32.31 24.51 -46.40
CA GLY H 63 -31.23 25.26 -45.82
C GLY H 63 -30.32 24.34 -45.02
N SER H 64 -29.19 24.89 -44.62
CA SER H 64 -28.20 24.15 -43.85
C SER H 64 -27.23 25.14 -43.22
N GLY H 65 -26.32 24.61 -42.42
CA GLY H 65 -25.33 25.43 -41.74
C GLY H 65 -24.88 24.75 -40.46
N SER H 66 -23.91 25.39 -39.81
CA SER H 66 -23.37 24.89 -38.56
C SER H 66 -22.70 26.03 -37.81
N GLY H 67 -22.48 25.80 -36.52
CA GLY H 67 -21.85 26.80 -35.68
C GLY H 67 -22.63 28.08 -35.58
N THR H 68 -22.09 29.16 -36.15
CA THR H 68 -22.77 30.46 -36.17
C THR H 68 -23.05 30.94 -37.58
N SER H 69 -23.02 30.05 -38.56
CA SER H 69 -23.28 30.38 -39.96
C SER H 69 -24.37 29.48 -40.50
N TYR H 70 -25.47 30.07 -40.94
CA TYR H 70 -26.57 29.33 -41.53
C TYR H 70 -27.17 30.15 -42.67
N SER H 71 -27.83 29.45 -43.58
CA SER H 71 -28.44 30.11 -44.73
C SER H 71 -29.54 29.23 -45.29
N LEU H 72 -30.42 29.85 -46.07
CA LEU H 72 -31.53 29.16 -46.73
C LEU H 72 -31.46 29.44 -48.22
N THR H 73 -31.75 28.41 -49.02
CA THR H 73 -31.71 28.52 -50.47
C THR H 73 -32.98 27.94 -51.06
N ILE H 74 -33.38 28.49 -52.20
CA ILE H 74 -34.57 28.05 -52.93
C ILE H 74 -34.19 27.82 -54.39
N SER H 75 -35.03 27.06 -55.08
CA SER H 75 -34.75 26.65 -56.46
C SER H 75 -35.56 27.42 -57.48
N ARG H 76 -36.89 27.33 -57.43
CA ARG H 76 -37.78 27.91 -58.43
C ARG H 76 -38.62 29.00 -57.78
N MET H 77 -38.20 30.25 -57.90
CA MET H 77 -38.87 31.37 -57.26
C MET H 77 -40.00 31.88 -58.15
N GLU H 78 -41.17 32.07 -57.55
CA GLU H 78 -42.32 32.63 -58.22
C GLU H 78 -42.66 34.00 -57.62
N ALA H 79 -43.77 34.58 -58.07
CA ALA H 79 -44.17 35.89 -57.58
C ALA H 79 -44.57 35.85 -56.11
N GLU H 80 -45.21 34.76 -55.68
CA GLU H 80 -45.70 34.67 -54.31
C GLU H 80 -44.59 34.41 -53.29
N ASP H 81 -43.36 34.15 -53.73
CA ASP H 81 -42.23 33.97 -52.82
C ASP H 81 -41.52 35.27 -52.50
N ALA H 82 -42.22 36.40 -52.58
CA ALA H 82 -41.66 37.71 -52.24
C ALA H 82 -42.27 38.15 -50.91
N ALA H 83 -41.53 37.93 -49.83
CA ALA H 83 -41.98 38.29 -48.49
C ALA H 83 -40.75 38.50 -47.61
N THR H 84 -40.98 38.61 -46.31
CA THR H 84 -39.92 38.84 -45.34
C THR H 84 -39.55 37.53 -44.67
N TYR H 85 -38.26 37.34 -44.41
CA TYR H 85 -37.74 36.12 -43.82
C TYR H 85 -36.91 36.47 -42.59
N TYR H 86 -37.19 35.79 -41.48
CA TYR H 86 -36.52 36.05 -40.21
C TYR H 86 -35.87 34.77 -39.69
N CYS H 87 -34.73 34.94 -39.03
CA CYS H 87 -34.04 33.86 -38.36
C CYS H 87 -34.15 34.06 -36.86
N GLN H 88 -34.60 33.02 -36.15
CA GLN H 88 -34.81 33.09 -34.71
C GLN H 88 -34.04 31.99 -34.02
N GLN H 89 -33.40 32.34 -32.91
CA GLN H 89 -32.66 31.39 -32.08
C GLN H 89 -33.53 30.90 -30.93
N TRP H 90 -33.07 29.82 -30.30
CA TRP H 90 -33.84 29.17 -29.24
C TRP H 90 -33.01 28.81 -28.01
N SER H 91 -31.70 28.61 -28.14
CA SER H 91 -30.91 28.10 -27.02
C SER H 91 -30.86 29.09 -25.86
N SER H 92 -30.50 30.34 -26.14
CA SER H 92 -30.50 31.35 -25.09
C SER H 92 -31.93 31.75 -24.75
N TYR H 93 -32.18 32.01 -23.46
CA TYR H 93 -33.54 32.27 -23.03
C TYR H 93 -34.17 33.49 -23.70
N PRO H 94 -33.49 34.63 -23.87
CA PRO H 94 -34.09 35.70 -24.68
C PRO H 94 -34.19 35.27 -26.14
N TYR H 95 -35.42 35.05 -26.62
CA TYR H 95 -35.65 34.55 -27.97
C TYR H 95 -35.43 35.70 -28.95
N THR H 96 -34.15 35.99 -29.19
CA THR H 96 -33.80 37.10 -30.07
C THR H 96 -34.07 36.73 -31.53
N PHE H 97 -34.71 37.64 -32.25
CA PHE H 97 -35.00 37.46 -33.66
C PHE H 97 -33.88 38.06 -34.49
N GLY H 98 -34.10 38.17 -35.80
CA GLY H 98 -33.13 38.74 -36.72
C GLY H 98 -33.65 40.00 -37.39
N GLY H 99 -32.77 40.60 -38.18
CA GLY H 99 -33.13 41.84 -38.86
C GLY H 99 -34.22 41.66 -39.89
N GLY H 100 -34.19 40.55 -40.63
CA GLY H 100 -35.16 40.31 -41.66
C GLY H 100 -34.63 40.65 -43.04
N THR H 101 -35.19 40.01 -44.05
CA THR H 101 -34.76 40.19 -45.43
C THR H 101 -35.97 40.48 -46.30
N LYS H 102 -35.87 41.55 -47.10
CA LYS H 102 -36.92 41.93 -48.04
C LYS H 102 -36.59 41.40 -49.43
N LEU H 103 -37.58 40.75 -50.05
CA LEU H 103 -37.43 40.21 -51.39
C LEU H 103 -38.37 40.95 -52.34
N GLU H 104 -37.83 41.36 -53.49
CA GLU H 104 -38.59 42.11 -54.48
C GLU H 104 -38.41 41.47 -55.85
N ILE H 105 -39.40 41.68 -56.71
CA ILE H 105 -39.40 41.14 -58.06
C ILE H 105 -39.22 42.28 -59.04
N LYS H 106 -38.24 42.17 -59.92
CA LYS H 106 -37.98 43.19 -60.93
C LYS H 106 -37.25 42.60 -62.13
N SER I 23 69.33 -13.13 0.41
CA SER I 23 69.02 -11.88 -0.24
C SER I 23 70.14 -11.46 -1.19
N PHE I 24 71.24 -10.96 -0.62
CA PHE I 24 72.39 -10.52 -1.39
C PHE I 24 73.58 -11.41 -1.08
N PRO I 25 73.91 -12.38 -1.93
CA PRO I 25 75.06 -13.25 -1.67
C PRO I 25 76.36 -12.66 -2.19
N PHE I 26 77.46 -13.12 -1.60
CA PHE I 26 78.78 -12.69 -2.04
C PHE I 26 79.04 -13.18 -3.47
N ARG I 27 79.61 -12.30 -4.28
CA ARG I 27 79.87 -12.63 -5.68
C ARG I 27 81.15 -11.93 -6.13
N VAL I 28 81.92 -12.63 -6.96
CA VAL I 28 83.21 -12.12 -7.44
C VAL I 28 83.20 -12.08 -8.96
N CYS I 29 82.03 -11.82 -9.55
CA CYS I 29 81.90 -11.82 -11.00
C CYS I 29 82.85 -10.84 -11.66
N GLU I 30 82.64 -9.54 -11.41
CA GLU I 30 83.52 -8.48 -11.94
C GLU I 30 83.74 -8.64 -13.45
N LEU I 31 82.68 -8.98 -14.16
CA LEU I 31 82.75 -9.30 -15.58
C LEU I 31 82.28 -8.12 -16.41
N SER I 32 83.07 -7.76 -17.43
CA SER I 32 82.73 -6.68 -18.35
C SER I 32 82.94 -7.11 -19.80
N SER I 33 82.71 -8.39 -20.09
CA SER I 33 82.89 -8.92 -21.42
C SER I 33 81.60 -8.77 -22.23
N HIS I 34 81.55 -9.39 -23.40
CA HIS I 34 80.36 -9.32 -24.24
C HIS I 34 79.19 -10.07 -23.59
N GLY I 35 78.02 -9.47 -23.68
CA GLY I 35 76.82 -10.07 -23.12
C GLY I 35 75.59 -9.46 -23.73
N ASP I 36 74.47 -9.59 -23.00
CA ASP I 36 73.22 -9.01 -23.45
C ASP I 36 73.30 -7.48 -23.41
N LEU I 37 72.71 -6.84 -24.42
CA LEU I 37 72.70 -5.39 -24.53
C LEU I 37 71.29 -4.86 -24.30
N PHE I 38 71.22 -3.63 -23.80
CA PHE I 38 69.95 -2.98 -23.52
C PHE I 38 70.10 -1.48 -23.71
N ARG I 39 69.08 -0.86 -24.30
CA ARG I 39 69.12 0.57 -24.60
C ARG I 39 67.96 1.27 -23.90
N PHE I 40 68.24 2.45 -23.34
CA PHE I 40 67.23 3.24 -22.68
C PHE I 40 66.25 3.82 -23.70
N SER I 41 64.97 3.84 -23.34
CA SER I 41 63.95 4.41 -24.21
C SER I 41 64.09 5.91 -24.31
N SER I 42 63.53 6.48 -25.38
CA SER I 42 63.60 7.91 -25.62
C SER I 42 62.26 8.62 -25.49
N ASP I 43 61.14 7.90 -25.63
CA ASP I 43 59.83 8.51 -25.53
C ASP I 43 58.85 7.45 -25.05
N ILE I 44 58.39 7.59 -23.80
CA ILE I 44 57.47 6.62 -23.21
C ILE I 44 56.06 6.89 -23.72
N GLN I 45 55.41 5.84 -24.21
CA GLN I 45 54.04 5.94 -24.71
C GLN I 45 53.07 5.76 -23.55
N CYS I 46 52.15 6.70 -23.41
CA CYS I 46 51.22 6.70 -22.29
C CYS I 46 50.05 5.77 -22.57
N PRO I 47 49.81 4.75 -21.75
CA PRO I 47 48.64 3.89 -21.96
C PRO I 47 47.35 4.64 -21.73
N SER I 48 46.30 4.19 -22.43
CA SER I 48 44.98 4.81 -22.34
C SER I 48 43.93 3.74 -22.10
N PHE I 49 42.82 4.15 -21.47
CA PHE I 49 41.74 3.22 -21.19
C PHE I 49 40.36 3.85 -21.39
N GLY I 50 40.27 4.97 -22.10
CA GLY I 50 38.98 5.57 -22.35
C GLY I 50 38.14 4.77 -23.34
N THR I 51 36.83 4.84 -23.16
CA THR I 51 35.91 4.08 -24.00
C THR I 51 34.52 4.70 -23.89
N ARG I 52 33.63 4.25 -24.79
CA ARG I 52 32.23 4.65 -24.79
C ARG I 52 32.05 6.14 -25.08
N GLU I 53 31.71 6.91 -24.04
CA GLU I 53 31.41 8.34 -24.17
C GLU I 53 30.40 8.60 -25.28
N ASN I 54 29.36 7.77 -25.33
CA ASN I 54 28.28 7.91 -26.31
C ASN I 54 27.07 8.47 -25.58
N HIS I 55 26.83 9.77 -25.74
CA HIS I 55 25.74 10.45 -25.07
C HIS I 55 24.90 11.21 -26.10
N THR I 56 23.59 11.24 -25.85
CA THR I 56 22.66 11.96 -26.71
C THR I 56 21.57 12.57 -25.84
N GLU I 57 21.19 13.79 -26.14
CA GLU I 57 20.15 14.47 -25.39
C GLU I 57 18.79 14.22 -26.04
N GLY I 58 17.73 14.76 -25.42
CA GLY I 58 16.40 14.60 -25.98
C GLY I 58 15.34 14.98 -24.95
N LEU I 59 14.11 14.58 -25.24
CA LEU I 59 12.97 14.82 -24.36
C LEU I 59 12.28 13.50 -24.08
N LEU I 60 11.86 13.30 -22.83
CA LEU I 60 11.31 12.03 -22.39
C LEU I 60 9.99 12.26 -21.66
N MET I 61 9.02 11.38 -21.92
CA MET I 61 7.76 11.35 -21.21
C MET I 61 7.51 9.93 -20.73
N VAL I 62 7.01 9.79 -19.50
CA VAL I 62 6.80 8.49 -18.86
C VAL I 62 5.33 8.30 -18.61
N PHE I 63 4.80 7.16 -19.03
CA PHE I 63 3.40 6.80 -18.85
C PHE I 63 3.30 5.54 -17.99
N LYS I 64 2.27 5.48 -17.16
CA LYS I 64 2.08 4.38 -16.23
C LYS I 64 0.68 3.80 -16.40
N ASP I 65 0.43 2.72 -15.66
CA ASP I 65 -0.87 2.05 -15.71
C ASP I 65 -1.96 2.94 -15.12
N ASN I 66 -3.18 2.71 -15.59
CA ASN I 66 -4.37 3.40 -15.09
C ASN I 66 -5.17 2.44 -14.22
N ILE I 67 -5.45 2.86 -13.00
CA ILE I 67 -6.22 2.05 -12.05
C ILE I 67 -7.54 2.68 -11.66
N ILE I 68 -7.81 3.91 -12.06
CA ILE I 68 -9.08 4.55 -11.74
C ILE I 68 -10.16 4.02 -12.69
N PRO I 69 -11.26 3.49 -12.16
CA PRO I 69 -12.29 2.92 -13.04
C PRO I 69 -13.01 3.99 -13.85
N TYR I 70 -13.53 3.56 -14.99
CA TYR I 70 -14.29 4.44 -15.88
C TYR I 70 -15.58 4.88 -15.20
N SER I 71 -15.92 6.16 -15.35
CA SER I 71 -17.07 6.74 -14.65
C SER I 71 -17.92 7.54 -15.61
N PHE I 72 -19.24 7.50 -15.40
CA PHE I 72 -20.19 8.23 -16.22
C PHE I 72 -21.45 8.48 -15.41
N LYS I 73 -22.34 9.31 -15.95
CA LYS I 73 -23.54 9.75 -15.27
C LYS I 73 -24.76 9.02 -15.79
N VAL I 74 -25.68 8.68 -14.88
CA VAL I 74 -26.92 7.99 -15.22
C VAL I 74 -28.08 8.73 -14.60
N ARG I 75 -29.29 8.32 -14.98
CA ARG I 75 -30.53 8.87 -14.43
C ARG I 75 -31.56 7.76 -14.37
N SER I 76 -32.35 7.75 -13.30
CA SER I 76 -33.30 6.67 -13.04
C SER I 76 -34.71 7.21 -12.88
N TYR I 77 -35.68 6.48 -13.42
CA TYR I 77 -37.10 6.77 -13.28
C TYR I 77 -37.80 5.57 -12.64
N THR I 78 -38.76 5.86 -11.77
CA THR I 78 -39.53 4.79 -11.13
C THR I 78 -40.88 5.34 -10.69
N LYS I 79 -41.81 4.41 -10.45
CA LYS I 79 -43.14 4.73 -9.96
C LYS I 79 -43.42 3.91 -8.72
N ILE I 80 -43.77 4.58 -7.63
CA ILE I 80 -43.96 3.93 -6.33
C ILE I 80 -45.45 3.94 -5.99
N VAL I 81 -45.98 2.75 -5.68
CA VAL I 81 -47.38 2.60 -5.27
C VAL I 81 -47.41 1.97 -3.89
N THR I 82 -48.18 2.57 -2.99
CA THR I 82 -48.29 2.10 -1.61
C THR I 82 -49.74 1.80 -1.29
N ASN I 83 -49.96 0.70 -0.57
CA ASN I 83 -51.29 0.29 -0.15
C ASN I 83 -51.34 0.24 1.37
N ILE I 84 -52.35 0.90 1.95
CA ILE I 84 -52.54 0.92 3.40
C ILE I 84 -53.82 0.16 3.70
N LEU I 85 -54.12 -0.85 2.88
CA LEU I 85 -55.40 -1.56 2.97
C LEU I 85 -55.57 -2.26 4.31
N ILE I 86 -54.49 -2.61 4.99
CA ILE I 86 -54.56 -3.30 6.28
C ILE I 86 -54.62 -2.22 7.35
N TYR I 87 -55.83 -1.74 7.62
CA TYR I 87 -56.06 -0.77 8.69
C TYR I 87 -56.38 -1.43 10.02
N ASN I 88 -56.57 -2.76 10.05
CA ASN I 88 -56.83 -3.51 11.27
C ASN I 88 -58.04 -2.96 12.03
N GLY I 89 -59.20 -3.03 11.38
CA GLY I 89 -60.42 -2.60 12.03
C GLY I 89 -60.77 -3.45 13.23
N HIS I 90 -60.69 -4.77 13.07
CA HIS I 90 -60.95 -5.73 14.14
C HIS I 90 -62.25 -5.46 14.88
N SER I 94 -56.03 -1.42 16.42
CA SER I 94 -56.06 -0.12 15.76
C SER I 94 -54.67 0.31 15.31
N VAL I 95 -54.08 -0.49 14.41
CA VAL I 95 -52.75 -0.22 13.88
C VAL I 95 -52.81 -0.34 12.36
N THR I 96 -51.80 0.24 11.71
CA THR I 96 -51.71 0.25 10.25
C THR I 96 -50.55 -0.61 9.80
N ASN I 97 -50.80 -1.47 8.82
CA ASN I 97 -49.79 -2.35 8.24
C ASN I 97 -49.82 -2.16 6.74
N ARG I 98 -48.97 -1.27 6.23
CA ARG I 98 -48.97 -0.91 4.83
C ARG I 98 -47.78 -1.54 4.10
N HIS I 99 -48.01 -1.99 2.87
CA HIS I 99 -46.98 -2.54 2.01
C HIS I 99 -46.96 -1.75 0.71
N GLU I 100 -45.76 -1.53 0.17
CA GLU I 100 -45.58 -0.72 -1.02
C GLU I 100 -45.00 -1.57 -2.15
N GLU I 101 -44.98 -0.98 -3.34
CA GLU I 101 -44.43 -1.64 -4.51
C GLU I 101 -43.91 -0.57 -5.47
N LYS I 102 -42.97 -0.98 -6.33
CA LYS I 102 -42.36 -0.08 -7.30
C LYS I 102 -42.46 -0.68 -8.69
N PHE I 103 -42.54 0.19 -9.69
CA PHE I 103 -42.73 -0.24 -11.07
C PHE I 103 -41.88 0.62 -12.00
N SER I 104 -41.69 0.12 -13.22
CA SER I 104 -40.90 0.81 -14.21
C SER I 104 -41.74 1.89 -14.90
N VAL I 105 -41.14 2.54 -15.90
CA VAL I 105 -41.80 3.58 -16.68
C VAL I 105 -41.65 3.24 -18.16
N GLU I 106 -42.70 3.54 -18.91
CA GLU I 106 -42.70 3.22 -20.35
C GLU I 106 -42.06 4.35 -21.14
N SER I 107 -41.94 4.17 -22.44
CA SER I 107 -41.25 5.12 -23.31
C SER I 107 -41.97 6.47 -23.41
N TYR I 108 -43.29 6.45 -23.62
CA TYR I 108 -44.02 7.70 -23.83
C TYR I 108 -43.94 8.60 -22.61
N GLU I 109 -43.89 8.01 -21.42
CA GLU I 109 -43.83 8.82 -20.21
C GLU I 109 -42.44 9.39 -19.99
N THR I 110 -41.38 8.65 -20.33
CA THR I 110 -40.03 9.14 -20.12
C THR I 110 -39.74 10.36 -20.97
N ASP I 111 -40.36 10.47 -22.14
CA ASP I 111 -40.20 11.67 -22.96
C ASP I 111 -40.78 12.89 -22.27
N GLN I 112 -41.86 12.71 -21.51
CA GLN I 112 -42.48 13.83 -20.81
C GLN I 112 -41.63 14.29 -19.64
N MET I 113 -41.11 13.35 -18.85
CA MET I 113 -40.34 13.71 -17.66
C MET I 113 -39.05 14.43 -18.02
N ASP I 114 -38.34 13.95 -19.05
CA ASP I 114 -37.02 14.48 -19.36
C ASP I 114 -37.07 15.92 -19.85
N THR I 115 -38.14 16.30 -20.54
CA THR I 115 -38.22 17.61 -21.18
C THR I 115 -39.11 18.60 -20.44
N ILE I 116 -40.32 18.19 -20.07
CA ILE I 116 -41.29 19.10 -19.45
C ILE I 116 -41.50 18.83 -17.98
N TYR I 117 -40.97 17.73 -17.45
CA TYR I 117 -41.09 17.38 -16.03
C TYR I 117 -42.56 17.24 -15.61
N GLN I 118 -43.24 16.28 -16.23
CA GLN I 118 -44.62 15.96 -15.91
C GLN I 118 -44.83 14.47 -16.06
N CYS I 119 -45.66 13.90 -15.19
CA CYS I 119 -45.90 12.47 -15.20
C CYS I 119 -47.38 12.20 -14.92
N TYR I 120 -47.82 11.00 -15.31
CA TYR I 120 -49.20 10.56 -15.10
C TYR I 120 -49.28 9.75 -13.82
N ASN I 121 -50.25 10.07 -12.98
CA ASN I 121 -50.44 9.38 -11.69
C ASN I 121 -51.48 8.27 -11.86
N ALA I 122 -51.10 7.25 -12.63
CA ALA I 122 -51.97 6.13 -12.89
C ALA I 122 -51.14 4.95 -13.37
N VAL I 123 -51.23 3.82 -12.67
CA VAL I 123 -50.45 2.64 -13.00
C VAL I 123 -51.40 1.52 -13.43
N LYS I 124 -51.01 0.79 -14.47
CA LYS I 124 -51.78 -0.32 -14.98
C LYS I 124 -50.91 -1.57 -15.00
N MET I 125 -51.42 -2.66 -14.45
CA MET I 125 -50.72 -3.94 -14.42
C MET I 125 -51.55 -5.00 -15.13
N THR I 126 -51.05 -6.23 -15.10
CA THR I 126 -51.71 -7.36 -15.74
C THR I 126 -51.24 -8.64 -15.07
N LYS I 127 -52.17 -9.57 -14.83
CA LYS I 127 -51.81 -10.86 -14.23
C LYS I 127 -52.90 -11.86 -14.61
N ASP I 128 -52.54 -12.83 -15.46
CA ASP I 128 -53.46 -13.89 -15.89
C ASP I 128 -54.74 -13.31 -16.49
N GLY I 129 -54.59 -12.25 -17.27
CA GLY I 129 -55.71 -11.58 -17.88
C GLY I 129 -56.45 -10.60 -16.99
N LEU I 130 -55.99 -10.41 -15.75
CA LEU I 130 -56.61 -9.48 -14.82
C LEU I 130 -55.76 -8.22 -14.72
N THR I 131 -56.37 -7.08 -15.00
CA THR I 131 -55.68 -5.79 -14.99
C THR I 131 -56.20 -4.93 -13.86
N ARG I 132 -55.28 -4.30 -13.13
CA ARG I 132 -55.61 -3.44 -12.00
C ARG I 132 -55.11 -2.03 -12.30
N VAL I 133 -55.98 -1.05 -12.06
CA VAL I 133 -55.65 0.36 -12.31
C VAL I 133 -55.87 1.15 -11.03
N TYR I 134 -54.86 1.92 -10.64
CA TYR I 134 -54.94 2.77 -9.45
C TYR I 134 -54.62 4.20 -9.82
N VAL I 135 -55.24 5.13 -9.09
CA VAL I 135 -55.00 6.55 -9.26
C VAL I 135 -54.73 7.15 -7.89
N ASP I 136 -54.00 8.27 -7.87
CA ASP I 136 -53.72 8.95 -6.61
C ASP I 136 -55.01 9.52 -6.03
N ARG I 137 -55.26 9.21 -4.76
CA ARG I 137 -56.49 9.60 -4.07
C ARG I 137 -57.73 9.13 -4.81
N ASP I 138 -57.60 8.03 -5.55
CA ASP I 138 -58.69 7.44 -6.33
C ASP I 138 -59.31 8.47 -7.27
N GLY I 139 -58.44 9.21 -7.96
CA GLY I 139 -58.88 10.21 -8.91
C GLY I 139 -59.02 9.66 -10.31
N VAL I 140 -58.46 10.37 -11.29
CA VAL I 140 -58.51 9.96 -12.70
C VAL I 140 -57.16 10.26 -13.35
N ASN I 141 -57.01 9.80 -14.59
CA ASN I 141 -55.82 10.04 -15.39
C ASN I 141 -55.57 11.55 -15.54
N ILE I 142 -54.50 12.05 -14.90
CA ILE I 142 -54.20 13.48 -14.91
C ILE I 142 -52.69 13.66 -14.91
N THR I 143 -52.26 14.88 -15.21
CA THR I 143 -50.84 15.21 -15.29
C THR I 143 -50.43 15.98 -14.04
N VAL I 144 -49.37 15.53 -13.38
CA VAL I 144 -48.83 16.20 -12.20
C VAL I 144 -47.39 16.62 -12.49
N ASN I 145 -46.94 17.64 -11.78
CA ASN I 145 -45.61 18.19 -11.98
C ASN I 145 -44.61 17.51 -11.04
N LEU I 146 -43.33 17.73 -11.32
CA LEU I 146 -42.24 17.23 -10.51
C LEU I 146 -41.46 18.39 -9.93
N LYS I 147 -41.11 18.30 -8.65
CA LYS I 147 -40.46 19.38 -7.95
C LYS I 147 -39.19 18.88 -7.29
N PRO I 148 -38.19 19.75 -7.10
CA PRO I 148 -36.96 19.34 -6.42
C PRO I 148 -37.24 18.93 -4.98
N THR I 149 -36.44 17.99 -4.50
CA THR I 149 -36.56 17.46 -3.15
C THR I 149 -35.21 17.57 -2.45
N GLY I 150 -35.22 18.07 -1.21
CA GLY I 150 -33.98 18.20 -0.47
C GLY I 150 -33.38 16.86 -0.10
N GLY I 151 -32.08 16.87 0.17
CA GLY I 151 -31.39 15.66 0.50
C GLY I 151 -30.00 15.94 1.04
N LEU I 152 -29.20 14.88 1.11
CA LEU I 152 -27.85 14.99 1.65
C LEU I 152 -26.98 15.89 0.76
N ALA I 153 -26.10 16.64 1.40
CA ALA I 153 -25.20 17.52 0.66
C ALA I 153 -24.18 16.69 -0.11
N ASN I 154 -23.92 17.11 -1.35
CA ASN I 154 -22.97 16.44 -2.25
C ASN I 154 -23.32 14.96 -2.42
N GLY I 155 -24.50 14.73 -2.98
CA GLY I 155 -24.96 13.39 -3.23
C GLY I 155 -25.81 13.29 -4.48
N VAL I 156 -26.93 12.58 -4.39
CA VAL I 156 -27.85 12.47 -5.50
C VAL I 156 -28.89 13.58 -5.42
N ARG I 157 -29.47 13.93 -6.56
CA ARG I 157 -30.52 14.93 -6.64
C ARG I 157 -31.81 14.25 -7.05
N ARG I 158 -32.89 14.54 -6.33
CA ARG I 158 -34.18 13.87 -6.54
C ARG I 158 -35.24 14.89 -6.89
N TYR I 159 -36.09 14.51 -7.86
CA TYR I 159 -37.28 15.27 -8.21
C TYR I 159 -38.49 14.35 -8.01
N ALA I 160 -39.44 14.81 -7.20
CA ALA I 160 -40.59 14.00 -6.84
C ALA I 160 -41.86 14.81 -6.94
N SER I 161 -42.97 14.11 -7.15
CA SER I 161 -44.29 14.73 -7.19
C SER I 161 -44.97 14.62 -5.84
N GLN I 162 -45.93 15.50 -5.61
CA GLN I 162 -46.65 15.51 -4.35
C GLN I 162 -47.47 14.24 -4.17
N THR I 163 -47.66 13.83 -2.92
CA THR I 163 -48.43 12.64 -2.61
C THR I 163 -49.92 12.95 -2.67
N GLU I 164 -50.74 12.01 -2.20
CA GLU I 164 -52.18 12.21 -2.20
C GLU I 164 -52.58 13.33 -1.24
N LEU I 165 -53.70 13.98 -1.55
CA LEU I 165 -54.18 15.07 -0.71
C LEU I 165 -54.56 14.58 0.68
N TYR I 166 -55.24 13.44 0.76
CA TYR I 166 -55.68 12.90 2.05
C TYR I 166 -55.95 11.42 1.89
N ASP I 167 -56.03 10.73 3.04
CA ASP I 167 -56.34 9.30 3.10
C ASP I 167 -57.48 9.14 4.10
N ALA I 168 -58.71 9.27 3.62
CA ALA I 168 -59.87 9.17 4.49
C ALA I 168 -60.08 7.73 4.96
N PRO I 169 -60.49 7.53 6.20
CA PRO I 169 -60.75 6.16 6.68
C PRO I 169 -61.94 5.55 5.95
N GLY I 170 -61.90 4.22 5.82
CA GLY I 170 -62.95 3.48 5.15
C GLY I 170 -63.67 2.53 6.08
N ARG I 171 -63.84 1.28 5.63
CA ARG I 171 -64.52 0.27 6.43
C ARG I 171 -63.54 -0.38 7.41
N VAL I 172 -64.04 -1.34 8.19
CA VAL I 172 -63.17 -1.98 9.22
C VAL I 172 -63.30 -3.50 9.14
N GLU I 173 -62.84 -4.21 10.17
CA GLU I 173 -62.94 -5.70 10.19
C GLU I 173 -62.25 -6.28 8.95
N ALA I 174 -62.83 -7.34 8.38
CA ALA I 174 -62.23 -8.00 7.19
C ALA I 174 -61.83 -6.94 6.16
N THR I 175 -62.77 -6.10 5.73
CA THR I 175 -62.47 -5.12 4.69
C THR I 175 -62.08 -3.82 5.39
N TYR I 176 -60.81 -3.73 5.77
CA TYR I 176 -60.30 -2.54 6.43
C TYR I 176 -60.19 -1.39 5.44
N ARG I 177 -59.81 -0.22 5.97
CA ARG I 177 -59.66 0.96 5.14
C ARG I 177 -58.54 0.75 4.13
N THR I 178 -58.84 1.02 2.86
CA THR I 178 -57.89 0.84 1.76
C THR I 178 -57.55 2.19 1.14
N ARG I 179 -56.25 2.48 1.05
CA ARG I 179 -55.77 3.71 0.46
C ARG I 179 -54.75 3.40 -0.63
N THR I 180 -54.79 4.17 -1.71
CA THR I 180 -53.89 4.00 -2.84
C THR I 180 -53.18 5.30 -3.12
N THR I 181 -51.86 5.23 -3.27
CA THR I 181 -51.04 6.40 -3.58
C THR I 181 -50.02 6.02 -4.64
N VAL I 182 -49.69 7.00 -5.50
CA VAL I 182 -48.70 6.80 -6.54
C VAL I 182 -47.79 8.03 -6.58
N ASN I 183 -46.49 7.80 -6.76
CA ASN I 183 -45.51 8.87 -6.80
C ASN I 183 -44.56 8.66 -7.97
N CYS I 184 -44.02 9.77 -8.47
CA CYS I 184 -43.03 9.76 -9.55
C CYS I 184 -41.69 10.23 -9.00
N LEU I 185 -40.62 9.51 -9.35
CA LEU I 185 -39.30 9.79 -8.81
C LEU I 185 -38.28 9.87 -9.94
N ILE I 186 -37.33 10.78 -9.78
CA ILE I 186 -36.21 10.94 -10.70
C ILE I 186 -34.94 11.12 -9.89
N THR I 187 -33.90 10.36 -10.20
CA THR I 187 -32.65 10.40 -9.46
C THR I 187 -31.48 10.49 -10.43
N ASP I 188 -30.48 11.29 -10.07
CA ASP I 188 -29.25 11.44 -10.84
C ASP I 188 -28.06 11.04 -9.98
N MET I 189 -27.23 10.14 -10.50
CA MET I 189 -26.06 9.67 -9.77
C MET I 189 -24.98 9.33 -10.79
N MET I 190 -23.96 8.59 -10.35
CA MET I 190 -22.84 8.21 -11.19
C MET I 190 -22.65 6.70 -11.11
N ALA I 191 -21.96 6.16 -12.11
CA ALA I 191 -21.68 4.73 -12.19
C ALA I 191 -20.22 4.51 -12.54
N LYS I 192 -19.70 3.34 -12.16
CA LYS I 192 -18.30 3.03 -12.37
C LYS I 192 -18.16 1.59 -12.88
N SER I 193 -17.14 1.37 -13.70
CA SER I 193 -16.88 0.06 -14.27
C SER I 193 -15.37 -0.13 -14.42
N ASN I 194 -14.95 -1.39 -14.48
CA ASN I 194 -13.54 -1.75 -14.43
C ASN I 194 -13.01 -2.05 -15.83
N SER I 195 -11.76 -2.55 -15.88
CA SER I 195 -11.08 -2.71 -17.16
C SER I 195 -11.74 -3.69 -18.11
N PRO I 196 -12.11 -4.91 -17.71
CA PRO I 196 -12.72 -5.84 -18.69
C PRO I 196 -14.12 -5.46 -19.11
N PHE I 197 -14.79 -4.56 -18.37
CA PHE I 197 -16.14 -4.09 -18.69
C PHE I 197 -17.14 -5.25 -18.75
N ASP I 198 -17.34 -5.88 -17.60
CA ASP I 198 -18.34 -6.92 -17.46
C ASP I 198 -19.63 -6.45 -16.79
N PHE I 199 -19.55 -5.42 -15.96
CA PHE I 199 -20.72 -4.87 -15.28
C PHE I 199 -20.34 -3.49 -14.74
N PHE I 200 -21.35 -2.73 -14.31
CA PHE I 200 -21.13 -1.44 -13.68
C PHE I 200 -22.09 -1.28 -12.51
N VAL I 201 -21.68 -0.45 -11.55
CA VAL I 201 -22.40 -0.25 -10.30
C VAL I 201 -22.71 1.23 -10.14
N THR I 202 -23.96 1.54 -9.79
CA THR I 202 -24.36 2.91 -9.56
C THR I 202 -23.98 3.35 -8.14
N THR I 203 -24.32 4.58 -7.79
CA THR I 203 -23.94 5.12 -6.48
C THR I 203 -24.70 4.43 -5.36
N THR I 204 -26.01 4.26 -5.52
CA THR I 204 -26.83 3.68 -4.46
C THR I 204 -26.58 2.19 -4.26
N GLY I 205 -25.83 1.54 -5.15
CA GLY I 205 -25.47 0.15 -4.95
C GLY I 205 -26.30 -0.83 -5.75
N GLN I 206 -26.61 -0.50 -7.01
CA GLN I 206 -27.34 -1.36 -7.90
C GLN I 206 -26.43 -1.77 -9.05
N THR I 207 -26.36 -3.06 -9.31
CA THR I 207 -25.45 -3.62 -10.31
C THR I 207 -26.23 -4.03 -11.56
N VAL I 208 -25.63 -3.75 -12.73
CA VAL I 208 -26.21 -4.11 -14.01
C VAL I 208 -25.17 -4.95 -14.76
N GLU I 209 -25.58 -6.12 -15.23
CA GLU I 209 -24.68 -7.06 -15.88
C GLU I 209 -24.65 -6.77 -17.39
N MET I 210 -23.94 -5.70 -17.74
CA MET I 210 -23.82 -5.29 -19.14
C MET I 210 -22.69 -4.29 -19.26
N SER I 211 -21.90 -4.41 -20.32
CA SER I 211 -20.85 -3.43 -20.57
C SER I 211 -21.47 -2.08 -20.95
N PRO I 212 -20.94 -0.98 -20.41
CA PRO I 212 -21.54 0.33 -20.70
C PRO I 212 -21.43 0.77 -22.15
N PHE I 213 -20.58 0.12 -22.94
CA PHE I 213 -20.38 0.50 -24.35
C PHE I 213 -21.21 -0.32 -25.32
N TYR I 214 -22.06 -1.22 -24.81
CA TYR I 214 -22.88 -2.03 -25.68
C TYR I 214 -23.92 -1.18 -26.41
N ASP I 215 -24.15 -1.49 -27.69
CA ASP I 215 -25.10 -0.72 -28.48
C ASP I 215 -26.04 -1.58 -29.31
N GLY I 216 -26.05 -2.90 -29.10
CA GLY I 216 -26.96 -3.79 -29.78
C GLY I 216 -26.37 -4.53 -30.96
N LYS I 217 -25.25 -4.04 -31.52
CA LYS I 217 -24.59 -4.69 -32.64
C LYS I 217 -23.10 -4.88 -32.41
N ASN I 218 -22.62 -4.72 -31.19
CA ASN I 218 -21.21 -4.85 -30.87
C ASN I 218 -20.91 -6.26 -30.36
N THR I 219 -19.67 -6.46 -29.90
CA THR I 219 -19.26 -7.72 -29.30
C THR I 219 -19.10 -7.62 -27.79
N GLU I 220 -19.53 -6.51 -27.19
CA GLU I 220 -19.40 -6.33 -25.76
C GLU I 220 -20.37 -7.25 -25.01
N THR I 221 -20.05 -7.50 -23.74
CA THR I 221 -20.84 -8.42 -22.94
C THR I 221 -22.23 -7.85 -22.66
N PHE I 222 -23.25 -8.70 -22.79
CA PHE I 222 -24.62 -8.29 -22.51
C PHE I 222 -25.37 -9.53 -22.03
N HIS I 223 -25.48 -9.67 -20.70
CA HIS I 223 -26.11 -10.82 -20.09
C HIS I 223 -27.50 -10.53 -19.55
N GLU I 224 -28.07 -9.37 -19.88
CA GLU I 224 -29.40 -9.02 -19.42
C GLU I 224 -30.46 -9.58 -20.37
N ARG I 225 -31.72 -9.29 -20.09
CA ARG I 225 -32.81 -9.78 -20.91
C ARG I 225 -32.77 -9.11 -22.28
N ALA I 226 -33.06 -9.90 -23.32
CA ALA I 226 -32.92 -9.42 -24.69
C ALA I 226 -33.91 -8.29 -24.99
N ASP I 227 -35.16 -8.43 -24.56
CA ASP I 227 -36.20 -7.46 -24.89
C ASP I 227 -36.30 -6.38 -23.81
N SER I 228 -35.16 -5.80 -23.43
CA SER I 228 -35.13 -4.72 -22.45
C SER I 228 -34.27 -3.54 -22.87
N PHE I 229 -33.32 -3.72 -23.79
CA PHE I 229 -32.39 -2.67 -24.18
C PHE I 229 -32.77 -2.13 -25.55
N HIS I 230 -32.91 -0.80 -25.63
CA HIS I 230 -33.15 -0.14 -26.90
C HIS I 230 -32.54 1.26 -26.83
N VAL I 231 -31.99 1.72 -27.95
CA VAL I 231 -31.22 2.95 -28.01
C VAL I 231 -31.94 3.93 -28.92
N ARG I 232 -32.13 5.16 -28.43
CA ARG I 232 -32.78 6.22 -29.18
C ARG I 232 -31.74 7.20 -29.70
N THR I 233 -32.00 7.74 -30.89
CA THR I 233 -31.12 8.71 -31.52
C THR I 233 -31.83 10.05 -31.64
N ASN I 234 -31.05 11.13 -31.57
CA ASN I 234 -31.56 12.50 -31.57
C ASN I 234 -32.57 12.71 -30.44
N TYR I 235 -32.07 12.55 -29.22
CA TYR I 235 -32.88 12.62 -28.01
C TYR I 235 -32.58 13.93 -27.29
N LYS I 236 -33.63 14.66 -26.94
CA LYS I 236 -33.50 15.95 -26.28
C LYS I 236 -33.82 15.79 -24.80
N ILE I 237 -32.86 16.14 -23.94
CA ILE I 237 -33.02 16.12 -22.50
C ILE I 237 -32.51 17.44 -21.94
N VAL I 238 -33.31 18.08 -21.09
CA VAL I 238 -32.98 19.40 -20.57
C VAL I 238 -33.06 19.35 -19.04
N ASP I 239 -32.35 20.29 -18.42
CA ASP I 239 -32.32 20.37 -16.97
C ASP I 239 -33.53 21.17 -16.45
N TYR I 240 -33.70 21.15 -15.13
CA TYR I 240 -34.85 21.82 -14.52
C TYR I 240 -34.80 23.33 -14.71
N ASP I 241 -33.62 23.93 -14.56
CA ASP I 241 -33.52 25.38 -14.57
C ASP I 241 -33.75 25.99 -15.95
N ASN I 242 -33.66 25.21 -17.02
CA ASN I 242 -33.77 25.76 -18.36
C ASN I 242 -34.92 25.16 -19.14
N ARG I 243 -36.09 25.06 -18.51
CA ARG I 243 -37.27 24.58 -19.21
C ARG I 243 -37.73 25.62 -20.21
N GLY I 244 -37.52 25.36 -21.50
CA GLY I 244 -37.91 26.30 -22.53
C GLY I 244 -36.81 26.57 -23.54
N THR I 245 -35.71 25.81 -23.44
CA THR I 245 -34.60 25.91 -24.36
C THR I 245 -34.30 24.53 -24.92
N ASN I 246 -34.06 24.45 -26.23
CA ASN I 246 -33.82 23.14 -26.82
C ASN I 246 -32.33 22.81 -26.79
N PRO I 247 -31.93 21.68 -26.22
CA PRO I 247 -30.51 21.32 -26.21
C PRO I 247 -30.11 20.56 -27.46
N GLN I 248 -28.84 20.17 -27.55
CA GLN I 248 -28.36 19.41 -28.70
C GLN I 248 -28.78 17.95 -28.58
N GLY I 249 -29.24 17.39 -29.70
CA GLY I 249 -29.60 15.99 -29.71
C GLY I 249 -28.41 15.09 -29.49
N GLU I 250 -28.66 13.94 -28.88
CA GLU I 250 -27.61 13.00 -28.54
C GLU I 250 -28.12 11.59 -28.78
N ARG I 251 -27.36 10.60 -28.32
CA ARG I 251 -27.72 9.19 -28.44
C ARG I 251 -27.77 8.59 -27.05
N ARG I 252 -28.95 8.20 -26.61
CA ARG I 252 -29.16 7.68 -25.26
C ARG I 252 -29.59 6.22 -25.32
N ALA I 253 -29.19 5.46 -24.31
CA ALA I 253 -29.50 4.04 -24.21
C ALA I 253 -30.40 3.82 -23.01
N PHE I 254 -31.47 3.06 -23.20
CA PHE I 254 -32.45 2.80 -22.15
C PHE I 254 -32.44 1.32 -21.77
N LEU I 255 -32.73 1.06 -20.50
CA LEU I 255 -32.77 -0.32 -19.99
C LEU I 255 -33.84 -0.42 -18.93
N ASP I 256 -34.64 -1.48 -18.99
CA ASP I 256 -35.74 -1.70 -18.05
C ASP I 256 -35.35 -2.83 -17.11
N LYS I 257 -35.25 -2.51 -15.81
CA LYS I 257 -34.84 -3.47 -14.80
C LYS I 257 -36.03 -4.03 -14.02
N GLY I 258 -37.24 -3.79 -14.46
CA GLY I 258 -38.43 -4.28 -13.77
C GLY I 258 -38.91 -3.38 -12.65
N THR I 259 -38.01 -3.03 -11.73
CA THR I 259 -38.35 -2.15 -10.62
C THR I 259 -38.11 -0.68 -10.96
N TYR I 260 -37.24 -0.39 -11.92
CA TYR I 260 -36.93 0.99 -12.29
C TYR I 260 -36.48 1.01 -13.74
N THR I 261 -36.05 2.18 -14.21
CA THR I 261 -35.53 2.36 -15.55
C THR I 261 -34.24 3.16 -15.48
N LEU I 262 -33.28 2.82 -16.34
CA LEU I 262 -31.98 3.47 -16.36
C LEU I 262 -31.69 3.99 -17.76
N SER I 263 -30.99 5.12 -17.82
CA SER I 263 -30.60 5.70 -19.10
C SER I 263 -29.27 6.41 -18.94
N TRP I 264 -28.44 6.32 -19.98
CA TRP I 264 -27.15 6.99 -19.99
C TRP I 264 -26.75 7.29 -21.43
N LYS I 265 -25.85 8.25 -21.59
CA LYS I 265 -25.42 8.65 -22.92
C LYS I 265 -24.44 7.63 -23.50
N LEU I 266 -24.77 7.11 -24.68
CA LEU I 266 -23.95 6.08 -25.30
C LEU I 266 -22.67 6.69 -25.85
N GLU I 267 -21.59 5.93 -25.77
CA GLU I 267 -20.28 6.39 -26.24
C GLU I 267 -19.47 5.20 -26.72
N ASN I 268 -18.46 5.49 -27.54
CA ASN I 268 -17.57 4.47 -28.05
C ASN I 268 -16.55 4.05 -27.00
N ARG I 269 -15.90 2.92 -27.25
CA ARG I 269 -14.91 2.41 -26.31
C ARG I 269 -13.65 3.27 -26.27
N THR I 270 -13.45 4.12 -27.27
CA THR I 270 -12.27 4.99 -27.26
C THR I 270 -12.34 6.09 -26.21
N ALA I 271 -13.39 6.11 -25.39
CA ALA I 271 -13.51 7.09 -24.31
C ALA I 271 -12.79 6.67 -23.04
N TYR I 272 -12.34 5.42 -22.96
CA TYR I 272 -11.57 4.92 -21.82
C TYR I 272 -10.20 4.50 -22.33
N CYS I 273 -9.16 4.79 -21.56
CA CYS I 273 -7.82 4.46 -22.03
C CYS I 273 -6.97 3.95 -20.87
N PRO I 274 -6.21 2.88 -21.07
CA PRO I 274 -5.54 2.22 -19.95
C PRO I 274 -4.17 2.79 -19.58
N LEU I 275 -3.80 3.98 -20.05
CA LEU I 275 -2.52 4.57 -19.72
C LEU I 275 -2.72 5.97 -19.17
N GLN I 276 -1.83 6.38 -18.27
CA GLN I 276 -1.92 7.68 -17.63
C GLN I 276 -0.55 8.33 -17.57
N HIS I 277 -0.50 9.63 -17.87
CA HIS I 277 0.74 10.37 -17.80
C HIS I 277 1.21 10.51 -16.36
N TRP I 278 2.52 10.36 -16.16
CA TRP I 278 3.13 10.47 -14.84
C TRP I 278 4.05 11.68 -14.73
N GLN I 279 5.07 11.77 -15.57
CA GLN I 279 6.04 12.84 -15.50
C GLN I 279 6.55 13.16 -16.90
N THR I 280 7.10 14.36 -17.06
CA THR I 280 7.77 14.77 -18.27
C THR I 280 9.10 15.40 -17.91
N PHE I 281 10.15 15.04 -18.64
CA PHE I 281 11.51 15.51 -18.37
C PHE I 281 12.06 16.16 -19.63
N ASP I 282 12.81 17.24 -19.45
CA ASP I 282 13.22 18.10 -20.55
C ASP I 282 14.67 17.95 -20.97
N SER I 283 15.55 17.50 -20.07
CA SER I 283 16.98 17.47 -20.34
C SER I 283 17.59 16.14 -19.95
N THR I 284 16.96 15.05 -20.40
CA THR I 284 17.53 13.73 -20.14
C THR I 284 18.72 13.48 -21.07
N ILE I 285 19.50 12.46 -20.72
CA ILE I 285 20.67 12.05 -21.49
C ILE I 285 20.62 10.54 -21.68
N ALA I 286 20.77 10.09 -22.91
CA ALA I 286 20.71 8.67 -23.24
C ALA I 286 22.12 8.14 -23.41
N THR I 287 22.45 7.09 -22.66
CA THR I 287 23.78 6.48 -22.69
C THR I 287 23.63 5.00 -23.03
N GLU I 288 24.44 4.55 -24.00
CA GLU I 288 24.39 3.18 -24.47
C GLU I 288 25.46 2.35 -23.76
N THR I 289 25.06 1.21 -23.20
CA THR I 289 25.96 0.33 -22.48
C THR I 289 26.19 -0.99 -23.22
N GLY I 290 25.91 -1.03 -24.51
CA GLY I 290 26.08 -2.25 -25.30
C GLY I 290 24.86 -3.13 -25.40
N LYS I 291 24.27 -3.50 -24.26
CA LYS I 291 23.09 -4.34 -24.24
C LYS I 291 21.91 -3.67 -23.56
N SER I 292 22.00 -2.37 -23.29
CA SER I 292 20.91 -1.65 -22.63
C SER I 292 21.10 -0.16 -22.89
N ILE I 293 20.07 0.61 -22.59
CA ILE I 293 20.10 2.06 -22.71
C ILE I 293 19.66 2.66 -21.39
N HIS I 294 20.42 3.64 -20.91
CA HIS I 294 20.15 4.31 -19.63
C HIS I 294 19.68 5.73 -19.92
N PHE I 295 18.50 6.08 -19.42
CA PHE I 295 17.94 7.42 -19.56
C PHE I 295 18.02 8.09 -18.20
N VAL I 296 19.07 8.90 -17.99
CA VAL I 296 19.36 9.49 -16.69
C VAL I 296 19.03 10.97 -16.75
N THR I 297 18.21 11.43 -15.81
CA THR I 297 17.84 12.82 -15.67
C THR I 297 18.14 13.29 -14.25
N ASP I 298 18.74 14.47 -14.13
CA ASP I 298 19.15 15.00 -12.85
C ASP I 298 18.13 15.96 -12.24
N GLU I 299 16.99 16.17 -12.91
CA GLU I 299 15.93 16.97 -12.31
C GLU I 299 15.14 16.14 -11.30
N GLY I 300 14.63 14.99 -11.73
CA GLY I 300 13.97 14.07 -10.85
C GLY I 300 14.87 13.05 -10.19
N THR I 301 16.16 13.06 -10.53
CA THR I 301 17.15 12.11 -10.00
C THR I 301 16.67 10.67 -10.17
N SER I 302 16.50 10.28 -11.43
CA SER I 302 16.05 8.94 -11.77
C SER I 302 16.79 8.46 -13.00
N SER I 303 16.82 7.14 -13.16
CA SER I 303 17.48 6.51 -14.30
C SER I 303 16.67 5.30 -14.73
N PHE I 304 16.16 5.33 -15.96
CA PHE I 304 15.34 4.26 -16.51
C PHE I 304 16.18 3.43 -17.48
N VAL I 305 16.18 2.12 -17.28
CA VAL I 305 16.99 1.20 -18.08
C VAL I 305 16.06 0.26 -18.82
N THR I 306 16.29 0.11 -20.13
CA THR I 306 15.47 -0.71 -20.99
C THR I 306 16.22 -1.99 -21.36
N ASN I 307 15.44 -3.07 -21.55
CA ASN I 307 16.03 -4.38 -21.85
C ASN I 307 16.60 -4.42 -23.26
N THR I 308 15.90 -3.83 -24.22
CA THR I 308 16.28 -3.91 -25.62
C THR I 308 17.04 -2.65 -26.04
N THR I 309 17.89 -2.81 -27.05
CA THR I 309 18.68 -1.71 -27.56
C THR I 309 17.99 -1.00 -28.72
N VAL I 310 17.47 -1.75 -29.69
CA VAL I 310 16.81 -1.14 -30.84
C VAL I 310 15.49 -0.51 -30.43
N GLY I 311 14.70 -1.23 -29.63
CA GLY I 311 13.41 -0.71 -29.21
C GLY I 311 12.50 -0.48 -30.40
N ILE I 312 12.04 0.76 -30.53
CA ILE I 312 11.22 1.19 -31.66
C ILE I 312 9.94 0.37 -31.73
N GLU I 313 9.44 -0.07 -30.57
CA GLU I 313 8.20 -0.83 -30.51
C GLU I 313 7.04 0.17 -30.59
N LEU I 314 6.42 0.25 -31.77
CA LEU I 314 5.31 1.17 -31.96
C LEU I 314 4.13 0.74 -31.08
N PRO I 315 3.36 1.70 -30.56
CA PRO I 315 2.24 1.35 -29.68
C PRO I 315 1.22 0.49 -30.38
N ASP I 316 0.68 -0.48 -29.65
CA ASP I 316 -0.27 -1.45 -30.22
C ASP I 316 -1.71 -1.00 -30.03
N ALA I 317 -2.15 -0.88 -28.77
CA ALA I 317 -3.48 -0.42 -28.45
C ALA I 317 -3.49 0.90 -27.69
N PHE I 318 -2.33 1.38 -27.24
CA PHE I 318 -2.24 2.66 -26.54
C PHE I 318 -2.12 3.80 -27.54
N LYS I 319 -3.12 3.92 -28.40
CA LYS I 319 -3.16 4.97 -29.41
C LYS I 319 -3.77 6.27 -28.88
N CYS I 320 -4.17 6.28 -27.60
CA CYS I 320 -4.75 7.49 -27.03
C CYS I 320 -3.73 8.62 -27.00
N ILE I 321 -2.51 8.32 -26.55
CA ILE I 321 -1.52 9.33 -26.23
C ILE I 321 -0.91 9.99 -27.45
N GLU I 322 -1.31 9.59 -28.67
CA GLU I 322 -0.73 10.16 -29.87
C GLU I 322 -0.97 11.66 -29.93
N GLU I 323 -2.17 12.10 -29.56
CA GLU I 323 -2.47 13.53 -29.55
C GLU I 323 -1.76 14.24 -28.40
N GLN I 324 -1.65 13.57 -27.26
CA GLN I 324 -1.04 14.21 -26.10
C GLN I 324 0.46 14.39 -26.29
N VAL I 325 1.15 13.35 -26.77
CA VAL I 325 2.60 13.45 -26.95
C VAL I 325 2.92 14.38 -28.11
N ASN I 326 2.07 14.42 -29.14
CA ASN I 326 2.33 15.28 -30.29
C ASN I 326 2.33 16.75 -29.89
N LYS I 327 1.39 17.14 -29.03
CA LYS I 327 1.32 18.53 -28.61
C LYS I 327 2.47 18.90 -27.68
N THR I 328 2.80 18.01 -26.74
CA THR I 328 3.81 18.34 -25.74
C THR I 328 5.20 18.40 -26.34
N MET I 329 5.57 17.42 -27.16
CA MET I 329 6.89 17.43 -27.77
C MET I 329 7.05 18.61 -28.72
N HIS I 330 6.00 18.91 -29.50
CA HIS I 330 6.06 20.07 -30.39
C HIS I 330 6.19 21.37 -29.60
N GLU I 331 5.45 21.49 -28.50
CA GLU I 331 5.52 22.70 -27.69
C GLU I 331 6.89 22.86 -27.05
N LYS I 332 7.44 21.78 -26.50
CA LYS I 332 8.74 21.86 -25.84
C LYS I 332 9.86 22.15 -26.84
N TYR I 333 9.79 21.55 -28.04
CA TYR I 333 10.83 21.76 -29.03
C TYR I 333 10.87 23.20 -29.50
N GLU I 334 9.71 23.86 -29.59
CA GLU I 334 9.67 25.24 -30.06
C GLU I 334 10.45 26.16 -29.15
N ALA I 335 10.31 25.99 -27.83
CA ALA I 335 11.03 26.83 -26.88
C ALA I 335 12.52 26.50 -26.84
N VAL I 336 12.94 25.40 -27.48
CA VAL I 336 14.33 24.97 -27.45
C VAL I 336 14.98 25.01 -28.83
N GLN I 337 14.19 25.07 -29.90
CA GLN I 337 14.70 24.99 -31.28
C GLN I 337 15.66 26.11 -31.62
N ASP I 338 15.88 27.04 -30.69
CA ASP I 338 16.83 28.12 -30.94
C ASP I 338 18.25 27.59 -31.14
N ARG I 339 18.65 26.60 -30.33
CA ARG I 339 20.00 26.07 -30.37
C ARG I 339 20.05 24.58 -30.68
N TYR I 340 18.92 23.95 -30.99
CA TYR I 340 18.89 22.52 -31.24
C TYR I 340 18.05 22.23 -32.49
N THR I 341 18.38 21.12 -33.14
CA THR I 341 17.62 20.62 -34.27
C THR I 341 17.21 19.18 -34.01
N LYS I 342 16.05 18.80 -34.53
CA LYS I 342 15.54 17.45 -34.33
C LYS I 342 16.42 16.45 -35.07
N GLY I 343 16.95 15.47 -34.34
CA GLY I 343 17.75 14.42 -34.93
C GLY I 343 16.96 13.29 -35.54
N GLN I 344 15.64 13.34 -35.44
CA GLN I 344 14.77 12.33 -36.02
C GLN I 344 13.39 12.94 -36.22
N GLU I 345 12.58 12.26 -37.03
CA GLU I 345 11.24 12.76 -37.35
C GLU I 345 10.13 12.03 -36.63
N ALA I 346 10.36 10.78 -36.21
CA ALA I 346 9.34 9.97 -35.57
C ALA I 346 9.71 9.70 -34.12
N ILE I 347 8.70 9.72 -33.25
CA ILE I 347 8.92 9.41 -31.84
C ILE I 347 9.15 7.92 -31.67
N THR I 348 10.09 7.56 -30.80
CA THR I 348 10.45 6.18 -30.54
C THR I 348 9.99 5.79 -29.15
N TYR I 349 9.52 4.55 -29.01
CA TYR I 349 8.92 4.06 -27.77
C TYR I 349 9.71 2.86 -27.25
N PHE I 350 9.93 2.84 -25.94
CA PHE I 350 10.59 1.74 -25.26
C PHE I 350 9.74 1.31 -24.07
N ILE I 351 10.09 0.16 -23.49
CA ILE I 351 9.41 -0.37 -22.32
C ILE I 351 10.48 -0.73 -21.28
N THR I 352 10.34 -0.19 -20.08
CA THR I 352 11.31 -0.40 -19.01
C THR I 352 11.18 -1.83 -18.48
N SER I 353 12.14 -2.21 -17.64
CA SER I 353 12.05 -3.50 -16.95
C SER I 353 10.79 -3.56 -16.10
N GLY I 354 10.49 -2.49 -15.39
CA GLY I 354 9.19 -2.34 -14.78
C GLY I 354 8.17 -1.88 -15.79
N GLY I 355 6.92 -1.78 -15.33
CA GLY I 355 5.85 -1.39 -16.22
C GLY I 355 5.78 0.10 -16.49
N LEU I 356 6.71 0.62 -17.28
CA LEU I 356 6.72 2.02 -17.68
C LEU I 356 6.95 2.13 -19.17
N LEU I 357 6.34 3.14 -19.78
CA LEU I 357 6.45 3.40 -21.21
C LEU I 357 7.12 4.75 -21.42
N LEU I 358 8.12 4.78 -22.29
CA LEU I 358 8.91 5.98 -22.52
C LEU I 358 8.78 6.42 -23.97
N ALA I 359 8.65 7.74 -24.16
CA ALA I 359 8.64 8.34 -25.48
C ALA I 359 9.92 9.14 -25.65
N TRP I 360 10.67 8.84 -26.71
CA TRP I 360 12.03 9.36 -26.89
C TRP I 360 12.12 10.11 -28.21
N LEU I 361 12.67 11.32 -28.16
CA LEU I 361 12.92 12.12 -29.36
C LEU I 361 14.30 12.75 -29.24
N PRO I 362 15.30 12.19 -29.91
CA PRO I 362 16.67 12.72 -29.78
C PRO I 362 16.80 14.11 -30.35
N LEU I 363 17.71 14.89 -29.76
CA LEU I 363 17.99 16.25 -30.17
C LEU I 363 19.48 16.41 -30.41
N THR I 364 19.84 17.20 -31.43
CA THR I 364 21.23 17.46 -31.72
C THR I 364 21.51 18.96 -31.70
N PRO I 365 22.65 19.38 -31.18
CA PRO I 365 22.96 20.81 -31.14
C PRO I 365 23.25 21.37 -32.52
N ARG I 366 23.04 22.68 -32.66
CA ARG I 366 23.27 23.38 -33.91
C ARG I 366 24.63 24.07 -33.88
N SER I 367 25.42 23.84 -34.92
CA SER I 367 26.75 24.43 -35.04
C SER I 367 26.61 25.83 -35.64
N LEU I 368 26.52 26.83 -34.78
CA LEU I 368 26.38 28.21 -35.21
C LEU I 368 27.68 28.73 -35.83
N LYS I 426 -5.07 -5.70 -23.39
CA LYS I 426 -3.77 -5.95 -22.76
C LYS I 426 -3.23 -4.69 -22.10
N SER I 427 -2.28 -4.85 -21.20
CA SER I 427 -1.69 -3.73 -20.48
C SER I 427 -0.30 -4.12 -20.00
N LEU I 428 0.49 -3.10 -19.67
CA LEU I 428 1.83 -3.29 -19.13
C LEU I 428 1.78 -3.35 -17.61
N GLY I 429 2.50 -4.31 -17.04
CA GLY I 429 2.42 -4.60 -15.62
C GLY I 429 3.25 -3.72 -14.71
N THR I 430 2.78 -2.51 -14.45
CA THR I 430 3.53 -1.59 -13.58
C THR I 430 3.61 -2.13 -12.17
N LEU I 431 4.79 -2.05 -11.58
CA LEU I 431 5.03 -2.44 -10.20
C LEU I 431 5.10 -1.20 -9.31
N ASN I 432 4.50 -1.29 -8.12
CA ASN I 432 4.45 -0.17 -7.20
C ASN I 432 5.73 -0.12 -6.36
N ASN I 433 6.84 0.11 -7.05
CA ASN I 433 8.15 0.24 -6.43
C ASN I 433 8.81 1.50 -6.98
N PRO I 434 8.52 2.67 -6.39
CA PRO I 434 9.07 3.92 -6.92
C PRO I 434 10.49 4.18 -6.48
N ALA I 435 11.15 3.18 -5.89
CA ALA I 435 12.49 3.36 -5.36
C ALA I 435 13.58 2.81 -6.26
N THR I 436 13.25 1.90 -7.19
CA THR I 436 14.26 1.28 -8.03
C THR I 436 14.96 2.31 -8.91
N VAL I 437 14.19 3.27 -9.45
CA VAL I 437 14.77 4.26 -10.36
C VAL I 437 15.75 5.17 -9.62
N GLN I 438 15.44 5.50 -8.36
CA GLN I 438 16.30 6.41 -7.62
C GLN I 438 17.56 5.71 -7.13
N ILE I 439 17.47 4.41 -6.83
CA ILE I 439 18.67 3.65 -6.46
C ILE I 439 19.62 3.57 -7.65
N GLN I 440 19.07 3.41 -8.86
CA GLN I 440 19.92 3.34 -10.04
C GLN I 440 20.65 4.65 -10.28
N PHE I 441 19.99 5.78 -10.04
CA PHE I 441 20.64 7.06 -10.23
C PHE I 441 21.80 7.26 -9.25
N ALA I 442 21.63 6.81 -8.01
CA ALA I 442 22.69 6.96 -7.01
C ALA I 442 23.92 6.17 -7.41
N TYR I 443 23.73 4.95 -7.91
CA TYR I 443 24.87 4.16 -8.37
C TYR I 443 25.48 4.76 -9.63
N ASP I 444 24.64 5.20 -10.56
CA ASP I 444 25.14 5.76 -11.81
C ASP I 444 25.88 7.08 -11.57
N SER I 445 25.34 7.94 -10.70
CA SER I 445 25.99 9.21 -10.43
C SER I 445 27.34 9.01 -9.76
N LEU I 446 27.41 8.12 -8.78
CA LEU I 446 28.69 7.88 -8.09
C LEU I 446 29.69 7.18 -9.00
N ARG I 447 29.22 6.39 -9.96
CA ARG I 447 30.13 5.73 -10.88
C ARG I 447 30.80 6.72 -11.82
N ARG I 448 30.06 7.73 -12.27
CA ARG I 448 30.59 8.68 -13.24
C ARG I 448 31.74 9.51 -12.66
N GLN I 449 31.61 9.94 -11.40
CA GLN I 449 32.63 10.78 -10.79
C GLN I 449 33.89 10.00 -10.41
N ILE I 450 33.74 8.77 -9.92
CA ILE I 450 34.91 7.98 -9.55
C ILE I 450 35.76 7.67 -10.78
N ASN I 451 35.10 7.30 -11.89
CA ASN I 451 35.84 6.99 -13.11
C ASN I 451 36.57 8.20 -13.66
N ARG I 452 36.05 9.41 -13.44
CA ARG I 452 36.74 10.62 -13.87
C ARG I 452 37.95 10.92 -12.99
N MET I 453 37.85 10.64 -11.69
CA MET I 453 38.98 10.83 -10.80
C MET I 453 40.11 9.87 -11.14
N LEU I 454 39.78 8.62 -11.50
CA LEU I 454 40.81 7.64 -11.86
C LEU I 454 41.55 8.08 -13.12
N GLY I 455 40.83 8.65 -14.08
CA GLY I 455 41.49 9.14 -15.28
C GLY I 455 42.43 10.29 -15.01
N ASP I 456 42.04 11.20 -14.11
CA ASP I 456 42.91 12.32 -13.76
C ASP I 456 44.16 11.84 -13.03
N LEU I 457 44.00 10.84 -12.15
CA LEU I 457 45.15 10.33 -11.42
C LEU I 457 46.10 9.57 -12.34
N ALA I 458 45.55 8.86 -13.33
CA ALA I 458 46.40 8.10 -14.24
C ALA I 458 47.27 9.03 -15.10
N ARG I 459 46.72 10.18 -15.49
CA ARG I 459 47.50 11.14 -16.27
C ARG I 459 48.68 11.68 -15.47
N ALA I 460 48.45 12.00 -14.19
CA ALA I 460 49.52 12.53 -13.36
C ALA I 460 50.62 11.51 -13.15
N TRP I 461 50.25 10.23 -12.94
CA TRP I 461 51.25 9.19 -12.77
C TRP I 461 52.06 8.98 -14.03
N CYS I 462 51.43 9.17 -15.19
CA CYS I 462 52.14 9.01 -16.46
C CYS I 462 53.26 10.04 -16.60
N LEU I 463 52.99 11.29 -16.23
CA LEU I 463 54.00 12.33 -16.33
C LEU I 463 55.14 12.10 -15.35
N GLU I 464 54.81 11.64 -14.13
CA GLU I 464 55.86 11.37 -13.15
C GLU I 464 56.77 10.25 -13.61
N GLN I 465 56.21 9.18 -14.18
CA GLN I 465 57.03 8.07 -14.65
C GLN I 465 57.92 8.50 -15.80
N LYS I 466 57.44 9.42 -16.65
CA LYS I 466 58.27 9.92 -17.73
C LYS I 466 59.49 10.66 -17.20
N ARG I 467 59.31 11.47 -16.16
CA ARG I 467 60.45 12.17 -15.58
C ARG I 467 61.41 11.20 -14.88
N GLN I 468 60.87 10.20 -14.19
CA GLN I 468 61.72 9.24 -13.48
C GLN I 468 62.60 8.45 -14.44
N ASN I 469 62.17 8.28 -15.69
CA ASN I 469 63.00 7.62 -16.67
C ASN I 469 64.27 8.43 -16.95
N MET I 470 64.13 9.75 -17.04
CA MET I 470 65.30 10.60 -17.27
C MET I 470 66.27 10.55 -16.09
N VAL I 471 65.74 10.58 -14.87
CA VAL I 471 66.59 10.60 -13.68
C VAL I 471 67.34 9.28 -13.54
N LEU I 472 66.75 8.18 -14.04
CA LEU I 472 67.43 6.89 -13.99
C LEU I 472 68.56 6.82 -15.00
N ARG I 473 68.33 7.32 -16.22
CA ARG I 473 69.37 7.33 -17.23
C ARG I 473 70.53 8.22 -16.82
N GLU I 474 70.23 9.37 -16.21
CA GLU I 474 71.28 10.30 -15.80
C GLU I 474 72.19 9.67 -14.75
N LEU I 475 71.62 8.96 -13.78
CA LEU I 475 72.42 8.37 -12.72
C LEU I 475 73.20 7.15 -13.19
N THR I 476 72.78 6.52 -14.28
CA THR I 476 73.47 5.33 -14.77
C THR I 476 74.89 5.67 -15.23
N LYS I 477 75.14 6.93 -15.59
CA LYS I 477 76.46 7.33 -16.05
C LYS I 477 77.50 7.37 -14.94
N ILE I 478 77.08 7.26 -13.68
CA ILE I 478 78.01 7.36 -12.56
C ILE I 478 78.32 5.97 -12.02
N ASN I 479 77.30 5.27 -11.55
CA ASN I 479 77.45 3.95 -10.94
C ASN I 479 76.47 2.99 -11.60
N PRO I 480 76.83 2.45 -12.78
CA PRO I 480 75.88 1.58 -13.50
C PRO I 480 75.48 0.33 -12.74
N THR I 481 76.37 -0.23 -11.93
CA THR I 481 76.09 -1.52 -11.29
C THR I 481 74.93 -1.42 -10.30
N THR I 482 74.97 -0.42 -9.41
CA THR I 482 73.92 -0.28 -8.40
C THR I 482 72.58 0.04 -9.03
N VAL I 483 72.58 0.93 -10.03
CA VAL I 483 71.31 1.31 -10.67
C VAL I 483 70.70 0.12 -11.39
N MET I 484 71.51 -0.65 -12.13
CA MET I 484 70.98 -1.79 -12.85
C MET I 484 70.46 -2.86 -11.90
N SER I 485 71.17 -3.08 -10.78
CA SER I 485 70.74 -4.12 -9.83
C SER I 485 69.38 -3.79 -9.24
N SER I 486 69.15 -2.52 -8.88
CA SER I 486 67.86 -2.14 -8.31
C SER I 486 66.74 -2.29 -9.34
N ILE I 487 67.01 -1.95 -10.59
CA ILE I 487 66.00 -2.08 -11.63
C ILE I 487 65.59 -3.53 -11.82
N TYR I 488 66.58 -4.42 -11.89
CA TYR I 488 66.30 -5.84 -12.10
C TYR I 488 65.69 -6.47 -10.85
N GLY I 489 66.13 -6.05 -9.68
CA GLY I 489 65.74 -6.69 -8.44
C GLY I 489 66.63 -7.83 -8.02
N LYS I 490 67.62 -8.19 -8.84
CA LYS I 490 68.57 -9.24 -8.52
C LYS I 490 69.98 -8.76 -8.82
N ALA I 491 70.96 -9.33 -8.12
CA ALA I 491 72.34 -8.93 -8.28
C ALA I 491 72.84 -9.28 -9.68
N VAL I 492 73.26 -8.25 -10.43
CA VAL I 492 73.80 -8.42 -11.77
C VAL I 492 75.04 -7.53 -11.90
N ALA I 493 75.64 -7.56 -13.09
CA ALA I 493 76.81 -6.74 -13.39
C ALA I 493 76.61 -6.06 -14.74
N ALA I 494 77.14 -4.85 -14.87
CA ALA I 494 76.98 -4.08 -16.08
C ALA I 494 78.17 -3.15 -16.27
N LYS I 495 78.35 -2.70 -17.51
CA LYS I 495 79.43 -1.78 -17.84
C LYS I 495 79.03 -0.98 -19.06
N ARG I 496 79.08 0.35 -18.94
CA ARG I 496 78.58 1.24 -20.00
C ARG I 496 79.73 1.58 -20.93
N LEU I 497 79.92 0.74 -21.95
CA LEU I 497 80.91 1.00 -23.00
C LEU I 497 80.22 1.59 -24.24
N GLY I 498 79.54 2.72 -24.03
CA GLY I 498 78.86 3.42 -25.09
C GLY I 498 77.45 3.81 -24.68
N ASP I 499 76.67 4.27 -25.65
CA ASP I 499 75.31 4.71 -25.38
C ASP I 499 74.34 3.56 -25.11
N VAL I 500 74.77 2.32 -25.30
CA VAL I 500 73.96 1.14 -25.02
C VAL I 500 74.65 0.34 -23.92
N ILE I 501 73.95 0.12 -22.82
CA ILE I 501 74.52 -0.55 -21.66
C ILE I 501 74.41 -2.06 -21.86
N SER I 502 75.53 -2.76 -21.66
CA SER I 502 75.59 -4.21 -21.78
C SER I 502 75.58 -4.84 -20.40
N VAL I 503 74.76 -5.86 -20.22
CA VAL I 503 74.56 -6.52 -18.93
C VAL I 503 75.24 -7.89 -19.00
N SER I 504 76.16 -8.13 -18.08
CA SER I 504 76.81 -9.42 -17.93
C SER I 504 76.14 -10.22 -16.83
N GLN I 505 76.54 -11.47 -16.70
CA GLN I 505 75.99 -12.38 -15.70
C GLN I 505 76.85 -12.37 -14.44
N CYS I 506 76.19 -12.52 -13.30
CA CYS I 506 76.85 -12.49 -12.00
C CYS I 506 77.03 -13.91 -11.48
N VAL I 507 78.28 -14.32 -11.31
CA VAL I 507 78.61 -15.63 -10.76
C VAL I 507 78.83 -15.48 -9.25
N PRO I 508 78.13 -16.25 -8.42
CA PRO I 508 78.28 -16.12 -6.97
C PRO I 508 79.32 -17.07 -6.39
N VAL I 509 79.62 -16.83 -5.12
CA VAL I 509 80.60 -17.63 -4.37
C VAL I 509 79.99 -18.05 -3.05
N ASN I 510 80.60 -19.04 -2.44
CA ASN I 510 80.15 -19.60 -1.18
C ASN I 510 80.94 -19.02 -0.01
N GLN I 511 80.25 -18.87 1.13
CA GLN I 511 80.91 -18.38 2.34
C GLN I 511 81.81 -19.47 2.90
N ALA I 512 83.09 -19.45 2.54
CA ALA I 512 84.02 -20.48 2.97
C ALA I 512 85.29 -19.87 3.57
N THR I 513 85.67 -18.68 3.09
CA THR I 513 86.90 -18.05 3.54
C THR I 513 86.78 -16.54 3.39
N VAL I 514 86.92 -15.82 4.51
CA VAL I 514 86.98 -14.37 4.51
C VAL I 514 88.18 -13.94 5.35
N THR I 515 88.90 -12.93 4.87
CA THR I 515 90.06 -12.39 5.58
C THR I 515 89.82 -10.89 5.80
N LEU I 516 90.07 -10.44 7.03
CA LEU I 516 89.85 -9.04 7.41
C LEU I 516 91.13 -8.53 8.06
N ARG I 517 92.05 -8.01 7.24
CA ARG I 517 93.26 -7.42 7.77
C ARG I 517 92.93 -6.14 8.54
N LYS I 518 93.56 -5.98 9.70
CA LYS I 518 93.26 -4.88 10.59
C LYS I 518 94.10 -3.64 10.32
N SER I 519 94.93 -3.66 9.27
CA SER I 519 95.72 -2.51 8.88
C SER I 519 95.40 -2.11 7.46
N MET I 520 95.54 -0.83 7.16
CA MET I 520 95.30 -0.29 5.83
C MET I 520 96.56 0.46 5.39
N ARG I 521 97.49 -0.28 4.79
CA ARG I 521 98.74 0.29 4.31
C ARG I 521 99.45 -0.67 3.35
N MET I 528 93.87 3.10 -4.46
CA MET I 528 92.72 3.18 -3.57
C MET I 528 93.08 3.97 -2.30
N CYS I 529 94.38 4.22 -2.11
CA CYS I 529 94.89 4.94 -0.95
C CYS I 529 94.48 4.25 0.36
N TYR I 530 94.49 2.91 0.34
CA TYR I 530 94.16 2.10 1.51
C TYR I 530 92.77 2.42 2.06
N SER I 531 91.83 2.69 1.16
CA SER I 531 90.46 2.98 1.57
C SER I 531 89.68 1.70 1.84
N ARG I 532 89.55 0.87 0.81
CA ARG I 532 88.84 -0.41 0.98
C ARG I 532 89.79 -1.48 1.49
N PRO I 533 89.33 -2.33 2.41
CA PRO I 533 90.23 -3.29 3.06
C PRO I 533 90.75 -4.32 2.08
N LEU I 534 91.98 -4.76 2.32
CA LEU I 534 92.57 -5.86 1.56
C LEU I 534 92.08 -7.17 2.13
N VAL I 535 91.26 -7.90 1.37
CA VAL I 535 90.63 -9.12 1.82
C VAL I 535 90.95 -10.24 0.84
N SER I 536 90.83 -11.47 1.34
CA SER I 536 91.05 -12.67 0.54
C SER I 536 89.91 -13.65 0.78
N PHE I 537 89.62 -14.46 -0.23
CA PHE I 537 88.53 -15.41 -0.17
C PHE I 537 88.92 -16.69 -0.89
N SER I 538 88.18 -17.76 -0.59
CA SER I 538 88.40 -19.05 -1.23
C SER I 538 87.08 -19.80 -1.27
N PHE I 539 86.86 -20.53 -2.36
CA PHE I 539 85.65 -21.33 -2.55
C PHE I 539 84.38 -20.49 -2.40
N THR I 543 84.44 -22.49 -5.47
CA THR I 543 84.81 -21.52 -6.48
C THR I 543 86.32 -21.32 -6.51
N LYS I 544 86.75 -20.13 -6.94
CA LYS I 544 88.15 -19.80 -7.03
C LYS I 544 88.61 -19.06 -5.77
N THR I 545 89.91 -18.77 -5.70
CA THR I 545 90.48 -18.03 -4.59
C THR I 545 91.39 -16.93 -5.12
N TYR I 546 91.42 -15.83 -4.38
CA TYR I 546 92.23 -14.66 -4.74
C TYR I 546 92.21 -13.69 -3.55
N GLU I 547 92.81 -12.52 -3.75
CA GLU I 547 92.82 -11.45 -2.78
C GLU I 547 92.39 -10.16 -3.46
N GLY I 548 91.68 -9.32 -2.73
CA GLY I 548 91.18 -8.09 -3.31
C GLY I 548 90.66 -7.14 -2.26
N GLN I 549 89.98 -6.10 -2.72
CA GLN I 549 89.40 -5.07 -1.87
C GLN I 549 87.89 -5.24 -1.80
N LEU I 550 87.35 -5.20 -0.59
CA LEU I 550 85.92 -5.35 -0.40
C LEU I 550 85.17 -4.22 -1.09
N GLY I 551 84.11 -4.57 -1.80
CA GLY I 551 83.30 -3.62 -2.54
C GLY I 551 82.13 -3.12 -1.72
N THR I 552 80.97 -3.03 -2.38
CA THR I 552 79.74 -2.54 -1.76
C THR I 552 78.64 -3.58 -1.93
N ASP I 553 77.69 -3.56 -0.99
CA ASP I 553 76.52 -4.44 -1.02
C ASP I 553 76.94 -5.92 -1.07
N ASN I 554 77.94 -6.27 -0.27
CA ASN I 554 78.43 -7.65 -0.16
C ASN I 554 78.85 -8.22 -1.51
N GLU I 555 79.53 -7.39 -2.30
CA GLU I 555 80.09 -7.81 -3.58
C GLU I 555 81.60 -7.59 -3.53
N ILE I 556 82.36 -8.59 -4.00
CA ILE I 556 83.81 -8.59 -3.91
C ILE I 556 84.40 -8.54 -5.31
N PHE I 557 85.45 -7.75 -5.47
CA PHE I 557 86.16 -7.63 -6.73
C PHE I 557 86.86 -8.95 -7.09
N ALA I 568 96.53 10.52 10.83
CA ALA I 568 95.60 11.22 11.69
C ALA I 568 94.41 10.33 12.05
N THR I 569 93.39 10.93 12.66
CA THR I 569 92.18 10.20 13.02
C THR I 569 91.42 9.81 11.76
N SER I 570 91.00 8.55 11.70
CA SER I 570 90.31 8.01 10.52
C SER I 570 89.22 7.05 10.99
N GLN I 571 88.02 7.58 11.20
CA GLN I 571 86.87 6.77 11.56
C GLN I 571 86.14 6.37 10.28
N TYR I 572 86.14 5.07 9.98
CA TYR I 572 85.61 4.59 8.71
C TYR I 572 84.42 3.65 8.88
N TYR I 573 84.54 2.64 9.73
CA TYR I 573 83.44 1.72 10.10
C TYR I 573 82.60 1.25 8.91
N PHE I 574 83.20 0.45 8.03
CA PHE I 574 82.47 -0.17 6.93
C PHE I 574 81.42 -1.14 7.43
N GLN I 575 80.71 -1.76 6.48
CA GLN I 575 79.73 -2.80 6.76
C GLN I 575 79.86 -3.88 5.70
N SER I 576 79.81 -5.14 6.15
CA SER I 576 79.95 -6.27 5.25
C SER I 576 79.10 -7.42 5.77
N GLY I 577 78.21 -7.94 4.92
CA GLY I 577 77.33 -9.01 5.35
C GLY I 577 76.44 -8.56 6.50
N ASN I 578 76.15 -9.48 7.41
CA ASN I 578 75.44 -9.15 8.64
C ASN I 578 76.39 -8.81 9.77
N GLU I 579 77.32 -7.89 9.49
CA GLU I 579 78.36 -7.52 10.44
C GLU I 579 78.87 -6.13 10.09
N ILE I 580 79.24 -5.38 11.12
CA ILE I 580 79.80 -4.04 10.97
C ILE I 580 81.19 -4.05 11.60
N HIS I 581 82.19 -3.68 10.81
CA HIS I 581 83.57 -3.59 11.28
C HIS I 581 83.97 -2.13 11.38
N VAL I 582 84.39 -1.71 12.57
CA VAL I 582 84.73 -0.32 12.85
C VAL I 582 86.25 -0.18 12.82
N TYR I 583 86.73 0.78 12.03
CA TYR I 583 88.16 1.04 11.89
C TYR I 583 88.48 2.46 12.35
N ASN I 584 89.53 2.59 13.16
CA ASN I 584 90.04 3.88 13.57
C ASN I 584 91.55 3.91 13.40
N ASP I 585 92.04 5.02 12.84
CA ASP I 585 93.47 5.20 12.58
C ASP I 585 94.05 4.01 11.82
N TYR I 586 93.31 3.58 10.79
CA TYR I 586 93.68 2.43 9.97
C TYR I 586 93.79 1.15 10.81
N HIS I 587 92.95 1.03 11.84
CA HIS I 587 92.97 -0.13 12.70
C HIS I 587 91.58 -0.40 13.24
N HIS I 588 91.26 -1.67 13.42
CA HIS I 588 89.95 -2.12 13.87
C HIS I 588 90.00 -2.57 15.32
N PHE I 589 88.95 -2.23 16.08
CA PHE I 589 88.90 -2.63 17.49
C PHE I 589 87.53 -3.10 17.96
N LYS I 590 86.49 -3.07 17.14
CA LYS I 590 85.16 -3.41 17.62
C LYS I 590 84.31 -3.99 16.49
N THR I 591 83.28 -4.73 16.88
CA THR I 591 82.34 -5.33 15.94
C THR I 591 80.94 -5.19 16.52
N ILE I 592 80.02 -4.64 15.73
CA ILE I 592 78.67 -4.34 16.18
C ILE I 592 77.68 -4.94 15.19
N GLU I 593 76.56 -5.43 15.71
CA GLU I 593 75.48 -5.92 14.87
C GLU I 593 74.78 -4.75 14.17
N LEU I 594 73.93 -5.10 13.20
CA LEU I 594 73.24 -4.07 12.42
C LEU I 594 72.30 -3.26 13.30
N ASP I 595 71.59 -3.91 14.22
CA ASP I 595 70.65 -3.21 15.08
C ASP I 595 71.35 -2.30 16.09
N GLY I 596 72.67 -2.40 16.24
CA GLY I 596 73.39 -1.52 17.13
C GLY I 596 73.41 -0.07 16.68
N ILE I 597 73.09 0.18 15.42
CA ILE I 597 73.05 1.53 14.86
C ILE I 597 71.67 1.76 14.26
N ALA I 598 71.08 2.92 14.57
CA ALA I 598 69.75 3.25 14.08
C ALA I 598 69.77 3.43 12.56
N THR I 599 68.63 3.14 11.94
CA THR I 599 68.49 3.15 10.50
C THR I 599 67.66 4.34 10.06
N LEU I 600 68.19 5.13 9.13
CA LEU I 600 67.45 6.24 8.55
C LEU I 600 66.30 5.72 7.71
N GLN I 601 65.17 6.44 7.75
CA GLN I 601 63.98 6.05 7.03
C GLN I 601 63.47 7.20 6.17
N THR I 602 63.04 6.87 4.94
CA THR I 602 62.42 7.82 4.03
C THR I 602 61.26 7.08 3.36
N PHE I 603 60.08 7.13 3.99
CA PHE I 603 58.92 6.38 3.52
C PHE I 603 57.67 7.25 3.56
N ILE I 604 57.74 8.43 2.93
CA ILE I 604 56.55 9.26 2.78
C ILE I 604 55.44 8.40 2.20
N SER I 605 54.38 8.19 2.97
CA SER I 605 53.39 7.16 2.67
C SER I 605 51.98 7.70 2.85
N LEU I 606 51.05 7.14 2.10
CA LEU I 606 49.64 7.44 2.28
C LEU I 606 49.14 6.87 3.60
N ASN I 607 48.10 7.49 4.12
CA ASN I 607 47.41 6.98 5.31
C ASN I 607 45.92 6.86 5.03
N THR I 608 45.58 6.39 3.83
CA THR I 608 44.19 6.16 3.48
C THR I 608 43.62 5.00 4.29
N SER I 609 42.34 5.10 4.62
CA SER I 609 41.64 4.08 5.38
C SER I 609 40.50 3.52 4.56
N LEU I 610 40.35 2.19 4.60
CA LEU I 610 39.27 1.54 3.88
C LEU I 610 37.93 1.99 4.45
N ILE I 611 36.93 2.05 3.58
CA ILE I 611 35.63 2.56 3.98
C ILE I 611 34.90 1.52 4.82
N GLU I 612 34.13 2.00 5.79
CA GLU I 612 33.59 1.15 6.85
C GLU I 612 32.50 0.23 6.33
N ASN I 613 31.95 -0.57 7.24
CA ASN I 613 30.87 -1.50 6.97
C ASN I 613 29.64 -1.06 7.76
N ILE I 614 28.50 -0.97 7.08
CA ILE I 614 27.29 -0.41 7.66
C ILE I 614 26.14 -1.41 7.46
N ASP I 615 25.39 -1.66 8.53
CA ASP I 615 24.20 -2.49 8.48
C ASP I 615 22.98 -1.57 8.49
N PHE I 616 22.30 -1.48 7.35
CA PHE I 616 21.16 -0.57 7.24
C PHE I 616 20.00 -1.05 8.09
N ALA I 617 19.35 -0.11 8.78
CA ALA I 617 18.19 -0.41 9.60
C ALA I 617 16.93 -0.45 8.74
N SER I 618 15.93 -1.18 9.23
CA SER I 618 14.66 -1.34 8.54
C SER I 618 13.61 -0.49 9.21
N LEU I 619 12.98 0.39 8.44
CA LEU I 619 11.94 1.28 8.95
C LEU I 619 10.78 1.33 7.96
N GLU I 620 9.61 1.68 8.48
CA GLU I 620 8.44 1.89 7.64
C GLU I 620 7.59 2.97 8.26
N LEU I 621 6.84 3.68 7.40
CA LEU I 621 6.03 4.79 7.87
C LEU I 621 4.70 4.33 8.45
N TYR I 622 3.88 3.68 7.63
CA TYR I 622 2.57 3.19 8.05
C TYR I 622 2.58 1.67 7.98
N SER I 623 2.25 1.02 9.10
CA SER I 623 2.20 -0.43 9.15
C SER I 623 0.92 -0.94 8.51
N ARG I 624 0.79 -2.26 8.40
CA ARG I 624 -0.41 -2.85 7.82
C ARG I 624 -1.63 -2.56 8.69
N ASP I 625 -1.47 -2.61 10.01
CA ASP I 625 -2.60 -2.36 10.90
C ASP I 625 -3.07 -0.91 10.79
N GLU I 626 -2.14 0.03 10.64
CA GLU I 626 -2.51 1.44 10.54
C GLU I 626 -3.37 1.69 9.31
N GLN I 627 -3.00 1.08 8.17
CA GLN I 627 -3.81 1.25 6.96
C GLN I 627 -5.15 0.53 7.08
N ARG I 628 -5.19 -0.58 7.82
CA ARG I 628 -6.45 -1.30 7.99
C ARG I 628 -7.39 -0.55 8.92
N ALA I 629 -6.85 0.13 9.92
CA ALA I 629 -7.65 0.85 10.91
C ALA I 629 -8.03 2.25 10.44
N SER I 630 -7.60 2.67 9.26
CA SER I 630 -7.91 3.99 8.74
C SER I 630 -9.23 4.02 7.97
N ASN I 631 -10.10 3.05 8.19
CA ASN I 631 -11.38 2.96 7.50
C ASN I 631 -12.50 3.19 8.49
N VAL I 632 -13.41 4.12 8.17
CA VAL I 632 -14.50 4.44 9.08
C VAL I 632 -15.50 3.30 9.15
N PHE I 633 -15.79 2.65 8.02
CA PHE I 633 -16.79 1.60 7.97
C PHE I 633 -16.15 0.27 8.33
N ASP I 634 -16.59 -0.31 9.45
CA ASP I 634 -16.10 -1.60 9.92
C ASP I 634 -17.02 -2.68 9.37
N LEU I 635 -16.58 -3.35 8.30
CA LEU I 635 -17.41 -4.37 7.67
C LEU I 635 -17.62 -5.56 8.61
N GLU I 636 -16.59 -5.94 9.35
CA GLU I 636 -16.71 -7.09 10.25
C GLU I 636 -17.75 -6.83 11.33
N GLY I 637 -17.74 -5.63 11.90
CA GLY I 637 -18.72 -5.31 12.94
C GLY I 637 -20.14 -5.26 12.43
N ILE I 638 -20.33 -4.72 11.21
CA ILE I 638 -21.67 -4.55 10.68
C ILE I 638 -22.32 -5.91 10.40
N PHE I 639 -21.59 -6.79 9.72
CA PHE I 639 -22.20 -8.04 9.25
C PHE I 639 -22.35 -9.04 10.39
N ARG I 640 -21.37 -9.10 11.31
CA ARG I 640 -21.46 -10.05 12.41
C ARG I 640 -22.66 -9.76 13.30
N GLU I 641 -22.88 -8.49 13.62
CA GLU I 641 -24.02 -8.14 14.47
C GLU I 641 -25.34 -8.35 13.74
N TYR I 642 -25.39 -8.02 12.45
CA TYR I 642 -26.62 -8.19 11.69
C TYR I 642 -27.04 -9.66 11.62
N ASN I 643 -26.07 -10.56 11.39
CA ASN I 643 -26.40 -11.98 11.34
C ASN I 643 -26.80 -12.51 12.71
N PHE I 644 -26.19 -11.99 13.77
CA PHE I 644 -26.53 -12.44 15.12
C PHE I 644 -27.97 -12.07 15.47
N GLN I 645 -28.39 -10.86 15.10
CA GLN I 645 -29.75 -10.44 15.41
C GLN I 645 -30.77 -11.28 14.64
N ALA I 646 -30.52 -11.55 13.36
CA ALA I 646 -31.46 -12.33 12.56
C ALA I 646 -31.57 -13.76 13.09
N GLN I 647 -30.44 -14.35 13.49
CA GLN I 647 -30.48 -15.72 14.01
C GLN I 647 -31.29 -15.80 15.30
N ASN I 648 -31.14 -14.80 16.18
CA ASN I 648 -31.91 -14.79 17.42
C ASN I 648 -33.40 -14.63 17.14
N ILE I 649 -33.76 -13.79 16.18
CA ILE I 649 -35.17 -13.58 15.85
C ILE I 649 -35.77 -14.87 15.29
N ALA I 650 -35.02 -15.57 14.43
CA ALA I 650 -35.51 -16.82 13.85
C ALA I 650 -35.71 -17.91 14.88
N GLY I 651 -35.14 -17.77 16.08
CA GLY I 651 -35.35 -18.74 17.14
C GLY I 651 -36.69 -18.58 17.83
N LEU I 652 -37.02 -17.34 18.21
CA LEU I 652 -38.30 -17.08 18.84
C LEU I 652 -39.46 -17.27 17.87
N ARG I 653 -39.26 -16.90 16.61
CA ARG I 653 -40.30 -17.08 15.60
C ARG I 653 -40.65 -18.56 15.42
N LYS I 654 -39.64 -19.42 15.52
CA LYS I 654 -39.82 -20.86 15.39
C LYS I 654 -39.84 -21.49 16.78
N ASP I 655 -39.81 -22.82 16.82
CA ASP I 655 -39.82 -23.55 18.09
C ASP I 655 -38.46 -23.41 18.76
N LEU I 656 -38.39 -22.60 19.80
CA LEU I 656 -37.16 -22.41 20.58
C LEU I 656 -37.29 -23.27 21.84
N ASP I 657 -36.81 -24.50 21.75
CA ASP I 657 -36.86 -25.43 22.87
C ASP I 657 -35.48 -25.62 23.50
#